data_9ERI
#
_entry.id   9ERI
#
_cell.length_a   1.00
_cell.length_b   1.00
_cell.length_c   1.00
_cell.angle_alpha   90.00
_cell.angle_beta   90.00
_cell.angle_gamma   90.00
#
_symmetry.space_group_name_H-M   'P 1'
#
loop_
_entity.id
_entity.type
_entity.pdbx_description
1 polymer 'Na(+)-translocating ferredoxin:NAD(+) oxidoreductase complex subunit A'
2 polymer 'Na(+)-translocating ferredoxin:NAD(+) oxidoreductase complex subunit B'
3 polymer 'Na(+)-translocating ferredoxin:NAD(+) oxidoreductase complex subunit C'
4 polymer 'Na(+)-translocating ferredoxin:NAD(+) oxidoreductase complex subunit D'
5 polymer 'Na(+)-translocating ferredoxin:NAD(+) oxidoreductase complex subunit E'
6 polymer 'Na(+)-translocating ferredoxin:NAD(+) oxidoreductase complex subunit G'
7 non-polymer 'FE2/S2 (INORGANIC) CLUSTER'
8 non-polymer 'IRON/SULFUR CLUSTER'
9 non-polymer 'FLAVIN MONONUCLEOTIDE'
10 non-polymer NICOTINAMIDE-ADENINE-DINUCLEOTIDE
11 non-polymer RIBOFLAVIN
#
loop_
_entity_poly.entity_id
_entity_poly.type
_entity_poly.pdbx_seq_one_letter_code
_entity_poly.pdbx_strand_id
1 'polypeptide(L)'
;MTLIFIMISAIFVNNFVLSRFLGICPFLGVSKQVETAVGMGVAVTFVMALASAITYVVQYAILDPLSLGYLQTIAFILII
AALVQLVEMIIKKSSPSLYQALGVYLPLITTNCAVLGVALINIQNEYNFIETIFNGVGAALGFTLAIVLFAGIRERLETS
AVPKALEGFPIALLTAGLMAIAFLGFSGMKL
;
A
2 'polypeptide(L)'
;MLNAILVPVGILGVFGLIFGIGLAIAAKVFEVYEDPRVPLVRAALPGANCGGCGLPGCDALAANIVGGSAAIDACPVGGA
SCAAAVAEIMGMEAGSAVKKVATVICQGTCETAPNRAEYYGEMDCREAMIASGGSKGCRYGCLGYGTCKAVCPFDAIVIG
EDGLPKVDPEKCTSCGKCVEACPKSIMTLVPEAQEVIVKCHNFDKGKIARLSCTTACIACGACVKACRFDAITVENNCAK
IDYDKCRQCYECVDKCPMNCISGDVEYGKSTAYIIEENCIACGLCAKNCPVNAITGEIKKPPYVIDHDMCIGCGICFDKC
RKSAIEMRPNKTK
;
B
3 'polypeptide(L)'
;MNVKHGTFKGGIHPPYRKESTAEVPLGFGKKPEMVIIPMSLHIGAPCTPIVKKGDTVFLGQRVGEPNGFVSVPVHASVSG
KVIAVEERPHASGDRVMSVVIESDGLDTIDPSIKPYGTLEDMDADAIKKMVLNAGIVGLGGATFPTHVKLAIPPDKKVDC
VVLNGAECEPYLTADHHLMTSQAEKVVMGLKLAMKSVGVEKGFIGVEDNKTDAIEALVKAIGNDSRLEVYSLHTKYPQGA
EKQLIAAITGREVPSGALPADAGVVVMNVGTAAQIAESMITGLPLYKRYLTCTGDAIKNPQTIEIRIGVPFQSVIDQCGG
FSSEPGKVISGGPMMGVTQFVTDIPVMKGTSGILCLTKESAKIATPSNCIHCGKCVGVCPIHLQPLNIAEYSQRNMWDKC
ESNNAMDCIECGSCSYICPAKRTLVSSIRVAKREIIAQRRKGN
;
C
4 'polypeptide(L)'
;MNELNLTVSSSPHIRAKHSTASIMQNVIIALLPALAVAGYVFGLWALALVAICVISSVATEAVIQKLLKKPITVNDWSAV
VTGVLLAFNLPINAPWWIGVVGSVFAIAIVKQCFGGLGQNFINPALAARAFLLASWPGHMTSTAYIPLTDTVTTATPLAL
LKAGETGSMPSTLDLFTGLNGVYGCIGEISALALLIGGLYLIYKGIISWRIPTIYLLTIAIFALLVGQDPIVHMVSGGVM
LGAFFMATDYASSPVTAKGQIIYAIGCGLITMIIRLYGGYPEGCSYSILLMNVATPLIERFTKERIYGVTKIKKEAKA
;
D
5 'polypeptide(L)'
;MNFMKNLTRGIIRENPTFVLVLGMCPTLAVTTSAINGMGMGLATMLVLIGSNVAISALRKVIPDNIRIPAFVVVIASFVT
IVGMLMKAYVPALDAALGIFIPLIVVNCIILARAEAFAFSNGIADSFADAVGMGLGFTLALTILGSIREILGAGSIFGFS
LFGAAYEPVLLMILPPGAFLTLGLLIGLINWKTKKA
;
E
6 'polypeptide(L)'
;METKEKVQIDWKVVFKLGLILFVISAVAACALALTNYVTAGTIEEMNVQTNTVARQEVLPKAADFEAVPAKDVEKIASEI
GMEKPEELLEVYIGKSNGEVVGYTVKTGPTSGYAGEVQVLTGISADGVITGITIIKSNETPGLGAKASGVWNDQFTGKSA
KEELVVVKGTTKEGSNEIQAITGSTITSKAVTSGVNMSIQVYQNLSK
;
G
#
loop_
_chem_comp.id
_chem_comp.type
_chem_comp.name
_chem_comp.formula
FES non-polymer 'FE2/S2 (INORGANIC) CLUSTER' 'Fe2 S2'
FMN non-polymer 'FLAVIN MONONUCLEOTIDE' 'C17 H21 N4 O9 P'
NAD non-polymer NICOTINAMIDE-ADENINE-DINUCLEOTIDE 'C21 H27 N7 O14 P2'
RBF non-polymer RIBOFLAVIN 'C17 H20 N4 O6'
SF4 non-polymer 'IRON/SULFUR CLUSTER' 'Fe4 S4'
#
# COMPACT_ATOMS: atom_id res chain seq x y z
N MET A 1 3.40 0.34 41.60
CA MET A 1 2.53 -0.66 40.99
C MET A 1 1.25 -0.02 40.48
N THR A 2 0.67 0.88 41.28
CA THR A 2 -0.57 1.55 40.90
C THR A 2 -0.37 2.44 39.67
N LEU A 3 0.73 3.18 39.62
CA LEU A 3 1.02 4.02 38.47
C LEU A 3 1.28 3.19 37.23
N ILE A 4 1.98 2.07 37.38
CA ILE A 4 2.21 1.16 36.27
C ILE A 4 0.89 0.59 35.77
N PHE A 5 -0.02 0.26 36.70
CA PHE A 5 -1.33 -0.23 36.31
C PHE A 5 -2.13 0.83 35.56
N ILE A 6 -2.02 2.09 36.00
CA ILE A 6 -2.71 3.19 35.31
C ILE A 6 -2.17 3.35 33.89
N MET A 7 -0.85 3.31 33.74
CA MET A 7 -0.25 3.44 32.42
C MET A 7 -0.63 2.28 31.51
N ILE A 8 -0.63 1.06 32.05
CA ILE A 8 -0.98 -0.11 31.25
C ILE A 8 -2.45 -0.05 30.82
N SER A 9 -3.34 0.36 31.74
CA SER A 9 -4.74 0.48 31.40
C SER A 9 -4.98 1.58 30.37
N ALA A 10 -4.20 2.66 30.44
CA ALA A 10 -4.38 3.75 29.49
C ALA A 10 -3.86 3.37 28.11
N ILE A 11 -2.76 2.61 28.05
CA ILE A 11 -2.14 2.32 26.76
C ILE A 11 -2.80 1.13 26.08
N PHE A 12 -2.92 0.00 26.78
CA PHE A 12 -3.28 -1.27 26.16
C PHE A 12 -4.73 -1.66 26.42
N VAL A 13 -5.13 -1.74 27.68
CA VAL A 13 -6.46 -2.27 28.03
C VAL A 13 -7.56 -1.33 27.57
N ASN A 14 -7.41 -0.03 27.82
CA ASN A 14 -8.44 0.94 27.50
C ASN A 14 -7.90 1.99 26.53
N ASN A 15 -7.27 1.53 25.45
CA ASN A 15 -6.74 2.43 24.42
C ASN A 15 -7.85 3.35 23.90
N PHE A 16 -7.53 4.65 23.81
CA PHE A 16 -8.57 5.64 23.55
C PHE A 16 -9.14 5.51 22.14
N VAL A 17 -8.28 5.29 21.15
CA VAL A 17 -8.77 5.20 19.77
C VAL A 17 -9.55 3.90 19.55
N LEU A 18 -9.02 2.79 20.05
CA LEU A 18 -9.52 1.47 19.70
C LEU A 18 -10.50 0.89 20.72
N SER A 19 -10.70 1.55 21.86
CA SER A 19 -11.63 1.02 22.85
C SER A 19 -12.56 2.05 23.47
N ARG A 20 -12.38 3.35 23.19
CA ARG A 20 -13.21 4.38 23.80
C ARG A 20 -13.80 5.37 22.81
N PHE A 21 -13.59 5.18 21.51
CA PHE A 21 -14.19 6.00 20.46
C PHE A 21 -13.83 7.48 20.58
N LEU A 22 -12.56 7.76 20.90
CA LEU A 22 -12.09 9.12 21.06
C LEU A 22 -10.90 9.36 20.14
N GLY A 23 -10.98 10.41 19.32
CA GLY A 23 -9.89 10.78 18.46
C GLY A 23 -9.75 9.89 17.23
N ILE A 24 -10.76 9.88 16.36
CA ILE A 24 -10.75 9.05 15.18
C ILE A 24 -10.55 9.84 13.89
N CYS A 25 -11.06 11.08 13.82
CA CYS A 25 -10.89 11.88 12.61
C CYS A 25 -9.42 12.14 12.25
N PRO A 26 -8.55 12.57 13.17
CA PRO A 26 -7.12 12.60 12.81
C PRO A 26 -6.49 11.22 12.77
N PHE A 27 -7.08 10.23 13.44
CA PHE A 27 -6.59 8.86 13.33
C PHE A 27 -6.78 8.32 11.92
N LEU A 28 -7.78 8.83 11.19
CA LEU A 28 -8.02 8.42 9.82
C LEU A 28 -7.49 9.42 8.80
N GLY A 29 -7.22 10.65 9.21
CA GLY A 29 -6.85 11.68 8.25
C GLY A 29 -5.36 11.84 8.01
N VAL A 30 -4.54 11.74 9.06
CA VAL A 30 -3.11 11.98 8.94
C VAL A 30 -2.28 10.70 9.06
N SER A 31 -2.92 9.53 9.09
CA SER A 31 -2.21 8.26 9.23
C SER A 31 -1.81 7.66 7.89
N LYS A 32 -1.64 8.48 6.86
CA LYS A 32 -1.22 7.96 5.56
C LYS A 32 0.26 7.61 5.54
N GLN A 33 1.06 8.27 6.37
CA GLN A 33 2.50 8.02 6.43
C GLN A 33 2.93 7.90 7.89
N VAL A 34 4.04 7.19 8.10
CA VAL A 34 4.52 6.95 9.46
C VAL A 34 5.07 8.22 10.08
N GLU A 35 5.80 9.02 9.29
CA GLU A 35 6.46 10.21 9.84
C GLU A 35 5.44 11.26 10.30
N THR A 36 4.42 11.52 9.49
CA THR A 36 3.36 12.44 9.91
C THR A 36 2.59 11.89 11.10
N ALA A 37 2.40 10.57 11.16
CA ALA A 37 1.74 9.96 12.31
C ALA A 37 2.55 10.17 13.59
N VAL A 38 3.88 10.03 13.49
CA VAL A 38 4.73 10.24 14.67
C VAL A 38 4.71 11.71 15.09
N GLY A 39 4.74 12.63 14.12
CA GLY A 39 4.63 14.05 14.45
C GLY A 39 3.32 14.39 15.13
N MET A 40 2.21 13.85 14.61
CA MET A 40 0.91 14.03 15.25
C MET A 40 0.89 13.44 16.65
N GLY A 41 1.50 12.26 16.83
CA GLY A 41 1.54 11.67 18.15
C GLY A 41 2.30 12.51 19.16
N VAL A 42 3.44 13.08 18.73
CA VAL A 42 4.22 13.91 19.63
C VAL A 42 3.46 15.19 20.00
N ALA A 43 2.85 15.84 19.00
CA ALA A 43 2.10 17.07 19.26
C ALA A 43 0.92 16.79 20.19
N VAL A 44 0.18 15.71 19.93
CA VAL A 44 -0.96 15.35 20.77
C VAL A 44 -0.50 14.98 22.17
N THR A 45 0.67 14.35 22.29
CA THR A 45 1.20 14.00 23.59
C THR A 45 1.49 15.24 24.42
N PHE A 46 2.17 16.22 23.83
CA PHE A 46 2.48 17.45 24.55
C PHE A 46 1.20 18.19 24.94
N VAL A 47 0.25 18.28 24.01
CA VAL A 47 -1.00 18.98 24.27
C VAL A 47 -1.77 18.29 25.39
N MET A 48 -1.83 16.95 25.35
CA MET A 48 -2.58 16.20 26.34
C MET A 48 -1.96 16.31 27.72
N ALA A 49 -0.62 16.24 27.81
CA ALA A 49 0.03 16.36 29.11
C ALA A 49 -0.21 17.74 29.72
N LEU A 50 0.01 18.80 28.93
CA LEU A 50 -0.20 20.15 29.45
C LEU A 50 -1.67 20.39 29.82
N ALA A 51 -2.58 19.89 29.00
CA ALA A 51 -4.01 20.05 29.28
C ALA A 51 -4.40 19.32 30.56
N SER A 52 -3.92 18.09 30.74
CA SER A 52 -4.24 17.34 31.96
C SER A 52 -3.76 18.08 33.19
N ALA A 53 -2.51 18.58 33.14
CA ALA A 53 -1.96 19.32 34.28
C ALA A 53 -2.78 20.57 34.59
N ILE A 54 -3.07 21.40 33.57
CA ILE A 54 -3.71 22.68 33.84
C ILE A 54 -5.17 22.51 34.25
N THR A 55 -5.92 21.62 33.58
CA THR A 55 -7.29 21.41 34.01
C THR A 55 -7.38 20.72 35.36
N TYR A 56 -6.40 19.89 35.75
CA TYR A 56 -6.43 19.37 37.11
C TYR A 56 -6.17 20.48 38.11
N VAL A 57 -5.21 21.37 37.83
CA VAL A 57 -4.90 22.39 38.82
C VAL A 57 -5.99 23.46 38.86
N VAL A 58 -6.84 23.52 37.83
CA VAL A 58 -7.93 24.50 37.87
C VAL A 58 -9.22 23.88 38.40
N GLN A 59 -9.39 22.56 38.29
CA GLN A 59 -10.65 21.94 38.69
C GLN A 59 -10.80 21.87 40.20
N TYR A 60 -9.75 21.50 40.92
CA TYR A 60 -9.83 21.25 42.36
C TYR A 60 -9.40 22.44 43.19
N ALA A 61 -9.14 23.58 42.57
CA ALA A 61 -8.73 24.78 43.30
C ALA A 61 -9.59 25.99 43.02
N ILE A 62 -10.08 26.16 41.79
CA ILE A 62 -10.87 27.32 41.39
C ILE A 62 -12.35 27.00 41.30
N LEU A 63 -12.71 26.01 40.47
CA LEU A 63 -14.12 25.75 40.17
C LEU A 63 -14.82 25.10 41.36
N ASP A 64 -14.19 24.08 41.96
CA ASP A 64 -14.85 23.32 43.02
C ASP A 64 -15.16 24.15 44.27
N PRO A 65 -14.25 24.96 44.83
CA PRO A 65 -14.64 25.79 45.98
C PRO A 65 -15.74 26.79 45.68
N LEU A 66 -15.81 27.29 44.44
CA LEU A 66 -16.79 28.29 44.07
C LEU A 66 -18.09 27.70 43.54
N SER A 67 -18.18 26.36 43.45
CA SER A 67 -19.37 25.65 42.97
C SER A 67 -19.77 26.12 41.57
N LEU A 68 -18.86 25.90 40.62
CA LEU A 68 -19.04 26.32 39.23
C LEU A 68 -18.81 25.14 38.29
N GLY A 69 -19.43 24.00 38.60
CA GLY A 69 -19.26 22.81 37.78
C GLY A 69 -19.96 22.86 36.43
N TYR A 70 -20.79 23.87 36.20
CA TYR A 70 -21.50 24.01 34.93
C TYR A 70 -20.69 24.72 33.86
N LEU A 71 -19.72 25.55 34.25
CA LEU A 71 -18.83 26.21 33.30
C LEU A 71 -17.69 25.33 32.85
N GLN A 72 -17.59 24.11 33.43
CA GLN A 72 -16.36 23.33 33.40
C GLN A 72 -15.84 23.13 31.99
N THR A 73 -16.68 22.63 31.08
CA THR A 73 -16.26 22.38 29.72
C THR A 73 -15.69 23.64 29.07
N ILE A 74 -16.40 24.77 29.21
CA ILE A 74 -15.93 26.02 28.65
C ILE A 74 -14.54 26.34 29.16
N ALA A 75 -14.34 26.24 30.48
CA ALA A 75 -13.03 26.54 31.05
C ALA A 75 -11.97 25.64 30.45
N PHE A 76 -12.28 24.34 30.33
CA PHE A 76 -11.30 23.41 29.79
C PHE A 76 -10.94 23.77 28.36
N ILE A 77 -11.92 24.24 27.59
CA ILE A 77 -11.64 24.65 26.22
C ILE A 77 -10.65 25.81 26.22
N LEU A 78 -10.87 26.79 27.10
CA LEU A 78 -9.96 27.94 27.15
C LEU A 78 -8.58 27.52 27.63
N ILE A 79 -8.47 26.34 28.24
CA ILE A 79 -7.16 25.82 28.60
C ILE A 79 -6.56 25.05 27.43
N ILE A 80 -7.39 24.31 26.71
CA ILE A 80 -6.86 23.43 25.67
C ILE A 80 -6.58 24.21 24.39
N ALA A 81 -7.62 24.84 23.83
CA ALA A 81 -7.55 25.39 22.48
C ALA A 81 -6.41 26.40 22.35
N ALA A 82 -6.32 27.34 23.29
CA ALA A 82 -5.25 28.32 23.28
C ALA A 82 -3.88 27.65 23.20
N LEU A 83 -3.66 26.64 24.05
CA LEU A 83 -2.38 25.93 24.01
C LEU A 83 -2.15 25.29 22.65
N VAL A 84 -3.19 24.69 22.06
CA VAL A 84 -3.06 24.09 20.74
C VAL A 84 -2.67 25.16 19.73
N GLN A 85 -3.25 26.36 19.87
CA GLN A 85 -2.87 27.46 18.99
C GLN A 85 -1.39 27.74 19.11
N LEU A 86 -0.87 27.78 20.34
CA LEU A 86 0.55 27.96 20.55
C LEU A 86 1.34 26.82 19.91
N VAL A 87 0.81 25.59 20.00
CA VAL A 87 1.45 24.47 19.34
C VAL A 87 1.47 24.69 17.82
N GLU A 88 0.36 25.17 17.26
CA GLU A 88 0.32 25.49 15.84
C GLU A 88 1.34 26.58 15.52
N MET A 89 1.62 27.45 16.48
CA MET A 89 2.63 28.48 16.30
C MET A 89 4.04 27.91 16.44
N ILE A 90 4.21 26.88 17.30
CA ILE A 90 5.54 26.31 17.52
C ILE A 90 6.04 25.60 16.27
N ILE A 91 5.15 24.95 15.53
CA ILE A 91 5.50 24.06 14.44
C ILE A 91 6.07 24.82 13.24
N LYS A 92 6.09 26.15 13.32
CA LYS A 92 6.52 26.96 12.19
C LYS A 92 7.78 27.77 12.43
N LYS A 93 7.93 28.43 13.59
CA LYS A 93 9.03 29.38 13.68
C LYS A 93 9.99 29.14 14.82
N SER A 94 9.51 28.70 16.00
CA SER A 94 10.34 28.62 17.20
C SER A 94 11.58 27.76 16.95
N SER A 95 11.38 26.48 16.70
CA SER A 95 12.42 25.70 16.06
C SER A 95 12.45 26.11 14.58
N PRO A 96 13.62 26.46 14.04
CA PRO A 96 13.67 27.02 12.67
C PRO A 96 13.27 26.04 11.58
N SER A 97 12.82 24.84 11.95
CA SER A 97 12.59 23.77 10.98
C SER A 97 11.31 23.04 11.36
N LEU A 98 11.17 21.84 10.80
CA LEU A 98 10.10 20.84 10.96
C LEU A 98 8.82 21.19 10.22
N TYR A 99 8.67 22.45 9.80
CA TYR A 99 7.96 22.89 8.60
C TYR A 99 6.80 22.02 8.13
N GLN A 100 5.78 21.80 8.96
CA GLN A 100 4.63 21.03 8.51
C GLN A 100 3.33 21.67 9.02
N ALA A 101 2.56 22.23 8.09
CA ALA A 101 1.17 22.56 8.35
C ALA A 101 0.33 21.35 7.95
N LEU A 102 -0.31 20.73 8.94
CA LEU A 102 -0.94 19.43 8.70
C LEU A 102 -2.13 19.54 7.76
N GLY A 103 -2.91 20.62 7.89
CA GLY A 103 -4.03 20.83 6.99
C GLY A 103 -5.33 20.33 7.57
N VAL A 104 -6.19 21.27 7.99
CA VAL A 104 -7.54 21.07 8.52
C VAL A 104 -7.59 20.02 9.63
N TYR A 105 -6.44 19.70 10.22
CA TYR A 105 -6.37 18.75 11.31
C TYR A 105 -5.55 19.24 12.49
N LEU A 106 -4.73 20.28 12.33
CA LEU A 106 -4.02 20.91 13.43
C LEU A 106 -4.95 21.78 14.27
N PRO A 107 -5.86 22.58 13.68
CA PRO A 107 -6.88 23.23 14.52
C PRO A 107 -7.84 22.25 15.18
N LEU A 108 -7.94 21.02 14.68
CA LEU A 108 -8.85 20.04 15.26
C LEU A 108 -8.26 19.31 16.47
N ILE A 109 -7.04 19.64 16.88
CA ILE A 109 -6.52 19.10 18.13
C ILE A 109 -7.32 19.66 19.30
N THR A 110 -7.75 20.92 19.21
CA THR A 110 -8.73 21.44 20.17
C THR A 110 -10.03 20.65 20.08
N THR A 111 -10.43 20.30 18.86
CA THR A 111 -11.65 19.56 18.59
C THR A 111 -11.45 18.06 18.74
N ASN A 112 -10.24 17.61 19.03
CA ASN A 112 -10.00 16.19 19.24
C ASN A 112 -10.74 15.71 20.49
N CYS A 113 -11.45 14.58 20.35
CA CYS A 113 -12.17 14.05 21.49
C CYS A 113 -11.23 13.41 22.50
N ALA A 114 -10.06 12.94 22.06
CA ALA A 114 -9.13 12.29 22.97
C ALA A 114 -8.41 13.27 23.88
N VAL A 115 -8.50 14.57 23.59
CA VAL A 115 -7.84 15.58 24.41
C VAL A 115 -8.73 16.08 25.53
N LEU A 116 -9.98 16.44 25.21
CA LEU A 116 -10.93 16.85 26.23
C LEU A 116 -11.49 15.64 26.99
N GLY A 117 -11.61 14.50 26.32
CA GLY A 117 -12.17 13.33 26.97
C GLY A 117 -11.30 12.79 28.08
N VAL A 118 -9.98 12.79 27.89
CA VAL A 118 -9.08 12.33 28.95
C VAL A 118 -9.15 13.29 30.14
N ALA A 119 -9.28 14.59 29.87
CA ALA A 119 -9.42 15.55 30.97
C ALA A 119 -10.71 15.33 31.74
N LEU A 120 -11.82 15.08 31.04
CA LEU A 120 -13.08 14.83 31.73
C LEU A 120 -13.05 13.52 32.52
N ILE A 121 -12.47 12.48 31.92
CA ILE A 121 -12.37 11.18 32.60
C ILE A 121 -11.48 11.29 33.83
N ASN A 122 -10.44 12.12 33.76
CA ASN A 122 -9.46 12.20 34.82
C ASN A 122 -10.01 12.84 36.09
N ILE A 123 -11.15 13.52 35.99
CA ILE A 123 -11.84 14.03 37.18
C ILE A 123 -13.03 13.13 37.48
N GLN A 124 -13.60 12.51 36.45
CA GLN A 124 -14.66 11.53 36.67
C GLN A 124 -14.16 10.33 37.46
N ASN A 125 -12.89 9.98 37.30
CA ASN A 125 -12.30 8.85 38.02
C ASN A 125 -11.69 9.23 39.36
N GLU A 126 -11.59 10.53 39.67
CA GLU A 126 -11.08 11.04 40.94
C GLU A 126 -9.64 10.55 41.18
N TYR A 127 -8.74 11.02 40.32
CA TYR A 127 -7.33 10.69 40.40
C TYR A 127 -6.54 11.82 41.04
N ASN A 128 -5.36 11.47 41.55
CA ASN A 128 -4.46 12.44 42.15
C ASN A 128 -3.64 13.14 41.07
N PHE A 129 -2.81 14.10 41.48
CA PHE A 129 -2.08 14.93 40.54
C PHE A 129 -1.05 14.12 39.75
N ILE A 130 -0.23 13.34 40.45
CA ILE A 130 0.72 12.46 39.77
C ILE A 130 -0.02 11.41 38.96
N GLU A 131 -1.12 10.89 39.51
CA GLU A 131 -1.97 9.98 38.76
C GLU A 131 -2.58 10.67 37.54
N THR A 132 -2.94 11.95 37.68
CA THR A 132 -3.47 12.71 36.54
C THR A 132 -2.46 12.80 35.41
N ILE A 133 -1.22 13.19 35.74
CA ILE A 133 -0.19 13.31 34.71
C ILE A 133 0.12 11.95 34.09
N PHE A 134 0.19 10.91 34.92
CA PHE A 134 0.49 9.58 34.41
C PHE A 134 -0.59 9.06 33.48
N ASN A 135 -1.86 9.28 33.84
CA ASN A 135 -2.95 8.82 32.97
C ASN A 135 -3.01 9.61 31.68
N GLY A 136 -2.72 10.92 31.74
CA GLY A 136 -2.67 11.70 30.52
C GLY A 136 -1.57 11.24 29.59
N VAL A 137 -0.37 11.00 30.13
CA VAL A 137 0.75 10.52 29.33
C VAL A 137 0.44 9.14 28.76
N GLY A 138 -0.21 8.28 29.56
CA GLY A 138 -0.57 6.97 29.06
C GLY A 138 -1.57 7.01 27.92
N ALA A 139 -2.59 7.88 28.03
CA ALA A 139 -3.54 8.04 26.94
C ALA A 139 -2.87 8.58 25.69
N ALA A 140 -1.95 9.53 25.87
CA ALA A 140 -1.21 10.07 24.74
C ALA A 140 -0.36 9.00 24.06
N LEU A 141 0.31 8.16 24.85
CA LEU A 141 1.12 7.09 24.27
C LEU A 141 0.26 6.05 23.57
N GLY A 142 -0.93 5.78 24.11
CA GLY A 142 -1.85 4.89 23.43
C GLY A 142 -2.31 5.43 22.09
N PHE A 143 -2.62 6.73 22.05
CA PHE A 143 -2.98 7.37 20.78
C PHE A 143 -1.83 7.29 19.77
N THR A 144 -0.60 7.56 20.23
CA THR A 144 0.56 7.50 19.35
C THR A 144 0.79 6.09 18.82
N LEU A 145 0.68 5.08 19.70
CA LEU A 145 0.88 3.70 19.28
C LEU A 145 -0.18 3.28 18.26
N ALA A 146 -1.44 3.62 18.52
CA ALA A 146 -2.51 3.26 17.58
C ALA A 146 -2.31 3.92 16.22
N ILE A 147 -1.96 5.20 16.21
CA ILE A 147 -1.80 5.89 14.93
C ILE A 147 -0.56 5.39 14.19
N VAL A 148 0.50 5.00 14.92
CA VAL A 148 1.69 4.48 14.25
C VAL A 148 1.41 3.12 13.63
N LEU A 149 0.72 2.24 14.37
CA LEU A 149 0.37 0.94 13.80
C LEU A 149 -0.55 1.09 12.60
N PHE A 150 -1.53 2.00 12.69
CA PHE A 150 -2.43 2.21 11.56
C PHE A 150 -1.69 2.77 10.34
N ALA A 151 -0.74 3.68 10.56
CA ALA A 151 0.05 4.21 9.45
C ALA A 151 0.88 3.11 8.80
N GLY A 152 1.47 2.23 9.61
CA GLY A 152 2.22 1.10 9.05
C GLY A 152 1.35 0.17 8.22
N ILE A 153 0.15 -0.14 8.73
CA ILE A 153 -0.75 -1.02 7.99
C ILE A 153 -1.19 -0.38 6.68
N ARG A 154 -1.47 0.93 6.70
CA ARG A 154 -1.86 1.61 5.47
C ARG A 154 -0.71 1.66 4.46
N GLU A 155 0.52 1.88 4.94
CA GLU A 155 1.66 1.85 4.02
C GLU A 155 1.89 0.45 3.46
N ARG A 156 1.54 -0.60 4.21
CA ARG A 156 1.58 -1.94 3.63
C ARG A 156 0.50 -2.11 2.57
N LEU A 157 -0.73 -1.66 2.87
CA LEU A 157 -1.85 -1.78 1.95
C LEU A 157 -1.69 -0.91 0.71
N GLU A 158 -0.72 0.02 0.71
CA GLU A 158 -0.40 0.78 -0.49
C GLU A 158 -0.04 -0.09 -1.68
N THR A 159 0.47 -1.31 -1.45
CA THR A 159 0.85 -2.22 -2.53
C THR A 159 -0.24 -3.23 -2.88
N SER A 160 -1.20 -3.46 -2.01
CA SER A 160 -2.26 -4.41 -2.29
C SER A 160 -3.23 -3.86 -3.33
N ALA A 161 -3.77 -4.76 -4.15
CA ALA A 161 -4.67 -4.37 -5.24
C ALA A 161 -6.11 -4.33 -4.74
N VAL A 162 -6.37 -3.33 -3.89
CA VAL A 162 -7.71 -3.07 -3.36
C VAL A 162 -8.59 -2.59 -4.50
N PRO A 163 -9.90 -2.83 -4.47
CA PRO A 163 -10.77 -2.37 -5.55
C PRO A 163 -10.87 -0.86 -5.59
N LYS A 164 -11.21 -0.35 -6.78
CA LYS A 164 -11.30 1.10 -6.97
C LYS A 164 -12.41 1.72 -6.15
N ALA A 165 -13.48 0.98 -5.88
CA ALA A 165 -14.58 1.53 -5.08
C ALA A 165 -14.20 1.67 -3.62
N LEU A 166 -13.30 0.81 -3.12
CA LEU A 166 -12.89 0.82 -1.72
C LEU A 166 -11.57 1.54 -1.49
N GLU A 167 -11.03 2.21 -2.51
CA GLU A 167 -9.76 2.90 -2.34
C GLU A 167 -9.94 4.17 -1.54
N GLY A 168 -9.12 4.37 -0.53
CA GLY A 168 -9.16 5.57 0.27
C GLY A 168 -9.69 5.37 1.68
N PHE A 169 -10.86 5.94 1.96
CA PHE A 169 -11.48 5.92 3.28
C PHE A 169 -12.20 4.62 3.65
N PRO A 170 -12.97 3.97 2.75
CA PRO A 170 -13.59 2.70 3.16
C PRO A 170 -12.60 1.63 3.59
N ILE A 171 -11.44 1.54 2.93
CA ILE A 171 -10.46 0.55 3.34
C ILE A 171 -9.83 0.95 4.68
N ALA A 172 -9.72 2.25 4.95
CA ALA A 172 -9.25 2.71 6.25
C ALA A 172 -10.23 2.33 7.35
N LEU A 173 -11.53 2.48 7.09
CA LEU A 173 -12.53 2.10 8.08
C LEU A 173 -12.55 0.60 8.32
N LEU A 174 -12.43 -0.20 7.24
CA LEU A 174 -12.36 -1.65 7.41
C LEU A 174 -11.12 -2.07 8.19
N THR A 175 -9.98 -1.43 7.92
CA THR A 175 -8.76 -1.73 8.65
C THR A 175 -8.89 -1.36 10.13
N ALA A 176 -9.52 -0.22 10.43
CA ALA A 176 -9.73 0.16 11.82
C ALA A 176 -10.67 -0.81 12.52
N GLY A 177 -11.70 -1.29 11.82
CA GLY A 177 -12.57 -2.29 12.41
C GLY A 177 -11.86 -3.59 12.72
N LEU A 178 -11.00 -4.05 11.80
CA LEU A 178 -10.24 -5.27 12.06
C LEU A 178 -9.23 -5.07 13.20
N MET A 179 -8.64 -3.88 13.29
CA MET A 179 -7.75 -3.57 14.40
C MET A 179 -8.49 -3.60 15.73
N ALA A 180 -9.70 -3.06 15.77
CA ALA A 180 -10.50 -3.11 16.99
C ALA A 180 -10.88 -4.55 17.34
N ILE A 181 -11.19 -5.37 16.34
CA ILE A 181 -11.47 -6.78 16.58
C ILE A 181 -10.25 -7.47 17.19
N ALA A 182 -9.06 -7.16 16.67
CA ALA A 182 -7.84 -7.71 17.24
C ALA A 182 -7.61 -7.24 18.67
N PHE A 183 -7.86 -5.95 18.94
CA PHE A 183 -7.63 -5.38 20.26
C PHE A 183 -8.70 -5.75 21.27
N LEU A 184 -9.79 -6.39 20.84
CA LEU A 184 -10.82 -6.83 21.77
C LEU A 184 -10.32 -7.82 22.82
N GLY A 185 -9.17 -8.45 22.59
CA GLY A 185 -8.68 -9.49 23.48
C GLY A 185 -8.21 -9.01 24.84
N PHE A 186 -8.00 -7.71 25.01
CA PHE A 186 -7.55 -7.17 26.29
C PHE A 186 -8.69 -6.84 27.23
N SER A 187 -9.94 -7.04 26.82
CA SER A 187 -11.08 -6.68 27.65
C SER A 187 -11.20 -7.61 28.85
N GLY A 188 -11.50 -7.05 30.01
CA GLY A 188 -11.70 -7.82 31.22
C GLY A 188 -10.46 -8.12 32.02
N MET A 189 -9.31 -7.54 31.66
CA MET A 189 -8.07 -7.82 32.37
C MET A 189 -8.08 -7.07 33.69
N LYS A 190 -7.92 -7.79 34.79
CA LYS A 190 -7.86 -7.20 36.14
C LYS A 190 -6.50 -7.52 36.75
N LEU A 191 -5.56 -6.60 36.54
CA LEU A 191 -4.22 -6.77 37.09
C LEU A 191 -4.12 -6.13 38.47
N MET B 1 -27.35 37.95 45.55
CA MET B 1 -27.81 37.36 44.30
C MET B 1 -26.92 37.87 43.18
N LEU B 2 -26.43 39.11 43.34
CA LEU B 2 -25.60 39.72 42.30
C LEU B 2 -24.30 38.95 42.12
N ASN B 3 -23.68 38.52 43.22
CA ASN B 3 -22.35 37.90 43.15
C ASN B 3 -22.36 36.60 42.35
N ALA B 4 -23.52 35.93 42.29
CA ALA B 4 -23.64 34.71 41.49
C ALA B 4 -23.49 34.99 40.00
N ILE B 5 -23.57 36.24 39.58
CA ILE B 5 -23.38 36.60 38.17
C ILE B 5 -22.01 37.23 37.99
N LEU B 6 -21.50 37.91 39.02
CA LEU B 6 -20.19 38.55 38.91
C LEU B 6 -19.06 37.54 38.99
N VAL B 7 -19.24 36.46 39.76
CA VAL B 7 -18.19 35.45 39.89
C VAL B 7 -17.83 34.77 38.57
N PRO B 8 -18.78 34.20 37.81
CA PRO B 8 -18.36 33.53 36.56
C PRO B 8 -17.91 34.50 35.49
N VAL B 9 -18.55 35.67 35.41
CA VAL B 9 -18.11 36.69 34.45
C VAL B 9 -16.68 37.11 34.75
N GLY B 10 -16.38 37.38 36.02
CA GLY B 10 -15.03 37.77 36.39
C GLY B 10 -14.01 36.68 36.13
N ILE B 11 -14.34 35.43 36.48
CA ILE B 11 -13.39 34.34 36.32
C ILE B 11 -13.09 34.10 34.84
N LEU B 12 -14.14 33.99 34.01
CA LEU B 12 -13.93 33.74 32.60
C LEU B 12 -13.28 34.94 31.90
N GLY B 13 -13.60 36.15 32.33
CA GLY B 13 -12.95 37.32 31.76
C GLY B 13 -11.47 37.39 32.08
N VAL B 14 -11.10 37.06 33.33
CA VAL B 14 -9.70 37.04 33.71
C VAL B 14 -8.94 35.98 32.91
N PHE B 15 -9.54 34.78 32.79
CA PHE B 15 -8.90 33.72 32.02
C PHE B 15 -8.74 34.12 30.55
N GLY B 16 -9.78 34.70 29.95
CA GLY B 16 -9.69 35.11 28.57
C GLY B 16 -8.67 36.21 28.36
N LEU B 17 -8.61 37.18 29.28
CA LEU B 17 -7.67 38.27 29.16
C LEU B 17 -6.23 37.77 29.25
N ILE B 18 -5.93 36.92 30.23
CA ILE B 18 -4.55 36.46 30.37
C ILE B 18 -4.16 35.54 29.20
N PHE B 19 -5.10 34.71 28.74
CA PHE B 19 -4.78 33.83 27.62
C PHE B 19 -4.59 34.61 26.33
N GLY B 20 -5.42 35.63 26.10
CA GLY B 20 -5.25 36.46 24.92
C GLY B 20 -3.97 37.26 24.96
N ILE B 21 -3.59 37.78 26.14
CA ILE B 21 -2.32 38.50 26.26
C ILE B 21 -1.15 37.57 25.98
N GLY B 22 -1.20 36.34 26.52
CA GLY B 22 -0.14 35.39 26.24
C GLY B 22 -0.05 35.01 24.78
N LEU B 23 -1.20 34.75 24.14
CA LEU B 23 -1.20 34.38 22.73
C LEU B 23 -0.70 35.53 21.85
N ALA B 24 -1.08 36.76 22.19
CA ALA B 24 -0.63 37.91 21.39
C ALA B 24 0.86 38.18 21.59
N ILE B 25 1.36 38.00 22.82
CA ILE B 25 2.79 38.23 23.06
C ILE B 25 3.62 37.09 22.46
N ALA B 26 3.01 35.92 22.25
CA ALA B 26 3.73 34.84 21.60
C ALA B 26 3.65 34.94 20.08
N ALA B 27 2.57 35.51 19.56
CA ALA B 27 2.39 35.59 18.11
C ALA B 27 3.40 36.52 17.47
N LYS B 28 3.69 37.66 18.10
CA LYS B 28 4.67 38.59 17.56
C LYS B 28 6.08 38.03 17.62
N VAL B 29 6.40 37.20 18.61
CA VAL B 29 7.67 36.49 18.63
C VAL B 29 7.71 35.41 17.55
N PHE B 30 6.60 34.69 17.39
CA PHE B 30 6.51 33.57 16.45
C PHE B 30 6.05 34.10 15.08
N GLU B 31 6.97 34.82 14.42
CA GLU B 31 6.68 35.50 13.17
C GLU B 31 7.09 34.63 11.99
N VAL B 32 6.16 34.45 11.06
CA VAL B 32 6.39 33.58 9.90
C VAL B 32 7.13 34.32 8.78
N TYR B 33 6.85 35.62 8.63
CA TYR B 33 7.43 36.47 7.58
C TYR B 33 7.11 35.91 6.19
N GLU B 34 5.81 35.92 5.89
CA GLU B 34 5.31 35.47 4.61
C GLU B 34 4.94 36.66 3.72
N ASP B 35 4.90 36.41 2.41
CA ASP B 35 4.55 37.41 1.42
C ASP B 35 3.17 37.12 0.85
N PRO B 36 2.44 38.16 0.41
CA PRO B 36 1.10 37.94 -0.15
C PRO B 36 1.13 37.53 -1.62
N ARG B 37 1.94 36.51 -1.93
CA ARG B 37 2.00 35.95 -3.27
C ARG B 37 1.50 34.52 -3.36
N VAL B 38 1.64 33.72 -2.30
CA VAL B 38 1.05 32.39 -2.24
C VAL B 38 -0.46 32.39 -1.94
N PRO B 39 -1.04 33.27 -1.10
CA PRO B 39 -2.46 33.03 -0.76
C PRO B 39 -3.42 33.42 -1.87
N LEU B 40 -3.07 34.40 -2.72
CA LEU B 40 -3.99 34.83 -3.76
C LEU B 40 -3.95 33.95 -5.00
N VAL B 41 -2.98 33.03 -5.10
CA VAL B 41 -3.00 32.07 -6.19
C VAL B 41 -3.20 30.67 -5.62
N ARG B 42 -4.46 30.30 -5.42
CA ARG B 42 -4.84 28.91 -5.18
C ARG B 42 -6.09 28.52 -5.95
N ALA B 43 -6.98 29.45 -6.27
CA ALA B 43 -8.17 29.18 -7.05
C ALA B 43 -7.95 29.40 -8.54
N ALA B 44 -6.85 30.02 -8.93
CA ALA B 44 -6.47 30.13 -10.34
C ALA B 44 -5.99 28.80 -10.92
N LEU B 45 -5.19 28.06 -10.16
CA LEU B 45 -4.80 26.72 -10.58
C LEU B 45 -5.98 25.77 -10.45
N PRO B 46 -6.16 24.84 -11.39
CA PRO B 46 -7.26 23.87 -11.29
C PRO B 46 -7.17 22.96 -10.08
N GLY B 47 -5.97 22.75 -9.53
CA GLY B 47 -5.80 21.86 -8.40
C GLY B 47 -6.05 20.40 -8.73
N ALA B 48 -5.64 19.96 -9.91
CA ALA B 48 -5.85 18.57 -10.31
C ALA B 48 -4.79 17.62 -9.77
N ASN B 49 -3.65 18.15 -9.31
CA ASN B 49 -2.53 17.36 -8.79
C ASN B 49 -2.08 16.31 -9.80
N CYS B 50 -1.63 16.79 -10.96
CA CYS B 50 -1.24 15.94 -12.07
C CYS B 50 0.16 16.32 -12.53
N GLY B 51 1.12 15.41 -12.36
CA GLY B 51 2.49 15.76 -12.66
C GLY B 51 2.87 15.58 -14.11
N GLY B 52 2.75 16.66 -14.88
CA GLY B 52 3.20 16.68 -16.26
C GLY B 52 3.84 18.01 -16.57
N CYS B 53 3.88 18.88 -15.56
CA CYS B 53 4.42 20.23 -15.70
C CYS B 53 5.72 20.45 -14.95
N GLY B 54 6.08 19.56 -14.03
CA GLY B 54 7.23 19.79 -13.18
C GLY B 54 7.08 19.25 -11.78
N LEU B 55 7.15 20.13 -10.79
CA LEU B 55 7.12 19.80 -9.37
C LEU B 55 5.85 19.05 -9.00
N PRO B 56 5.93 18.11 -8.06
CA PRO B 56 4.75 17.29 -7.73
C PRO B 56 3.62 18.11 -7.11
N GLY B 57 2.39 17.68 -7.38
CA GLY B 57 1.22 18.35 -6.85
C GLY B 57 0.91 19.64 -7.58
N CYS B 58 -0.23 20.22 -7.22
CA CYS B 58 -0.66 21.51 -7.74
C CYS B 58 -0.51 22.62 -6.72
N ASP B 59 -0.05 22.28 -5.51
CA ASP B 59 0.21 23.27 -4.47
C ASP B 59 1.69 23.67 -4.44
N ALA B 60 2.47 23.18 -5.40
CA ALA B 60 3.89 23.49 -5.49
C ALA B 60 4.18 24.76 -6.28
N LEU B 61 3.27 25.15 -7.20
CA LEU B 61 3.47 26.42 -7.89
C LEU B 61 3.30 27.61 -6.96
N ALA B 62 2.41 27.51 -5.98
CA ALA B 62 2.30 28.54 -4.95
C ALA B 62 3.20 28.22 -3.75
N ALA B 63 4.43 27.83 -4.07
CA ALA B 63 5.56 27.86 -3.16
C ALA B 63 6.74 28.41 -3.96
N ASN B 64 6.68 28.17 -5.27
CA ASN B 64 7.59 28.74 -6.25
C ASN B 64 7.05 30.06 -6.75
N ILE B 65 7.58 30.54 -7.88
CA ILE B 65 7.18 31.76 -8.58
C ILE B 65 7.58 32.95 -7.72
N VAL B 66 8.70 33.59 -8.11
CA VAL B 66 9.51 34.69 -7.55
C VAL B 66 10.94 34.36 -7.93
N GLY B 67 11.11 33.40 -8.84
CA GLY B 67 12.43 33.00 -9.30
C GLY B 67 12.56 33.01 -10.81
N GLY B 68 11.43 32.99 -11.51
CA GLY B 68 11.45 33.06 -12.96
C GLY B 68 11.98 31.81 -13.64
N SER B 69 11.95 30.67 -12.96
CA SER B 69 12.44 29.42 -13.54
C SER B 69 11.40 28.73 -14.42
N ALA B 70 10.16 29.20 -14.41
CA ALA B 70 9.09 28.60 -15.21
C ALA B 70 8.32 29.70 -15.93
N ALA B 71 7.78 29.35 -17.09
CA ALA B 71 7.02 30.30 -17.88
C ALA B 71 5.60 30.47 -17.34
N ILE B 72 4.87 31.42 -17.91
CA ILE B 72 3.50 31.68 -17.49
C ILE B 72 2.59 30.51 -17.86
N ASP B 73 2.84 29.89 -19.02
CA ASP B 73 2.05 28.76 -19.49
C ASP B 73 2.64 27.41 -19.08
N ALA B 74 3.32 27.36 -17.92
CA ALA B 74 3.89 26.11 -17.46
C ALA B 74 2.82 25.09 -17.11
N CYS B 75 1.65 25.55 -16.66
CA CYS B 75 0.53 24.65 -16.39
C CYS B 75 -0.36 24.58 -17.63
N PRO B 76 -0.44 23.43 -18.29
CA PRO B 76 -1.29 23.34 -19.49
C PRO B 76 -2.74 22.99 -19.16
N VAL B 77 -2.98 22.45 -17.97
CA VAL B 77 -4.32 22.09 -17.57
C VAL B 77 -5.21 23.32 -17.41
N GLY B 78 -4.67 24.37 -16.78
CA GLY B 78 -5.44 25.60 -16.63
C GLY B 78 -5.71 26.27 -17.96
N GLY B 79 -4.71 26.33 -18.83
CA GLY B 79 -4.89 26.87 -20.17
C GLY B 79 -4.68 28.37 -20.24
N ALA B 80 -5.32 28.96 -21.25
CA ALA B 80 -5.14 30.38 -21.54
C ALA B 80 -5.66 31.25 -20.41
N SER B 81 -6.82 30.88 -19.82
CA SER B 81 -7.39 31.69 -18.75
C SER B 81 -6.49 31.70 -17.51
N CYS B 82 -6.00 30.53 -17.09
CA CYS B 82 -5.12 30.47 -15.93
C CYS B 82 -3.79 31.16 -16.22
N ALA B 83 -3.26 31.00 -17.43
CA ALA B 83 -2.03 31.68 -17.80
C ALA B 83 -2.20 33.20 -17.76
N ALA B 84 -3.33 33.70 -18.26
CA ALA B 84 -3.60 35.12 -18.24
C ALA B 84 -3.78 35.63 -16.81
N ALA B 85 -4.43 34.85 -15.95
CA ALA B 85 -4.59 35.24 -14.56
C ALA B 85 -3.23 35.34 -13.85
N VAL B 86 -2.37 34.33 -14.06
CA VAL B 86 -1.05 34.35 -13.46
C VAL B 86 -0.23 35.52 -14.00
N ALA B 87 -0.32 35.77 -15.31
CA ALA B 87 0.42 36.88 -15.92
C ALA B 87 -0.05 38.23 -15.40
N GLU B 88 -1.36 38.41 -15.24
CA GLU B 88 -1.87 39.69 -14.76
C GLU B 88 -1.62 39.88 -13.27
N ILE B 89 -1.49 38.79 -12.51
CA ILE B 89 -1.02 38.92 -11.13
C ILE B 89 0.45 39.32 -11.11
N MET B 90 1.27 38.69 -11.96
CA MET B 90 2.68 39.04 -12.05
C MET B 90 2.93 40.31 -12.85
N GLY B 91 1.99 40.74 -13.67
CA GLY B 91 2.12 42.01 -14.38
C GLY B 91 2.89 41.95 -15.68
N MET B 92 2.47 41.07 -16.59
CA MET B 92 3.04 41.01 -17.93
C MET B 92 2.02 40.39 -18.88
N GLU B 93 2.29 40.54 -20.18
CA GLU B 93 1.37 40.04 -21.20
C GLU B 93 1.36 38.52 -21.22
N ALA B 94 0.22 37.97 -21.62
CA ALA B 94 0.02 36.53 -21.70
C ALA B 94 0.03 36.08 -23.15
N GLY B 95 0.81 35.05 -23.45
CA GLY B 95 0.90 34.57 -24.82
C GLY B 95 -0.35 33.83 -25.25
N SER B 96 -0.55 33.77 -26.57
CA SER B 96 -1.71 33.10 -27.15
C SER B 96 -1.34 31.63 -27.38
N ALA B 97 -1.53 30.83 -26.33
CA ALA B 97 -1.21 29.41 -26.38
C ALA B 97 -2.36 28.65 -27.03
N VAL B 98 -2.09 28.03 -28.18
CA VAL B 98 -3.10 27.23 -28.86
C VAL B 98 -3.31 25.92 -28.10
N LYS B 99 -4.57 25.52 -27.96
CA LYS B 99 -4.87 24.27 -27.28
C LYS B 99 -4.37 23.08 -28.08
N LYS B 100 -3.83 22.08 -27.39
CA LYS B 100 -3.23 20.93 -28.01
C LYS B 100 -3.86 19.64 -27.50
N VAL B 101 -3.88 18.62 -28.34
CA VAL B 101 -4.47 17.32 -28.03
C VAL B 101 -3.44 16.25 -28.31
N ALA B 102 -3.37 15.23 -27.45
CA ALA B 102 -2.49 14.10 -27.69
C ALA B 102 -2.99 13.28 -28.88
N THR B 103 -2.04 12.85 -29.72
CA THR B 103 -2.36 12.15 -30.96
C THR B 103 -1.32 11.06 -31.20
N VAL B 104 -1.80 9.91 -31.67
CA VAL B 104 -0.94 8.83 -32.13
C VAL B 104 -0.50 9.12 -33.56
N ILE B 105 0.76 8.85 -33.86
CA ILE B 105 1.28 9.07 -35.21
C ILE B 105 1.54 7.73 -35.87
N CYS B 106 0.75 6.72 -35.50
CA CYS B 106 0.84 5.39 -36.10
C CYS B 106 -0.56 4.87 -36.35
N GLN B 107 -0.88 4.60 -37.61
CA GLN B 107 -2.17 4.01 -37.98
C GLN B 107 -1.91 2.59 -38.47
N GLY B 108 -1.82 1.67 -37.51
CA GLY B 108 -1.60 0.28 -37.84
C GLY B 108 -2.45 -0.66 -37.00
N THR B 109 -3.30 -1.44 -37.67
CA THR B 109 -4.17 -2.37 -36.98
C THR B 109 -3.50 -3.74 -36.91
N CYS B 110 -4.16 -4.69 -36.25
CA CYS B 110 -3.65 -6.05 -36.20
C CYS B 110 -3.76 -6.74 -37.55
N GLU B 111 -4.72 -6.31 -38.38
CA GLU B 111 -4.82 -6.85 -39.74
C GLU B 111 -3.79 -6.24 -40.66
N THR B 112 -3.52 -4.94 -40.52
CA THR B 112 -2.58 -4.26 -41.41
C THR B 112 -1.13 -4.58 -41.06
N ALA B 113 -0.81 -4.67 -39.76
CA ALA B 113 0.55 -4.90 -39.30
C ALA B 113 0.54 -6.09 -38.36
N PRO B 114 0.57 -7.31 -38.91
CA PRO B 114 0.50 -8.51 -38.06
C PRO B 114 1.79 -8.72 -37.29
N ASN B 115 1.67 -9.46 -36.18
CA ASN B 115 2.82 -9.81 -35.38
C ASN B 115 3.59 -10.96 -36.02
N ARG B 116 4.80 -11.19 -35.53
CA ARG B 116 5.64 -12.28 -36.02
C ARG B 116 6.05 -13.26 -34.93
N ALA B 117 5.71 -12.99 -33.66
CA ALA B 117 6.01 -13.90 -32.57
C ALA B 117 5.09 -13.56 -31.40
N GLU B 118 4.38 -14.55 -30.89
CA GLU B 118 3.46 -14.31 -29.80
C GLU B 118 4.23 -13.96 -28.52
N TYR B 119 3.61 -13.12 -27.68
CA TYR B 119 4.29 -12.55 -26.53
C TYR B 119 3.72 -13.13 -25.24
N TYR B 120 4.61 -13.48 -24.31
CA TYR B 120 4.24 -13.96 -22.98
C TYR B 120 4.80 -13.02 -21.93
N GLY B 121 3.96 -12.62 -21.00
CA GLY B 121 4.37 -11.74 -19.91
C GLY B 121 3.22 -10.88 -19.47
N GLU B 122 3.56 -9.79 -18.78
CA GLU B 122 2.55 -8.82 -18.37
C GLU B 122 2.09 -7.98 -19.56
N MET B 123 0.82 -7.59 -19.52
CA MET B 123 0.22 -6.82 -20.60
C MET B 123 0.48 -5.33 -20.34
N ASP B 124 1.68 -4.89 -20.76
CA ASP B 124 2.07 -3.49 -20.64
C ASP B 124 3.02 -3.16 -21.77
N CYS B 125 3.10 -1.88 -22.12
CA CYS B 125 3.94 -1.47 -23.24
C CYS B 125 5.42 -1.51 -22.88
N ARG B 126 5.76 -1.11 -21.66
CA ARG B 126 7.17 -1.14 -21.24
C ARG B 126 7.66 -2.57 -21.06
N GLU B 127 6.80 -3.44 -20.51
CA GLU B 127 7.16 -4.84 -20.35
C GLU B 127 7.37 -5.51 -21.71
N ALA B 128 6.56 -5.14 -22.69
CA ALA B 128 6.78 -5.64 -24.05
C ALA B 128 8.01 -5.02 -24.67
N MET B 129 8.34 -3.79 -24.31
CA MET B 129 9.59 -3.18 -24.77
C MET B 129 10.80 -3.94 -24.25
N ILE B 130 10.70 -4.51 -23.04
CA ILE B 130 11.81 -5.27 -22.50
C ILE B 130 12.00 -6.58 -23.26
N ALA B 131 10.89 -7.28 -23.56
CA ALA B 131 10.95 -8.61 -24.16
C ALA B 131 11.36 -8.50 -25.63
N SER B 132 12.67 -8.32 -25.83
CA SER B 132 13.29 -8.28 -27.16
C SER B 132 12.71 -7.17 -28.03
N GLY B 133 12.36 -6.05 -27.41
CA GLY B 133 11.89 -4.88 -28.13
C GLY B 133 10.56 -5.03 -28.83
N GLY B 134 9.58 -5.62 -28.17
CA GLY B 134 8.24 -5.70 -28.75
C GLY B 134 8.08 -6.88 -29.67
N SER B 135 6.83 -7.34 -29.78
CA SER B 135 6.49 -8.49 -30.62
C SER B 135 5.86 -8.10 -31.95
N LYS B 136 5.75 -6.81 -32.24
CA LYS B 136 5.10 -6.36 -33.47
C LYS B 136 6.01 -6.61 -34.68
N GLY B 137 5.38 -6.80 -35.84
CA GLY B 137 6.14 -6.91 -37.07
C GLY B 137 6.89 -5.64 -37.40
N CYS B 138 6.25 -4.49 -37.19
CA CYS B 138 6.93 -3.21 -37.32
C CYS B 138 7.63 -2.89 -36.01
N ARG B 139 8.91 -2.51 -36.10
CA ARG B 139 9.70 -2.30 -34.89
C ARG B 139 9.24 -1.07 -34.12
N TYR B 140 8.82 -0.03 -34.82
CA TYR B 140 8.45 1.24 -34.20
C TYR B 140 6.96 1.43 -34.04
N GLY B 141 6.15 0.43 -34.36
CA GLY B 141 4.71 0.58 -34.30
C GLY B 141 4.17 0.56 -32.88
N CYS B 142 2.88 0.85 -32.77
CA CYS B 142 2.22 0.87 -31.48
C CYS B 142 1.94 -0.55 -31.02
N LEU B 143 2.33 -0.86 -29.78
CA LEU B 143 2.11 -2.20 -29.23
C LEU B 143 0.62 -2.43 -28.95
N GLY B 144 -0.05 -1.46 -28.33
CA GLY B 144 -1.46 -1.57 -28.06
C GLY B 144 -1.83 -2.14 -26.71
N TYR B 145 -0.87 -2.25 -25.79
CA TYR B 145 -1.14 -2.86 -24.48
C TYR B 145 -1.70 -1.87 -23.46
N GLY B 146 -1.69 -0.58 -23.76
CA GLY B 146 -2.38 0.38 -22.92
C GLY B 146 -1.60 0.90 -21.73
N THR B 147 -0.43 1.49 -21.98
CA THR B 147 0.29 2.21 -20.95
C THR B 147 -0.11 3.69 -20.90
N CYS B 148 -0.30 4.29 -22.08
CA CYS B 148 -0.74 5.68 -22.13
C CYS B 148 -2.11 5.86 -21.51
N LYS B 149 -2.97 4.85 -21.62
CA LYS B 149 -4.30 4.93 -21.03
C LYS B 149 -4.23 4.86 -19.50
N ALA B 150 -3.33 4.03 -18.97
CA ALA B 150 -3.22 3.88 -17.53
C ALA B 150 -2.51 5.04 -16.85
N VAL B 151 -1.79 5.85 -17.62
CA VAL B 151 -1.07 6.98 -17.04
C VAL B 151 -1.94 8.23 -17.03
N CYS B 152 -2.76 8.40 -18.06
CA CYS B 152 -3.59 9.60 -18.20
C CYS B 152 -4.60 9.70 -17.07
N PRO B 153 -4.60 10.79 -16.29
CA PRO B 153 -5.50 10.89 -15.13
C PRO B 153 -6.88 11.43 -15.41
N PHE B 154 -7.11 12.03 -16.58
CA PHE B 154 -8.41 12.59 -16.92
C PHE B 154 -9.29 11.63 -17.71
N ASP B 155 -8.81 10.42 -17.95
CA ASP B 155 -9.54 9.37 -18.68
C ASP B 155 -9.97 9.86 -20.07
N ALA B 156 -8.99 10.32 -20.83
CA ALA B 156 -9.22 10.85 -22.16
C ALA B 156 -8.78 9.90 -23.27
N ILE B 157 -8.26 8.71 -22.93
CA ILE B 157 -7.74 7.77 -23.90
C ILE B 157 -8.52 6.47 -23.78
N VAL B 158 -9.06 6.00 -24.90
CA VAL B 158 -9.80 4.73 -24.96
C VAL B 158 -9.12 3.84 -25.98
N ILE B 159 -8.78 2.62 -25.58
CA ILE B 159 -8.16 1.68 -26.50
C ILE B 159 -9.22 1.16 -27.47
N GLY B 160 -8.99 1.38 -28.77
CA GLY B 160 -9.96 1.02 -29.78
C GLY B 160 -10.02 -0.47 -30.04
N GLU B 161 -10.94 -0.85 -30.91
CA GLU B 161 -11.08 -2.25 -31.27
C GLU B 161 -9.91 -2.75 -32.12
N ASP B 162 -9.25 -1.86 -32.84
CA ASP B 162 -8.13 -2.20 -33.70
C ASP B 162 -6.79 -2.20 -32.98
N GLY B 163 -6.78 -1.87 -31.69
CA GLY B 163 -5.57 -1.87 -30.90
C GLY B 163 -4.94 -0.50 -30.68
N LEU B 164 -5.27 0.48 -31.52
CA LEU B 164 -4.72 1.82 -31.36
C LEU B 164 -5.55 2.61 -30.35
N PRO B 165 -4.92 3.53 -29.61
CA PRO B 165 -5.69 4.37 -28.68
C PRO B 165 -6.25 5.59 -29.36
N LYS B 166 -7.48 5.94 -28.98
CA LYS B 166 -8.17 7.13 -29.47
C LYS B 166 -8.30 8.13 -28.33
N VAL B 167 -7.95 9.38 -28.59
CA VAL B 167 -7.96 10.43 -27.58
C VAL B 167 -9.17 11.32 -27.83
N ASP B 168 -10.01 11.48 -26.80
CA ASP B 168 -11.17 12.34 -26.91
C ASP B 168 -10.74 13.81 -26.85
N PRO B 169 -11.05 14.63 -27.85
CA PRO B 169 -10.57 16.02 -27.82
C PRO B 169 -11.18 16.86 -26.72
N GLU B 170 -12.35 16.49 -26.20
CA GLU B 170 -13.00 17.29 -25.17
C GLU B 170 -12.35 17.11 -23.80
N LYS B 171 -11.86 15.91 -23.49
CA LYS B 171 -11.35 15.59 -22.17
C LYS B 171 -9.84 15.68 -22.06
N CYS B 172 -9.14 16.09 -23.10
CA CYS B 172 -7.69 16.16 -23.08
C CYS B 172 -7.23 17.56 -22.72
N THR B 173 -6.39 17.67 -21.69
CA THR B 173 -5.89 18.95 -21.21
C THR B 173 -4.43 19.19 -21.61
N SER B 174 -3.87 18.33 -22.46
CA SER B 174 -2.49 18.45 -22.94
C SER B 174 -1.49 18.49 -21.78
N CYS B 175 -1.70 17.63 -20.78
CA CYS B 175 -0.80 17.58 -19.64
C CYS B 175 0.55 16.97 -19.98
N GLY B 176 0.63 16.16 -21.03
CA GLY B 176 1.90 15.62 -21.48
C GLY B 176 2.37 14.37 -20.77
N LYS B 177 1.52 13.74 -19.95
CA LYS B 177 1.92 12.51 -19.28
C LYS B 177 2.07 11.35 -20.26
N CYS B 178 1.10 11.20 -21.17
CA CYS B 178 1.14 10.08 -22.11
C CYS B 178 2.26 10.20 -23.12
N VAL B 179 2.70 11.43 -23.41
CA VAL B 179 3.83 11.63 -24.32
C VAL B 179 5.11 11.10 -23.69
N GLU B 180 5.31 11.35 -22.40
CA GLU B 180 6.49 10.87 -21.70
C GLU B 180 6.40 9.38 -21.37
N ALA B 181 5.19 8.86 -21.18
CA ALA B 181 5.02 7.48 -20.73
C ALA B 181 4.96 6.47 -21.85
N CYS B 182 5.00 6.89 -23.10
CA CYS B 182 4.95 5.94 -24.22
C CYS B 182 6.36 5.47 -24.55
N PRO B 183 6.67 4.18 -24.38
CA PRO B 183 8.04 3.72 -24.68
C PRO B 183 8.43 3.86 -26.14
N LYS B 184 7.48 3.75 -27.07
CA LYS B 184 7.80 3.87 -28.49
C LYS B 184 7.97 5.30 -28.94
N SER B 185 7.73 6.28 -28.07
CA SER B 185 7.83 7.71 -28.38
C SER B 185 6.92 8.06 -29.56
N ILE B 186 5.70 7.55 -29.52
CA ILE B 186 4.71 7.76 -30.57
C ILE B 186 3.75 8.88 -30.24
N MET B 187 3.26 8.93 -29.01
CA MET B 187 2.31 9.97 -28.59
C MET B 187 2.93 11.35 -28.77
N THR B 188 2.18 12.25 -29.42
CA THR B 188 2.64 13.61 -29.63
C THR B 188 1.51 14.57 -29.30
N LEU B 189 1.81 15.86 -29.34
CA LEU B 189 0.82 16.90 -29.11
C LEU B 189 0.61 17.67 -30.41
N VAL B 190 -0.64 17.72 -30.86
CA VAL B 190 -0.99 18.38 -32.11
C VAL B 190 -2.00 19.48 -31.83
N PRO B 191 -1.88 20.65 -32.46
CA PRO B 191 -2.93 21.66 -32.33
C PRO B 191 -4.27 21.14 -32.83
N GLU B 192 -5.35 21.61 -32.19
CA GLU B 192 -6.69 21.14 -32.54
C GLU B 192 -7.07 21.53 -33.96
N ALA B 193 -6.58 22.68 -34.43
CA ALA B 193 -6.92 23.13 -35.78
C ALA B 193 -6.20 22.36 -36.87
N GLN B 194 -5.18 21.58 -36.53
CA GLN B 194 -4.40 20.86 -37.53
C GLN B 194 -4.99 19.49 -37.80
N GLU B 195 -5.24 19.20 -39.07
CA GLU B 195 -5.82 17.94 -39.50
C GLU B 195 -4.86 17.06 -40.30
N VAL B 196 -4.02 17.67 -41.13
CA VAL B 196 -3.10 16.91 -41.99
C VAL B 196 -1.87 16.54 -41.16
N ILE B 197 -1.79 15.28 -40.75
CA ILE B 197 -0.69 14.76 -39.96
C ILE B 197 -0.12 13.53 -40.65
N VAL B 198 1.20 13.39 -40.64
CA VAL B 198 1.86 12.21 -41.17
C VAL B 198 1.85 11.14 -40.09
N LYS B 199 1.00 10.13 -40.25
CA LYS B 199 0.79 9.11 -39.22
C LYS B 199 1.57 7.83 -39.56
N CYS B 200 2.90 7.94 -39.47
CA CYS B 200 3.76 6.76 -39.54
C CYS B 200 5.11 7.12 -38.94
N HIS B 201 5.46 6.47 -37.83
CA HIS B 201 6.74 6.66 -37.16
C HIS B 201 7.76 5.60 -37.58
N ASN B 202 7.99 5.42 -38.87
CA ASN B 202 8.84 4.35 -39.37
C ASN B 202 10.13 4.92 -39.95
N PHE B 203 11.27 4.45 -39.45
CA PHE B 203 12.58 4.93 -39.85
C PHE B 203 13.28 4.02 -40.86
N ASP B 204 12.62 2.95 -41.31
CA ASP B 204 13.27 2.02 -42.22
C ASP B 204 13.22 2.54 -43.66
N LYS B 205 13.87 1.80 -44.55
CA LYS B 205 13.93 2.16 -45.96
C LYS B 205 12.63 1.74 -46.65
N GLY B 206 12.63 1.74 -47.98
CA GLY B 206 11.39 1.52 -48.71
C GLY B 206 10.89 0.09 -48.62
N LYS B 207 11.71 -0.87 -49.05
CA LYS B 207 11.25 -2.25 -49.16
C LYS B 207 10.90 -2.86 -47.81
N ILE B 208 11.75 -2.62 -46.79
CA ILE B 208 11.51 -3.20 -45.48
C ILE B 208 10.24 -2.64 -44.85
N ALA B 209 10.04 -1.33 -44.95
CA ALA B 209 8.82 -0.73 -44.41
C ALA B 209 7.59 -1.21 -45.16
N ARG B 210 7.67 -1.32 -46.49
CA ARG B 210 6.54 -1.80 -47.26
C ARG B 210 6.20 -3.24 -46.90
N LEU B 211 7.22 -4.05 -46.62
CA LEU B 211 6.96 -5.44 -46.20
C LEU B 211 6.36 -5.50 -44.81
N SER B 212 6.80 -4.62 -43.90
CA SER B 212 6.36 -4.70 -42.51
C SER B 212 4.90 -4.26 -42.35
N CYS B 213 4.53 -3.15 -42.98
CA CYS B 213 3.19 -2.58 -42.82
C CYS B 213 2.69 -2.13 -44.18
N THR B 214 1.37 -2.09 -44.33
CA THR B 214 0.76 -1.72 -45.61
C THR B 214 0.53 -0.22 -45.75
N THR B 215 0.72 0.55 -44.69
CA THR B 215 0.61 2.01 -44.72
C THR B 215 1.89 2.66 -44.19
N ALA B 216 3.04 2.15 -44.63
CA ALA B 216 4.32 2.59 -44.10
C ALA B 216 4.95 3.66 -44.97
N CYS B 217 5.60 4.63 -44.33
CA CYS B 217 6.33 5.64 -45.06
C CYS B 217 7.62 5.06 -45.63
N ILE B 218 7.83 5.23 -46.93
CA ILE B 218 8.97 4.66 -47.63
C ILE B 218 9.97 5.72 -48.06
N ALA B 219 9.76 6.97 -47.64
CA ALA B 219 10.65 8.10 -47.96
C ALA B 219 10.82 8.25 -49.48
N CYS B 220 9.71 8.16 -50.21
CA CYS B 220 9.76 8.33 -51.65
C CYS B 220 10.05 9.77 -52.04
N GLY B 221 9.50 10.72 -51.30
CA GLY B 221 9.73 12.13 -51.55
C GLY B 221 8.67 12.86 -52.35
N ALA B 222 7.52 12.23 -52.59
CA ALA B 222 6.47 12.90 -53.36
C ALA B 222 5.80 13.99 -52.55
N CYS B 223 5.67 13.81 -51.23
CA CYS B 223 5.01 14.80 -50.39
C CYS B 223 5.81 16.10 -50.33
N VAL B 224 7.14 16.01 -50.33
CA VAL B 224 7.98 17.21 -50.32
C VAL B 224 7.82 17.97 -51.63
N LYS B 225 7.81 17.25 -52.76
CA LYS B 225 7.64 17.90 -54.06
C LYS B 225 6.25 18.51 -54.20
N ALA B 226 5.23 17.88 -53.62
CA ALA B 226 3.88 18.42 -53.70
C ALA B 226 3.72 19.68 -52.87
N CYS B 227 4.45 19.78 -51.75
CA CYS B 227 4.30 20.92 -50.84
C CYS B 227 4.99 22.15 -51.43
N ARG B 228 4.29 23.27 -51.40
CA ARG B 228 4.82 24.53 -51.92
C ARG B 228 5.38 25.43 -50.84
N PHE B 229 4.86 25.33 -49.62
CA PHE B 229 5.20 26.24 -48.53
C PHE B 229 6.38 25.77 -47.69
N ASP B 230 6.94 24.60 -47.99
CA ASP B 230 8.09 24.03 -47.28
C ASP B 230 7.74 23.87 -45.80
N ALA B 231 6.86 22.90 -45.55
CA ALA B 231 6.43 22.59 -44.20
C ALA B 231 6.58 21.12 -43.83
N ILE B 232 6.90 20.24 -44.78
CA ILE B 232 7.06 18.81 -44.52
C ILE B 232 8.44 18.39 -44.98
N THR B 233 9.15 17.66 -44.13
CA THR B 233 10.53 17.26 -44.40
C THR B 233 10.70 15.77 -44.16
N VAL B 234 11.60 15.16 -44.93
CA VAL B 234 11.90 13.74 -44.83
C VAL B 234 13.24 13.61 -44.12
N GLU B 235 13.21 13.17 -42.86
CA GLU B 235 14.39 12.90 -42.09
C GLU B 235 14.31 11.49 -41.50
N ASN B 236 15.45 10.81 -41.47
CA ASN B 236 15.55 9.43 -40.98
C ASN B 236 14.58 8.50 -41.71
N ASN B 237 14.42 8.75 -43.02
CA ASN B 237 13.48 8.01 -43.88
C ASN B 237 12.05 8.07 -43.35
N CYS B 238 11.67 9.20 -42.75
CA CYS B 238 10.32 9.40 -42.27
C CYS B 238 9.92 10.85 -42.51
N ALA B 239 8.64 11.04 -42.83
CA ALA B 239 8.11 12.38 -43.10
C ALA B 239 7.56 13.00 -41.83
N LYS B 240 7.83 14.29 -41.65
CA LYS B 240 7.31 15.05 -40.51
C LYS B 240 6.83 16.40 -41.01
N ILE B 241 5.68 16.83 -40.51
CA ILE B 241 5.04 18.08 -40.94
C ILE B 241 5.27 19.11 -39.86
N ASP B 242 5.86 20.24 -40.23
CA ASP B 242 6.04 21.36 -39.32
C ASP B 242 4.71 22.12 -39.23
N TYR B 243 4.09 22.08 -38.05
CA TYR B 243 2.75 22.64 -37.89
C TYR B 243 2.73 24.15 -37.96
N ASP B 244 3.88 24.82 -37.83
CA ASP B 244 3.89 26.28 -37.88
C ASP B 244 3.70 26.79 -39.31
N LYS B 245 4.36 26.17 -40.28
CA LYS B 245 4.30 26.63 -41.66
C LYS B 245 3.22 25.93 -42.48
N CYS B 246 2.50 24.99 -41.90
CA CYS B 246 1.48 24.24 -42.65
C CYS B 246 0.23 25.09 -42.77
N ARG B 247 -0.14 25.44 -44.01
CA ARG B 247 -1.34 26.22 -44.28
C ARG B 247 -2.52 25.36 -44.71
N GLN B 248 -2.38 24.04 -44.64
CA GLN B 248 -3.44 23.08 -44.96
C GLN B 248 -3.96 23.27 -46.39
N CYS B 249 -3.05 23.11 -47.35
CA CYS B 249 -3.43 23.13 -48.75
C CYS B 249 -3.93 21.79 -49.25
N TYR B 250 -3.79 20.74 -48.44
CA TYR B 250 -4.32 19.40 -48.74
C TYR B 250 -3.80 18.85 -50.07
N GLU B 251 -2.51 19.06 -50.33
CA GLU B 251 -1.89 18.54 -51.55
C GLU B 251 -0.92 17.40 -51.29
N CYS B 252 -0.33 17.33 -50.09
CA CYS B 252 0.53 16.19 -49.76
C CYS B 252 -0.27 14.92 -49.56
N VAL B 253 -1.48 15.03 -49.01
CA VAL B 253 -2.32 13.87 -48.78
C VAL B 253 -2.80 13.28 -50.10
N ASP B 254 -2.92 14.12 -51.14
CA ASP B 254 -3.36 13.63 -52.44
C ASP B 254 -2.28 12.76 -53.07
N LYS B 255 -1.02 13.19 -53.00
CA LYS B 255 0.08 12.58 -53.74
C LYS B 255 0.88 11.60 -52.88
N CYS B 256 0.29 11.05 -51.82
CA CYS B 256 1.01 10.01 -51.08
C CYS B 256 0.69 8.66 -51.68
N PRO B 257 1.70 7.84 -51.99
CA PRO B 257 1.45 6.58 -52.71
C PRO B 257 0.55 5.60 -51.97
N MET B 258 0.51 5.64 -50.63
CA MET B 258 -0.27 4.66 -49.90
C MET B 258 -1.03 5.27 -48.73
N ASN B 259 -1.48 6.52 -48.86
CA ASN B 259 -2.37 7.18 -47.90
C ASN B 259 -1.76 7.20 -46.50
N CYS B 260 -0.49 7.60 -46.43
CA CYS B 260 0.24 7.66 -45.17
C CYS B 260 -0.06 8.93 -44.37
N ILE B 261 -0.72 9.92 -44.96
CA ILE B 261 -0.99 11.20 -44.31
C ILE B 261 -2.48 11.27 -44.01
N SER B 262 -2.81 11.59 -42.76
CA SER B 262 -4.20 11.62 -42.29
C SER B 262 -4.89 12.87 -42.83
N GLY B 263 -5.70 12.68 -43.87
CA GLY B 263 -6.45 13.77 -44.43
C GLY B 263 -7.48 13.27 -45.42
N ASP B 264 -8.42 14.15 -45.76
CA ASP B 264 -9.46 13.87 -46.74
C ASP B 264 -9.50 14.99 -47.77
N VAL B 265 -9.97 14.65 -48.96
CA VAL B 265 -9.99 15.61 -50.08
C VAL B 265 -11.28 16.42 -49.92
N GLU B 266 -11.18 17.49 -49.11
CA GLU B 266 -12.25 18.47 -48.98
C GLU B 266 -11.59 19.75 -48.49
N TYR B 267 -11.32 20.67 -49.41
CA TYR B 267 -10.46 21.79 -49.08
C TYR B 267 -10.64 22.92 -50.08
N GLY B 268 -10.45 24.14 -49.61
CA GLY B 268 -10.29 25.33 -50.42
C GLY B 268 -11.28 25.55 -51.55
N LYS B 269 -10.76 25.62 -52.77
CA LYS B 269 -11.51 25.75 -54.02
C LYS B 269 -12.16 27.13 -54.13
N SER B 270 -12.01 27.96 -53.11
CA SER B 270 -12.57 29.31 -53.12
C SER B 270 -11.61 30.22 -53.89
N THR B 271 -11.88 30.39 -55.18
CA THR B 271 -11.04 31.23 -56.04
C THR B 271 -11.39 32.69 -55.79
N ALA B 272 -10.91 33.19 -54.65
CA ALA B 272 -11.08 34.59 -54.24
C ALA B 272 -12.56 34.98 -54.17
N TYR B 273 -13.27 34.34 -53.24
CA TYR B 273 -14.64 34.75 -52.93
C TYR B 273 -14.60 36.12 -52.27
N ILE B 274 -15.06 37.15 -53.00
CA ILE B 274 -14.83 38.54 -52.63
C ILE B 274 -16.16 39.18 -52.24
N ILE B 275 -16.19 39.80 -51.07
CA ILE B 275 -17.35 40.57 -50.64
C ILE B 275 -17.43 41.83 -51.50
N GLU B 276 -18.64 42.10 -52.03
CA GLU B 276 -18.82 43.19 -52.98
C GLU B 276 -18.69 44.56 -52.33
N GLU B 277 -18.86 44.66 -51.02
CA GLU B 277 -18.96 45.96 -50.37
C GLU B 277 -17.62 46.67 -50.26
N ASN B 278 -16.55 45.95 -49.93
CA ASN B 278 -15.29 46.57 -49.51
C ASN B 278 -14.14 46.28 -50.48
N CYS B 279 -14.39 46.37 -51.78
CA CYS B 279 -13.34 46.42 -52.78
C CYS B 279 -13.65 47.50 -53.80
N ILE B 280 -12.62 48.16 -54.30
CA ILE B 280 -12.77 49.32 -55.16
C ILE B 280 -12.41 49.01 -56.61
N ALA B 281 -12.58 47.75 -57.02
CA ALA B 281 -12.22 47.28 -58.36
C ALA B 281 -10.75 47.58 -58.67
N CYS B 282 -9.89 47.27 -57.70
CA CYS B 282 -8.46 47.54 -57.83
C CYS B 282 -7.81 46.72 -58.94
N GLY B 283 -8.32 45.53 -59.23
CA GLY B 283 -7.79 44.71 -60.31
C GLY B 283 -6.39 44.20 -60.09
N LEU B 284 -6.04 43.85 -58.85
CA LEU B 284 -4.73 43.31 -58.53
C LEU B 284 -4.73 41.79 -58.44
N CYS B 285 -5.85 41.14 -58.75
CA CYS B 285 -5.97 39.70 -58.60
C CYS B 285 -5.94 38.94 -59.93
N ALA B 286 -6.35 39.57 -61.03
CA ALA B 286 -6.42 38.89 -62.31
C ALA B 286 -5.10 38.89 -63.07
N LYS B 287 -4.05 39.52 -62.54
CA LYS B 287 -2.79 39.64 -63.26
C LYS B 287 -2.14 38.29 -63.51
N ASN B 288 -1.70 37.59 -62.46
CA ASN B 288 -1.12 36.26 -62.63
C ASN B 288 -1.94 35.18 -61.94
N CYS B 289 -2.05 35.21 -60.61
CA CYS B 289 -2.65 34.13 -59.84
C CYS B 289 -2.25 32.75 -60.36
N PRO B 290 -1.03 32.28 -60.04
CA PRO B 290 -0.24 31.42 -60.95
C PRO B 290 -1.00 30.46 -61.87
N VAL B 291 -2.02 29.77 -61.36
CA VAL B 291 -2.78 28.84 -62.18
C VAL B 291 -3.78 29.57 -63.09
N ASN B 292 -3.93 30.89 -62.94
CA ASN B 292 -4.78 31.73 -63.78
C ASN B 292 -6.24 31.28 -63.72
N ALA B 293 -6.84 31.44 -62.55
CA ALA B 293 -8.25 31.10 -62.33
C ALA B 293 -9.07 32.30 -61.86
N ILE B 294 -8.61 33.51 -62.18
CA ILE B 294 -9.28 34.72 -61.74
C ILE B 294 -9.67 35.65 -62.90
N THR B 295 -9.00 35.53 -64.06
CA THR B 295 -8.91 36.56 -65.09
C THR B 295 -10.24 37.24 -65.39
N GLY B 296 -10.18 38.57 -65.48
CA GLY B 296 -11.35 39.40 -65.73
C GLY B 296 -10.91 40.80 -66.12
N GLU B 297 -11.91 41.62 -66.45
CA GLU B 297 -11.69 42.98 -66.93
C GLU B 297 -12.01 43.96 -65.80
N ILE B 298 -10.97 44.35 -65.05
CA ILE B 298 -11.01 45.33 -63.97
C ILE B 298 -11.90 44.91 -62.80
N LYS B 299 -12.99 44.18 -63.08
CA LYS B 299 -13.88 43.58 -62.09
C LYS B 299 -14.53 44.65 -61.20
N LYS B 300 -15.35 45.48 -61.84
CA LYS B 300 -16.23 46.36 -61.10
C LYS B 300 -17.22 45.54 -60.30
N PRO B 301 -17.62 45.99 -59.11
CA PRO B 301 -18.50 45.18 -58.26
C PRO B 301 -19.90 45.10 -58.84
N PRO B 302 -20.54 43.91 -58.78
CA PRO B 302 -20.04 42.63 -58.23
C PRO B 302 -19.05 41.93 -59.16
N TYR B 303 -18.12 41.16 -58.62
CA TYR B 303 -17.06 40.57 -59.42
C TYR B 303 -17.60 39.45 -60.30
N VAL B 304 -17.25 39.50 -61.59
CA VAL B 304 -17.63 38.46 -62.53
C VAL B 304 -16.44 37.52 -62.67
N ILE B 305 -16.49 36.41 -61.93
CA ILE B 305 -15.38 35.46 -61.87
C ILE B 305 -15.93 34.05 -61.99
N ASP B 306 -15.31 33.24 -62.85
CA ASP B 306 -15.68 31.84 -63.00
C ASP B 306 -14.84 30.99 -62.05
N HIS B 307 -15.51 30.13 -61.30
CA HIS B 307 -14.87 29.26 -60.31
C HIS B 307 -14.89 27.83 -60.83
N ASP B 308 -13.74 27.33 -61.24
CA ASP B 308 -13.60 25.97 -61.72
C ASP B 308 -12.61 25.14 -60.92
N MET B 309 -11.46 25.71 -60.58
CA MET B 309 -10.45 25.02 -59.78
C MET B 309 -9.56 26.05 -59.10
N CYS B 310 -8.83 25.61 -58.09
CA CYS B 310 -8.00 26.50 -57.29
C CYS B 310 -6.84 25.71 -56.71
N ILE B 311 -6.10 26.35 -55.80
CA ILE B 311 -4.99 25.71 -55.11
C ILE B 311 -5.29 25.48 -53.63
N GLY B 312 -6.23 26.23 -53.04
CA GLY B 312 -6.44 26.21 -51.62
C GLY B 312 -5.73 27.36 -50.92
N CYS B 313 -4.39 27.29 -50.88
CA CYS B 313 -3.53 28.36 -50.35
C CYS B 313 -3.90 28.73 -48.92
N GLY B 314 -4.98 29.50 -48.77
CA GLY B 314 -5.36 29.98 -47.45
C GLY B 314 -4.52 31.12 -46.93
N ILE B 315 -3.78 31.81 -47.80
CA ILE B 315 -2.88 32.88 -47.40
C ILE B 315 -3.38 34.26 -47.79
N CYS B 316 -4.46 34.35 -48.58
CA CYS B 316 -4.93 35.65 -49.05
C CYS B 316 -5.79 36.36 -48.00
N PHE B 317 -5.27 36.48 -46.78
CA PHE B 317 -5.77 37.43 -45.80
C PHE B 317 -4.76 38.56 -45.59
N ASP B 318 -3.70 38.60 -46.39
CA ASP B 318 -2.68 39.64 -46.32
C ASP B 318 -2.50 40.39 -47.63
N LYS B 319 -2.88 39.81 -48.76
CA LYS B 319 -2.77 40.46 -50.06
C LYS B 319 -3.82 41.55 -50.26
N CYS B 320 -4.86 41.59 -49.43
CA CYS B 320 -5.92 42.58 -49.53
C CYS B 320 -5.75 43.60 -48.43
N ARG B 321 -5.68 44.88 -48.80
CA ARG B 321 -5.62 45.96 -47.81
C ARG B 321 -6.96 46.16 -47.13
N LYS B 322 -8.07 45.73 -47.76
CA LYS B 322 -9.39 45.86 -47.19
C LYS B 322 -9.99 44.54 -46.72
N SER B 323 -9.31 43.42 -46.98
CA SER B 323 -9.74 42.08 -46.59
C SER B 323 -11.14 41.75 -47.15
N ALA B 324 -11.20 41.71 -48.48
CA ALA B 324 -12.44 41.38 -49.18
C ALA B 324 -12.57 39.90 -49.50
N ILE B 325 -11.46 39.18 -49.56
CA ILE B 325 -11.47 37.76 -49.91
C ILE B 325 -11.82 36.96 -48.68
N GLU B 326 -12.82 36.08 -48.80
CA GLU B 326 -13.27 35.24 -47.70
C GLU B 326 -13.04 33.77 -48.05
N MET B 327 -12.50 33.03 -47.09
CA MET B 327 -12.23 31.60 -47.25
C MET B 327 -13.36 30.81 -46.60
N ARG B 328 -14.02 29.96 -47.40
CA ARG B 328 -15.07 29.09 -46.92
C ARG B 328 -14.85 27.67 -47.43
N PRO B 329 -14.99 26.66 -46.57
CA PRO B 329 -14.92 25.28 -47.04
C PRO B 329 -16.14 24.91 -47.85
N ASN B 330 -15.99 24.79 -49.18
CA ASN B 330 -17.12 24.55 -50.08
C ASN B 330 -16.67 23.54 -51.14
N LYS B 331 -16.92 22.26 -50.86
CA LYS B 331 -16.59 21.18 -51.78
C LYS B 331 -17.63 20.08 -51.59
N THR B 332 -17.33 18.90 -52.12
CA THR B 332 -18.20 17.75 -51.89
C THR B 332 -18.17 17.33 -50.43
N LYS B 333 -19.32 16.89 -49.92
CA LYS B 333 -19.51 16.52 -48.52
C LYS B 333 -19.11 17.66 -47.58
N MET C 1 48.36 -29.39 -3.45
CA MET C 1 48.01 -27.99 -3.64
C MET C 1 46.90 -27.59 -2.68
N ASN C 2 47.05 -26.40 -2.07
CA ASN C 2 46.07 -25.90 -1.11
C ASN C 2 44.85 -25.39 -1.86
N VAL C 3 43.94 -26.31 -2.17
CA VAL C 3 42.69 -25.98 -2.83
C VAL C 3 41.69 -25.55 -1.77
N LYS C 4 41.16 -24.33 -1.91
CA LYS C 4 40.28 -23.74 -0.92
C LYS C 4 38.85 -23.71 -1.41
N HIS C 5 37.92 -23.84 -0.47
CA HIS C 5 36.50 -23.86 -0.75
C HIS C 5 35.87 -22.54 -0.33
N GLY C 6 34.96 -22.04 -1.17
CA GLY C 6 34.27 -20.80 -0.87
C GLY C 6 32.85 -20.85 -1.40
N THR C 7 32.00 -20.01 -0.80
CA THR C 7 30.60 -19.92 -1.18
C THR C 7 30.07 -18.58 -0.73
N PHE C 8 28.79 -18.33 -1.01
CA PHE C 8 28.12 -17.09 -0.65
C PHE C 8 26.76 -17.42 -0.05
N LYS C 9 26.04 -16.37 0.35
CA LYS C 9 24.74 -16.51 1.00
C LYS C 9 23.62 -16.25 -0.01
N GLY C 10 22.64 -17.14 -0.02
CA GLY C 10 21.55 -17.05 -0.98
C GLY C 10 21.83 -17.83 -2.25
N GLY C 11 20.85 -17.82 -3.13
CA GLY C 11 20.95 -18.50 -4.41
C GLY C 11 19.98 -19.66 -4.52
N ILE C 12 20.04 -20.33 -5.66
CA ILE C 12 19.15 -21.43 -5.99
C ILE C 12 20.00 -22.60 -6.49
N HIS C 13 19.34 -23.75 -6.65
CA HIS C 13 19.96 -24.96 -7.21
C HIS C 13 19.10 -25.45 -8.36
N PRO C 14 19.22 -24.84 -9.54
CA PRO C 14 18.44 -25.29 -10.69
C PRO C 14 18.91 -26.64 -11.19
N PRO C 15 18.05 -27.39 -11.89
CA PRO C 15 18.45 -28.71 -12.36
C PRO C 15 19.40 -28.67 -13.55
N TYR C 16 20.71 -28.56 -13.26
CA TYR C 16 21.74 -28.52 -14.28
C TYR C 16 21.71 -29.75 -15.18
N ARG C 17 21.33 -29.57 -16.44
CA ARG C 17 21.28 -30.67 -17.41
C ARG C 17 22.57 -30.73 -18.23
N LYS C 18 23.68 -30.86 -17.53
CA LYS C 18 24.99 -30.99 -18.18
C LYS C 18 25.39 -32.46 -18.32
N GLU C 19 24.57 -33.19 -19.05
CA GLU C 19 24.85 -34.60 -19.32
C GLU C 19 24.81 -34.93 -20.79
N SER C 20 23.90 -34.31 -21.56
CA SER C 20 23.79 -34.61 -22.98
C SER C 20 24.93 -34.03 -23.79
N THR C 21 25.59 -32.99 -23.31
CA THR C 21 26.69 -32.35 -24.03
C THR C 21 28.03 -32.44 -23.33
N ALA C 22 28.06 -32.70 -22.01
CA ALA C 22 29.32 -32.72 -21.28
C ALA C 22 30.15 -33.95 -21.64
N GLU C 23 29.51 -35.12 -21.71
CA GLU C 23 30.23 -36.35 -22.03
C GLU C 23 30.43 -36.55 -23.53
N VAL C 24 29.74 -35.80 -24.37
CA VAL C 24 29.95 -35.88 -25.81
C VAL C 24 31.23 -35.14 -26.17
N PRO C 25 32.17 -35.77 -26.88
CA PRO C 25 33.42 -35.10 -27.23
C PRO C 25 33.17 -33.91 -28.14
N LEU C 26 34.01 -32.88 -27.97
CA LEU C 26 33.87 -31.66 -28.75
C LEU C 26 34.29 -31.90 -30.20
N GLY C 27 33.45 -31.47 -31.13
CA GLY C 27 33.73 -31.56 -32.54
C GLY C 27 34.00 -30.19 -33.14
N PHE C 28 34.22 -30.19 -34.46
CA PHE C 28 34.43 -28.97 -35.21
C PHE C 28 33.29 -28.76 -36.19
N GLY C 29 33.34 -27.64 -36.91
CA GLY C 29 32.32 -27.32 -37.89
C GLY C 29 32.94 -27.21 -39.27
N LYS C 30 32.08 -27.36 -40.28
CA LYS C 30 32.53 -27.28 -41.65
C LYS C 30 32.83 -25.82 -42.03
N LYS C 31 33.54 -25.67 -43.14
CA LYS C 31 33.94 -24.36 -43.63
C LYS C 31 32.71 -23.61 -44.13
N PRO C 32 32.38 -22.44 -43.57
CA PRO C 32 31.14 -21.76 -43.96
C PRO C 32 31.25 -21.13 -45.33
N GLU C 33 30.08 -20.94 -45.96
CA GLU C 33 30.01 -20.36 -47.29
C GLU C 33 29.85 -18.85 -47.26
N MET C 34 28.99 -18.34 -46.37
CA MET C 34 28.78 -16.90 -46.25
C MET C 34 28.66 -16.54 -44.79
N VAL C 35 29.01 -15.31 -44.46
CA VAL C 35 28.97 -14.82 -43.08
C VAL C 35 28.46 -13.40 -43.05
N ILE C 36 27.70 -13.08 -42.00
CA ILE C 36 27.21 -11.72 -41.75
C ILE C 36 27.97 -11.19 -40.55
N ILE C 37 28.80 -10.18 -40.78
CA ILE C 37 29.58 -9.58 -39.69
C ILE C 37 28.93 -8.26 -39.31
N PRO C 38 28.34 -8.16 -38.13
CA PRO C 38 27.72 -6.89 -37.71
C PRO C 38 28.77 -5.89 -37.26
N MET C 39 28.34 -4.63 -37.21
CA MET C 39 29.19 -3.56 -36.69
C MET C 39 28.99 -3.32 -35.20
N SER C 40 28.01 -3.97 -34.58
CA SER C 40 27.77 -3.86 -33.15
C SER C 40 28.01 -5.23 -32.52
N LEU C 41 29.27 -5.51 -32.22
CA LEU C 41 29.67 -6.75 -31.56
C LEU C 41 30.10 -6.51 -30.11
N HIS C 42 29.86 -5.32 -29.58
CA HIS C 42 30.30 -4.96 -28.24
C HIS C 42 29.31 -3.96 -27.64
N ILE C 43 29.51 -3.67 -26.35
CA ILE C 43 28.62 -2.75 -25.65
C ILE C 43 28.96 -1.30 -25.91
N GLY C 44 30.09 -1.01 -26.56
CA GLY C 44 30.50 0.35 -26.84
C GLY C 44 29.86 0.92 -28.08
N ALA C 45 30.49 1.95 -28.62
CA ALA C 45 29.98 2.60 -29.81
C ALA C 45 30.16 1.69 -31.03
N PRO C 46 29.21 1.69 -31.96
CA PRO C 46 29.37 0.86 -33.16
C PRO C 46 30.45 1.41 -34.07
N CYS C 47 31.03 0.51 -34.86
CA CYS C 47 32.13 0.87 -35.75
C CYS C 47 31.59 1.41 -37.08
N THR C 48 32.50 1.94 -37.88
CA THR C 48 32.20 2.44 -39.22
C THR C 48 32.88 1.56 -40.25
N PRO C 49 32.13 0.88 -41.12
CA PRO C 49 32.76 0.01 -42.12
C PRO C 49 33.52 0.81 -43.17
N ILE C 50 34.57 0.18 -43.70
CA ILE C 50 35.39 0.80 -44.73
C ILE C 50 35.38 0.03 -46.05
N VAL C 51 34.95 -1.22 -46.05
CA VAL C 51 34.88 -2.02 -47.26
C VAL C 51 33.58 -1.71 -47.98
N LYS C 52 33.63 -1.67 -49.30
CA LYS C 52 32.47 -1.42 -50.14
C LYS C 52 32.17 -2.67 -50.97
N LYS C 53 31.11 -2.58 -51.76
CA LYS C 53 30.66 -3.73 -52.56
C LYS C 53 31.69 -4.07 -53.64
N GLY C 54 32.03 -5.35 -53.73
CA GLY C 54 32.96 -5.84 -54.73
C GLY C 54 34.38 -6.02 -54.26
N ASP C 55 34.69 -5.67 -53.02
CA ASP C 55 36.06 -5.79 -52.52
C ASP C 55 36.38 -7.24 -52.16
N THR C 56 37.66 -7.47 -51.86
CA THR C 56 38.14 -8.80 -51.46
C THR C 56 39.00 -8.65 -50.22
N VAL C 57 38.69 -9.44 -49.19
CA VAL C 57 39.41 -9.39 -47.93
C VAL C 57 39.94 -10.77 -47.59
N PHE C 58 40.87 -10.80 -46.64
CA PHE C 58 41.41 -12.04 -46.08
C PHE C 58 41.03 -12.16 -44.61
N LEU C 59 41.47 -13.24 -43.99
CA LEU C 59 41.26 -13.42 -42.55
C LEU C 59 42.07 -12.39 -41.78
N GLY C 60 41.44 -11.80 -40.76
CA GLY C 60 42.10 -10.83 -39.92
C GLY C 60 42.16 -9.42 -40.47
N GLN C 61 41.60 -9.17 -41.65
CA GLN C 61 41.59 -7.82 -42.21
C GLN C 61 40.65 -6.93 -41.42
N ARG C 62 41.03 -5.67 -41.26
CA ARG C 62 40.19 -4.71 -40.55
C ARG C 62 38.96 -4.38 -41.37
N VAL C 63 37.79 -4.41 -40.73
CA VAL C 63 36.54 -4.08 -41.39
C VAL C 63 35.91 -2.82 -40.82
N GLY C 64 36.10 -2.52 -39.54
CA GLY C 64 35.56 -1.32 -38.96
C GLY C 64 36.45 -0.71 -37.89
N GLU C 65 36.82 0.55 -38.06
CA GLU C 65 37.67 1.23 -37.09
C GLU C 65 36.86 1.62 -35.85
N PRO C 66 37.51 1.67 -34.69
CA PRO C 66 36.80 2.10 -33.48
C PRO C 66 36.44 3.58 -33.53
N ASN C 67 35.37 3.93 -32.81
CA ASN C 67 34.90 5.31 -32.68
C ASN C 67 34.75 5.60 -31.19
N GLY C 68 35.83 6.08 -30.58
CA GLY C 68 35.86 6.39 -29.17
C GLY C 68 36.81 5.50 -28.41
N PHE C 69 36.95 5.80 -27.12
CA PHE C 69 37.84 5.03 -26.26
C PHE C 69 37.28 3.63 -26.02
N VAL C 70 36.01 3.54 -25.65
CA VAL C 70 35.37 2.23 -25.38
C VAL C 70 34.76 1.78 -26.70
N SER C 71 35.60 1.16 -27.53
CA SER C 71 35.19 0.58 -28.81
C SER C 71 36.33 -0.32 -29.29
N VAL C 72 35.98 -1.29 -30.12
CA VAL C 72 36.94 -2.32 -30.51
C VAL C 72 36.83 -2.59 -32.01
N PRO C 73 37.96 -2.80 -32.71
CA PRO C 73 37.86 -3.13 -34.14
C PRO C 73 37.24 -4.49 -34.36
N VAL C 74 36.65 -4.65 -35.55
CA VAL C 74 35.98 -5.89 -35.95
C VAL C 74 36.71 -6.45 -37.16
N HIS C 75 37.11 -7.73 -37.07
CA HIS C 75 37.89 -8.38 -38.11
C HIS C 75 37.01 -9.37 -38.89
N ALA C 76 37.39 -9.62 -40.13
CA ALA C 76 36.69 -10.58 -40.97
C ALA C 76 37.07 -11.99 -40.57
N SER C 77 36.05 -12.85 -40.40
CA SER C 77 36.30 -14.20 -39.93
C SER C 77 36.87 -15.11 -41.01
N VAL C 78 36.42 -14.97 -42.25
CA VAL C 78 36.84 -15.84 -43.34
C VAL C 78 37.11 -15.01 -44.58
N SER C 79 38.15 -15.41 -45.31
CA SER C 79 38.56 -14.73 -46.54
C SER C 79 37.51 -14.94 -47.62
N GLY C 80 37.21 -13.87 -48.35
CA GLY C 80 36.22 -13.97 -49.42
C GLY C 80 35.93 -12.63 -50.02
N LYS C 81 34.89 -12.59 -50.85
CA LYS C 81 34.46 -11.38 -51.54
C LYS C 81 33.20 -10.85 -50.88
N VAL C 82 33.22 -9.58 -50.50
CA VAL C 82 32.04 -8.94 -49.93
C VAL C 82 31.02 -8.69 -51.02
N ILE C 83 29.77 -9.06 -50.76
CA ILE C 83 28.70 -8.92 -51.75
C ILE C 83 27.65 -7.89 -51.36
N ALA C 84 27.57 -7.49 -50.10
CA ALA C 84 26.59 -6.48 -49.70
C ALA C 84 26.98 -5.88 -48.36
N VAL C 85 26.70 -4.59 -48.21
CA VAL C 85 26.83 -3.85 -46.96
C VAL C 85 25.47 -3.22 -46.69
N GLU C 86 24.76 -3.74 -45.69
CA GLU C 86 23.38 -3.31 -45.50
C GLU C 86 22.94 -3.58 -44.06
N GLU C 87 21.69 -3.22 -43.77
CA GLU C 87 21.12 -3.52 -42.47
C GLU C 87 20.59 -4.94 -42.44
N ARG C 88 20.98 -5.70 -41.43
CA ARG C 88 20.66 -7.12 -41.32
C ARG C 88 20.17 -7.42 -39.92
N PRO C 89 19.44 -8.51 -39.73
CA PRO C 89 18.91 -8.83 -38.39
C PRO C 89 20.00 -9.03 -37.36
N HIS C 90 19.67 -8.71 -36.12
CA HIS C 90 20.61 -8.67 -35.01
C HIS C 90 20.08 -9.53 -33.87
N ALA C 91 21.00 -9.97 -33.00
CA ALA C 91 20.61 -10.83 -31.89
C ALA C 91 19.74 -10.10 -30.87
N SER C 92 19.75 -8.78 -30.86
CA SER C 92 18.94 -7.99 -29.95
C SER C 92 17.52 -7.76 -30.47
N GLY C 93 17.20 -8.25 -31.66
CA GLY C 93 15.89 -8.10 -32.25
C GLY C 93 15.76 -6.97 -33.23
N ASP C 94 16.69 -6.01 -33.22
CA ASP C 94 16.65 -4.88 -34.13
C ASP C 94 17.37 -5.26 -35.43
N ARG C 95 17.59 -4.27 -36.29
CA ARG C 95 18.36 -4.45 -37.52
C ARG C 95 19.54 -3.49 -37.47
N VAL C 96 20.74 -4.02 -37.71
CA VAL C 96 21.95 -3.23 -37.53
C VAL C 96 22.77 -3.21 -38.82
N MET C 97 23.62 -2.19 -38.91
CA MET C 97 24.58 -2.09 -40.00
C MET C 97 25.51 -3.30 -39.98
N SER C 98 25.72 -3.92 -41.14
CA SER C 98 26.52 -5.13 -41.19
C SER C 98 27.05 -5.34 -42.60
N VAL C 99 28.05 -6.21 -42.69
CA VAL C 99 28.69 -6.58 -43.95
C VAL C 99 28.46 -8.07 -44.16
N VAL C 100 27.79 -8.43 -45.25
CA VAL C 100 27.65 -9.84 -45.60
C VAL C 100 28.70 -10.17 -46.64
N ILE C 101 29.24 -11.38 -46.57
CA ILE C 101 30.37 -11.74 -47.42
C ILE C 101 30.41 -13.24 -47.67
N GLU C 102 30.51 -13.63 -48.94
CA GLU C 102 30.74 -15.01 -49.32
C GLU C 102 32.24 -15.29 -49.34
N SER C 103 32.60 -16.54 -49.09
CA SER C 103 34.00 -16.91 -48.92
C SER C 103 34.63 -17.35 -50.24
N ASP C 104 35.95 -17.23 -50.30
CA ASP C 104 36.69 -17.63 -51.50
C ASP C 104 36.61 -19.14 -51.70
N GLY C 105 37.12 -19.91 -50.74
CA GLY C 105 37.09 -21.36 -50.85
C GLY C 105 38.37 -22.04 -50.42
N LEU C 106 39.43 -21.26 -50.19
CA LEU C 106 40.72 -21.82 -49.82
C LEU C 106 41.31 -21.24 -48.54
N ASP C 107 40.67 -20.22 -47.95
CA ASP C 107 41.04 -19.68 -46.63
C ASP C 107 42.47 -19.15 -46.63
N THR C 108 42.71 -18.12 -47.45
CA THR C 108 44.02 -17.48 -47.49
C THR C 108 44.16 -16.47 -46.36
N ILE C 109 45.27 -16.54 -45.63
CA ILE C 109 45.49 -15.72 -44.46
C ILE C 109 46.18 -14.43 -44.86
N ASP C 110 46.07 -13.43 -44.00
CA ASP C 110 46.69 -12.14 -44.25
C ASP C 110 48.20 -12.22 -44.07
N PRO C 111 49.00 -11.84 -45.06
CA PRO C 111 50.46 -11.87 -44.88
C PRO C 111 50.97 -10.92 -43.81
N SER C 112 50.21 -9.87 -43.45
CA SER C 112 50.65 -8.91 -42.46
C SER C 112 50.57 -9.45 -41.03
N ILE C 113 49.91 -10.58 -40.82
CA ILE C 113 49.76 -11.13 -39.48
C ILE C 113 51.04 -11.85 -39.09
N LYS C 114 51.62 -11.46 -37.96
CA LYS C 114 52.84 -12.06 -37.44
C LYS C 114 52.70 -12.32 -35.95
N PRO C 115 53.42 -13.31 -35.42
CA PRO C 115 53.39 -13.55 -33.97
C PRO C 115 53.98 -12.37 -33.21
N TYR C 116 53.44 -12.14 -32.02
CA TYR C 116 53.82 -11.00 -31.20
C TYR C 116 55.05 -11.26 -30.34
N GLY C 117 55.50 -12.51 -30.21
CA GLY C 117 56.67 -12.85 -29.43
C GLY C 117 56.34 -13.81 -28.30
N THR C 118 57.05 -13.64 -27.19
CA THR C 118 56.90 -14.50 -26.01
C THR C 118 56.41 -13.67 -24.83
N LEU C 119 56.37 -14.31 -23.65
CA LEU C 119 55.89 -13.63 -22.46
C LEU C 119 56.89 -12.60 -21.95
N GLU C 120 58.19 -12.92 -22.00
CA GLU C 120 59.21 -12.04 -21.46
C GLU C 120 59.54 -10.88 -22.39
N ASP C 121 59.09 -10.91 -23.64
CA ASP C 121 59.36 -9.86 -24.60
C ASP C 121 58.24 -8.82 -24.62
N MET C 122 57.16 -9.06 -23.89
CA MET C 122 55.91 -8.32 -24.05
C MET C 122 55.64 -7.55 -22.75
N ASP C 123 55.65 -6.22 -22.82
CA ASP C 123 55.41 -5.38 -21.66
C ASP C 123 53.97 -4.87 -21.68
N ALA C 124 53.60 -4.13 -20.61
CA ALA C 124 52.20 -3.83 -20.33
C ALA C 124 51.56 -2.99 -21.43
N ASP C 125 52.26 -1.96 -21.89
CA ASP C 125 51.73 -1.11 -22.96
C ASP C 125 51.54 -1.91 -24.24
N ALA C 126 52.52 -2.76 -24.57
CA ALA C 126 52.38 -3.61 -25.76
C ALA C 126 51.27 -4.64 -25.58
N ILE C 127 51.07 -5.15 -24.36
CA ILE C 127 49.98 -6.09 -24.13
C ILE C 127 48.63 -5.41 -24.35
N LYS C 128 48.48 -4.18 -23.84
CA LYS C 128 47.24 -3.44 -24.06
C LYS C 128 47.03 -3.14 -25.55
N LYS C 129 48.11 -2.78 -26.25
CA LYS C 129 48.00 -2.51 -27.69
C LYS C 129 47.62 -3.78 -28.46
N MET C 130 48.19 -4.92 -28.08
CA MET C 130 47.85 -6.18 -28.75
C MET C 130 46.41 -6.59 -28.45
N VAL C 131 45.95 -6.37 -27.22
CA VAL C 131 44.57 -6.69 -26.87
C VAL C 131 43.60 -5.82 -27.68
N LEU C 132 43.90 -4.54 -27.80
CA LEU C 132 43.06 -3.66 -28.61
C LEU C 132 43.09 -4.07 -30.08
N ASN C 133 44.28 -4.40 -30.60
CA ASN C 133 44.42 -4.73 -32.01
C ASN C 133 43.77 -6.06 -32.36
N ALA C 134 43.83 -7.03 -31.45
CA ALA C 134 43.31 -8.36 -31.72
C ALA C 134 41.77 -8.41 -31.72
N GLY C 135 41.11 -7.34 -31.30
CA GLY C 135 39.66 -7.35 -31.26
C GLY C 135 39.07 -8.27 -30.22
N ILE C 136 39.68 -8.33 -29.04
CA ILE C 136 39.24 -9.24 -27.98
C ILE C 136 38.29 -8.50 -27.06
N VAL C 137 37.10 -9.08 -26.87
CA VAL C 137 36.08 -8.50 -25.99
C VAL C 137 35.78 -9.48 -24.87
N GLY C 138 34.86 -9.10 -23.99
CA GLY C 138 34.44 -9.98 -22.92
C GLY C 138 33.60 -11.15 -23.41
N LEU C 139 34.16 -12.35 -23.35
CA LEU C 139 33.45 -13.54 -23.82
C LEU C 139 32.46 -14.09 -22.79
N GLY C 140 32.32 -13.42 -21.64
CA GLY C 140 31.39 -13.84 -20.63
C GLY C 140 29.95 -13.41 -20.84
N GLY C 141 29.66 -12.70 -21.92
CA GLY C 141 28.31 -12.31 -22.23
C GLY C 141 28.10 -10.82 -22.41
N ALA C 142 28.80 -10.02 -21.62
CA ALA C 142 28.64 -8.57 -21.68
C ALA C 142 29.32 -7.95 -22.88
N THR C 143 30.28 -8.64 -23.50
CA THR C 143 31.04 -8.14 -24.65
C THR C 143 31.74 -6.82 -24.37
N PHE C 144 32.10 -6.58 -23.12
CA PHE C 144 32.86 -5.39 -22.78
C PHE C 144 34.29 -5.52 -23.28
N PRO C 145 34.88 -4.46 -23.83
CA PRO C 145 36.26 -4.54 -24.31
C PRO C 145 37.24 -4.86 -23.19
N THR C 146 38.22 -5.71 -23.50
CA THR C 146 39.20 -6.12 -22.51
C THR C 146 40.26 -5.04 -22.27
N HIS C 147 40.64 -4.31 -23.31
CA HIS C 147 41.67 -3.28 -23.16
C HIS C 147 41.22 -2.14 -22.25
N VAL C 148 39.91 -1.91 -22.12
CA VAL C 148 39.43 -0.93 -21.16
C VAL C 148 39.62 -1.44 -19.74
N LYS C 149 39.32 -2.72 -19.50
CA LYS C 149 39.51 -3.30 -18.18
C LYS C 149 40.97 -3.35 -17.79
N LEU C 150 41.86 -3.67 -18.75
CA LEU C 150 43.27 -3.78 -18.44
C LEU C 150 43.94 -2.44 -18.19
N ALA C 151 43.31 -1.34 -18.62
CA ALA C 151 43.85 0.00 -18.40
C ALA C 151 43.23 0.55 -17.12
N ILE C 152 43.83 0.24 -15.99
CA ILE C 152 43.33 0.65 -14.68
C ILE C 152 43.62 2.14 -14.50
N PRO C 153 42.75 2.88 -13.82
CA PRO C 153 43.06 4.29 -13.54
C PRO C 153 44.16 4.41 -12.51
N PRO C 154 44.93 5.51 -12.53
CA PRO C 154 46.00 5.67 -11.54
C PRO C 154 45.50 5.88 -10.13
N ASP C 155 44.25 6.32 -9.95
CA ASP C 155 43.72 6.60 -8.63
C ASP C 155 43.19 5.36 -7.91
N LYS C 156 43.15 4.22 -8.59
CA LYS C 156 42.64 2.98 -8.00
C LYS C 156 43.77 1.97 -7.88
N LYS C 157 43.86 1.31 -6.73
CA LYS C 157 44.88 0.30 -6.48
C LYS C 157 44.26 -1.08 -6.60
N VAL C 158 44.93 -1.96 -7.33
CA VAL C 158 44.48 -3.33 -7.53
C VAL C 158 45.61 -4.28 -7.13
N ASP C 159 45.24 -5.42 -6.56
CA ASP C 159 46.25 -6.36 -6.07
C ASP C 159 46.12 -7.78 -6.62
N CYS C 160 45.03 -8.14 -7.29
CA CYS C 160 44.91 -9.50 -7.78
C CYS C 160 44.02 -9.57 -9.01
N VAL C 161 44.25 -10.64 -9.79
CA VAL C 161 43.49 -10.92 -11.00
C VAL C 161 42.76 -12.24 -10.80
N VAL C 162 41.45 -12.24 -11.05
CA VAL C 162 40.59 -13.38 -10.82
C VAL C 162 40.02 -13.85 -12.16
N LEU C 163 40.27 -15.11 -12.49
CA LEU C 163 39.65 -15.75 -13.65
C LEU C 163 38.33 -16.38 -13.24
N ASN C 164 37.32 -16.20 -14.08
CA ASN C 164 35.96 -16.64 -13.81
C ASN C 164 35.67 -17.86 -14.68
N GLY C 165 36.02 -19.04 -14.17
CA GLY C 165 35.76 -20.29 -14.83
C GLY C 165 34.53 -21.03 -14.32
N ALA C 166 33.65 -20.35 -13.58
CA ALA C 166 32.49 -20.98 -12.95
C ALA C 166 31.26 -20.72 -13.82
N GLU C 167 30.89 -21.69 -14.64
CA GLU C 167 29.66 -21.60 -15.43
C GLU C 167 28.48 -21.98 -14.53
N CYS C 168 27.81 -20.97 -13.98
CA CYS C 168 26.69 -21.23 -13.09
C CYS C 168 25.41 -21.58 -13.83
N GLU C 169 25.36 -21.40 -15.16
CA GLU C 169 24.13 -21.65 -15.90
C GLU C 169 23.96 -23.12 -16.26
N PRO C 170 22.73 -23.59 -16.37
CA PRO C 170 22.49 -24.92 -16.93
C PRO C 170 22.73 -24.94 -18.43
N TYR C 171 22.93 -26.15 -18.95
CA TYR C 171 23.03 -26.51 -20.36
C TYR C 171 24.31 -26.03 -21.04
N LEU C 172 25.16 -25.27 -20.35
CA LEU C 172 26.33 -24.65 -20.98
C LEU C 172 27.59 -25.33 -20.48
N THR C 173 28.29 -26.02 -21.39
CA THR C 173 29.53 -26.72 -21.06
C THR C 173 30.67 -26.32 -21.98
N ALA C 174 30.69 -25.07 -22.44
CA ALA C 174 31.79 -24.61 -23.29
C ALA C 174 33.08 -24.43 -22.50
N ASP C 175 32.98 -23.76 -21.34
CA ASP C 175 34.17 -23.50 -20.54
C ASP C 175 34.73 -24.79 -19.96
N HIS C 176 33.88 -25.78 -19.68
CA HIS C 176 34.38 -27.06 -19.19
C HIS C 176 35.34 -27.68 -20.20
N HIS C 177 34.93 -27.73 -21.47
CA HIS C 177 35.82 -28.25 -22.51
C HIS C 177 37.02 -27.36 -22.72
N LEU C 178 36.86 -26.04 -22.55
CA LEU C 178 37.99 -25.14 -22.75
C LEU C 178 39.09 -25.35 -21.72
N MET C 179 38.74 -25.43 -20.44
CA MET C 179 39.76 -25.70 -19.43
C MET C 179 40.20 -27.16 -19.43
N THR C 180 39.38 -28.06 -19.97
CA THR C 180 39.82 -29.45 -20.08
C THR C 180 40.88 -29.63 -21.16
N SER C 181 40.74 -28.90 -22.27
CA SER C 181 41.64 -29.10 -23.41
C SER C 181 42.75 -28.06 -23.51
N GLN C 182 42.53 -26.83 -23.06
CA GLN C 182 43.46 -25.74 -23.29
C GLN C 182 43.82 -25.06 -21.97
N ALA C 183 44.20 -25.86 -20.97
CA ALA C 183 44.55 -25.30 -19.66
C ALA C 183 45.83 -24.47 -19.73
N GLU C 184 46.80 -24.88 -20.56
CA GLU C 184 48.05 -24.14 -20.67
C GLU C 184 47.80 -22.75 -21.23
N LYS C 185 46.91 -22.62 -22.21
CA LYS C 185 46.57 -21.31 -22.75
C LYS C 185 45.90 -20.44 -21.70
N VAL C 186 45.05 -21.03 -20.86
CA VAL C 186 44.41 -20.27 -19.79
C VAL C 186 45.46 -19.75 -18.81
N VAL C 187 46.42 -20.60 -18.44
CA VAL C 187 47.48 -20.18 -17.54
C VAL C 187 48.31 -19.06 -18.16
N MET C 188 48.66 -19.20 -19.44
CA MET C 188 49.44 -18.17 -20.12
C MET C 188 48.68 -16.85 -20.20
N GLY C 189 47.37 -16.92 -20.48
CA GLY C 189 46.58 -15.70 -20.52
C GLY C 189 46.47 -15.03 -19.16
N LEU C 190 46.34 -15.83 -18.10
CA LEU C 190 46.32 -15.28 -16.75
C LEU C 190 47.64 -14.59 -16.42
N LYS C 191 48.77 -15.22 -16.80
CA LYS C 191 50.07 -14.61 -16.57
C LYS C 191 50.22 -13.31 -17.35
N LEU C 192 49.76 -13.30 -18.60
CA LEU C 192 49.83 -12.10 -19.42
C LEU C 192 49.00 -10.97 -18.82
N ALA C 193 47.79 -11.27 -18.36
CA ALA C 193 46.94 -10.25 -17.76
C ALA C 193 47.55 -9.74 -16.46
N MET C 194 48.14 -10.63 -15.65
CA MET C 194 48.75 -10.20 -14.40
C MET C 194 49.97 -9.32 -14.66
N LYS C 195 50.73 -9.63 -15.71
CA LYS C 195 51.86 -8.78 -16.07
C LYS C 195 51.39 -7.43 -16.61
N SER C 196 50.28 -7.42 -17.34
CA SER C 196 49.76 -6.18 -17.90
C SER C 196 49.23 -5.25 -16.81
N VAL C 197 48.47 -5.79 -15.86
CA VAL C 197 47.94 -4.97 -14.79
C VAL C 197 49.06 -4.51 -13.86
N GLY C 198 49.99 -5.40 -13.55
CA GLY C 198 51.09 -5.06 -12.67
C GLY C 198 50.84 -5.53 -11.24
N VAL C 199 50.39 -6.77 -11.10
CA VAL C 199 50.06 -7.33 -9.79
C VAL C 199 50.86 -8.60 -9.59
N GLU C 200 50.64 -9.27 -8.45
CA GLU C 200 51.37 -10.49 -8.14
C GLU C 200 50.49 -11.64 -7.66
N LYS C 201 49.17 -11.45 -7.57
CA LYS C 201 48.27 -12.48 -7.08
C LYS C 201 47.25 -12.86 -8.15
N GLY C 202 47.08 -14.15 -8.35
CA GLY C 202 46.11 -14.65 -9.31
C GLY C 202 45.27 -15.78 -8.77
N PHE C 203 43.95 -15.68 -8.92
CA PHE C 203 43.02 -16.69 -8.45
C PHE C 203 42.17 -17.16 -9.61
N ILE C 204 41.70 -18.41 -9.53
CA ILE C 204 40.82 -18.99 -10.53
C ILE C 204 39.61 -19.57 -9.81
N GLY C 205 38.41 -19.19 -10.26
CA GLY C 205 37.19 -19.67 -9.64
C GLY C 205 36.52 -20.79 -10.43
N VAL C 206 36.67 -22.02 -9.97
CA VAL C 206 36.12 -23.19 -10.64
C VAL C 206 35.17 -23.90 -9.69
N GLU C 207 33.99 -24.25 -10.18
CA GLU C 207 33.04 -25.01 -9.37
C GLU C 207 33.56 -26.42 -9.14
N ASP C 208 33.13 -27.03 -8.05
CA ASP C 208 33.66 -28.33 -7.64
C ASP C 208 33.10 -29.49 -8.45
N ASN C 209 32.04 -29.28 -9.23
CA ASN C 209 31.47 -30.38 -10.00
C ASN C 209 32.36 -30.80 -11.16
N LYS C 210 33.23 -29.93 -11.63
CA LYS C 210 34.16 -30.25 -12.72
C LYS C 210 35.53 -30.56 -12.11
N THR C 211 35.67 -31.79 -11.61
CA THR C 211 36.93 -32.19 -10.99
C THR C 211 38.03 -32.38 -12.03
N ASP C 212 37.67 -32.80 -13.25
CA ASP C 212 38.66 -32.95 -14.30
C ASP C 212 39.28 -31.60 -14.67
N ALA C 213 38.47 -30.55 -14.72
CA ALA C 213 39.01 -29.21 -14.95
C ALA C 213 39.94 -28.78 -13.83
N ILE C 214 39.60 -29.12 -12.59
CA ILE C 214 40.46 -28.79 -11.45
C ILE C 214 41.81 -29.50 -11.58
N GLU C 215 41.78 -30.79 -11.92
CA GLU C 215 43.02 -31.54 -12.07
C GLU C 215 43.86 -31.01 -13.22
N ALA C 216 43.21 -30.66 -14.34
CA ALA C 216 43.94 -30.12 -15.48
C ALA C 216 44.57 -28.78 -15.14
N LEU C 217 43.84 -27.90 -14.44
CA LEU C 217 44.39 -26.62 -14.04
C LEU C 217 45.55 -26.78 -13.06
N VAL C 218 45.42 -27.71 -12.12
CA VAL C 218 46.50 -27.96 -11.16
C VAL C 218 47.74 -28.47 -11.87
N LYS C 219 47.57 -29.38 -12.84
CA LYS C 219 48.69 -29.87 -13.62
C LYS C 219 49.32 -28.75 -14.45
N ALA C 220 48.51 -27.86 -15.00
CA ALA C 220 49.04 -26.79 -15.85
C ALA C 220 49.75 -25.72 -15.04
N ILE C 221 49.33 -25.48 -13.80
CA ILE C 221 49.97 -24.47 -12.97
C ILE C 221 51.41 -24.86 -12.65
N GLY C 222 51.63 -26.12 -12.28
CA GLY C 222 52.97 -26.59 -11.98
C GLY C 222 53.35 -26.29 -10.54
N ASN C 223 54.50 -25.64 -10.36
CA ASN C 223 55.02 -25.30 -9.04
C ASN C 223 54.98 -23.79 -8.78
N ASP C 224 54.16 -23.05 -9.51
CA ASP C 224 54.06 -21.61 -9.34
C ASP C 224 53.16 -21.31 -8.14
N SER C 225 53.75 -20.75 -7.08
CA SER C 225 53.00 -20.42 -5.88
C SER C 225 52.27 -19.09 -5.99
N ARG C 226 52.52 -18.31 -7.05
CA ARG C 226 51.86 -17.03 -7.21
C ARG C 226 50.43 -17.17 -7.74
N LEU C 227 50.05 -18.36 -8.20
CA LEU C 227 48.71 -18.61 -8.74
C LEU C 227 48.04 -19.70 -7.92
N GLU C 228 46.76 -19.48 -7.60
CA GLU C 228 45.99 -20.42 -6.80
C GLU C 228 44.67 -20.73 -7.50
N VAL C 229 44.12 -21.91 -7.19
CA VAL C 229 42.86 -22.38 -7.77
C VAL C 229 41.89 -22.66 -6.64
N TYR C 230 40.66 -22.16 -6.77
CA TYR C 230 39.63 -22.28 -5.74
C TYR C 230 38.51 -23.19 -6.25
N SER C 231 38.11 -24.15 -5.43
CA SER C 231 36.99 -25.02 -5.75
C SER C 231 35.75 -24.52 -5.02
N LEU C 232 34.78 -24.01 -5.77
CA LEU C 232 33.63 -23.33 -5.20
C LEU C 232 32.41 -24.27 -5.19
N HIS C 233 31.48 -24.00 -4.29
CA HIS C 233 30.27 -24.79 -4.19
C HIS C 233 29.39 -24.58 -5.43
N THR C 234 28.81 -25.68 -5.92
CA THR C 234 28.00 -25.63 -7.14
C THR C 234 26.69 -24.91 -6.84
N LYS C 235 26.53 -23.72 -7.41
CA LYS C 235 25.39 -22.87 -7.09
C LYS C 235 25.17 -21.88 -8.22
N TYR C 236 24.00 -21.24 -8.21
CA TYR C 236 23.67 -20.16 -9.11
C TYR C 236 23.15 -19.01 -8.26
N PRO C 237 23.59 -17.76 -8.50
CA PRO C 237 24.46 -17.24 -9.57
C PRO C 237 25.93 -17.14 -9.19
N GLN C 238 26.55 -18.24 -8.70
CA GLN C 238 27.93 -18.21 -8.22
C GLN C 238 28.91 -17.67 -9.27
N GLY C 239 28.61 -17.85 -10.55
CA GLY C 239 29.50 -17.36 -11.58
C GLY C 239 29.50 -15.86 -11.77
N ALA C 240 28.60 -15.14 -11.10
CA ALA C 240 28.52 -13.70 -11.26
C ALA C 240 29.77 -13.02 -10.72
N GLU C 241 29.96 -11.77 -11.13
CA GLU C 241 31.18 -11.04 -10.80
C GLU C 241 31.27 -10.73 -9.31
N LYS C 242 30.23 -10.10 -8.76
CA LYS C 242 30.24 -9.74 -7.35
C LYS C 242 30.25 -10.96 -6.45
N GLN C 243 29.49 -12.00 -6.80
CA GLN C 243 29.46 -13.20 -5.98
C GLN C 243 30.78 -13.95 -6.01
N LEU C 244 31.41 -14.02 -7.18
CA LEU C 244 32.73 -14.66 -7.26
C LEU C 244 33.76 -13.87 -6.47
N ILE C 245 33.69 -12.53 -6.52
CA ILE C 245 34.66 -11.73 -5.79
C ILE C 245 34.46 -11.87 -4.29
N ALA C 246 33.21 -11.92 -3.84
CA ALA C 246 32.93 -12.14 -2.43
C ALA C 246 33.34 -13.54 -1.98
N ALA C 247 33.21 -14.54 -2.87
CA ALA C 247 33.58 -15.90 -2.48
C ALA C 247 35.08 -16.09 -2.42
N ILE C 248 35.82 -15.53 -3.38
CA ILE C 248 37.26 -15.79 -3.46
C ILE C 248 38.03 -14.90 -2.51
N THR C 249 37.97 -13.58 -2.73
CA THR C 249 38.77 -12.64 -1.96
C THR C 249 38.14 -12.29 -0.62
N GLY C 250 36.82 -12.37 -0.50
CA GLY C 250 36.13 -11.99 0.71
C GLY C 250 35.73 -10.53 0.79
N ARG C 251 36.15 -9.70 -0.16
CA ARG C 251 35.76 -8.30 -0.20
C ARG C 251 34.39 -8.16 -0.88
N GLU C 252 33.76 -7.03 -0.62
CA GLU C 252 32.47 -6.70 -1.20
C GLU C 252 32.60 -5.47 -2.08
N VAL C 253 32.13 -5.56 -3.31
CA VAL C 253 32.15 -4.40 -4.21
C VAL C 253 31.13 -3.39 -3.75
N PRO C 254 31.50 -2.12 -3.55
CA PRO C 254 30.53 -1.12 -3.07
C PRO C 254 29.43 -0.88 -4.08
N SER C 255 28.27 -0.44 -3.58
CA SER C 255 27.11 -0.23 -4.42
C SER C 255 27.37 0.90 -5.43
N GLY C 256 27.03 0.64 -6.68
CA GLY C 256 27.26 1.62 -7.73
C GLY C 256 28.70 1.80 -8.12
N ALA C 257 29.56 0.84 -7.81
CA ALA C 257 30.99 0.93 -8.09
C ALA C 257 31.41 -0.20 -9.02
N LEU C 258 32.72 -0.32 -9.22
CA LEU C 258 33.33 -1.30 -10.09
C LEU C 258 34.33 -2.14 -9.30
N PRO C 259 34.71 -3.31 -9.81
CA PRO C 259 35.71 -4.13 -9.11
C PRO C 259 37.07 -3.46 -8.96
N ALA C 260 37.37 -2.43 -9.77
CA ALA C 260 38.60 -1.68 -9.56
C ALA C 260 38.61 -0.98 -8.21
N ASP C 261 37.44 -0.64 -7.67
CA ASP C 261 37.37 -0.09 -6.32
C ASP C 261 37.68 -1.15 -5.27
N ALA C 262 37.37 -2.41 -5.55
CA ALA C 262 37.66 -3.49 -4.62
C ALA C 262 39.10 -4.02 -4.75
N GLY C 263 39.87 -3.50 -5.68
CA GLY C 263 41.24 -3.94 -5.85
C GLY C 263 41.43 -5.19 -6.66
N VAL C 264 40.44 -5.56 -7.48
CA VAL C 264 40.46 -6.82 -8.22
C VAL C 264 40.24 -6.53 -9.70
N VAL C 265 40.82 -7.39 -10.53
CA VAL C 265 40.55 -7.38 -11.97
C VAL C 265 40.08 -8.76 -12.37
N VAL C 266 38.83 -8.88 -12.79
CA VAL C 266 38.21 -10.16 -13.08
C VAL C 266 38.03 -10.30 -14.59
N MET C 267 38.42 -11.45 -15.13
CA MET C 267 38.24 -11.75 -16.54
C MET C 267 37.72 -13.17 -16.71
N ASN C 268 36.99 -13.40 -17.81
CA ASN C 268 36.56 -14.75 -18.14
C ASN C 268 37.77 -15.60 -18.55
N VAL C 269 37.60 -16.93 -18.39
CA VAL C 269 38.63 -17.87 -18.82
C VAL C 269 38.81 -17.83 -20.33
N GLY C 270 37.71 -17.73 -21.07
CA GLY C 270 37.79 -17.67 -22.52
C GLY C 270 38.53 -16.46 -23.03
N THR C 271 38.38 -15.32 -22.34
CA THR C 271 39.11 -14.12 -22.71
C THR C 271 40.61 -14.32 -22.56
N ALA C 272 41.04 -14.95 -21.46
CA ALA C 272 42.46 -15.22 -21.25
C ALA C 272 42.98 -16.21 -22.28
N ALA C 273 42.19 -17.23 -22.61
CA ALA C 273 42.60 -18.19 -23.62
C ALA C 273 42.77 -17.52 -24.98
N GLN C 274 41.84 -16.62 -25.33
CA GLN C 274 41.95 -15.89 -26.60
C GLN C 274 43.16 -14.97 -26.60
N ILE C 275 43.44 -14.33 -25.46
CA ILE C 275 44.62 -13.47 -25.36
C ILE C 275 45.89 -14.27 -25.58
N ALA C 276 45.98 -15.45 -24.96
CA ALA C 276 47.15 -16.29 -25.15
C ALA C 276 47.27 -16.79 -26.59
N GLU C 277 46.12 -17.16 -27.20
CA GLU C 277 46.14 -17.60 -28.59
C GLU C 277 46.59 -16.50 -29.53
N SER C 278 46.11 -15.27 -29.31
CA SER C 278 46.53 -14.15 -30.15
C SER C 278 47.99 -13.78 -29.91
N MET C 279 48.50 -13.95 -28.69
CA MET C 279 49.93 -13.73 -28.46
C MET C 279 50.76 -14.79 -29.17
N ILE C 280 50.30 -16.03 -29.17
CA ILE C 280 51.08 -17.11 -29.78
C ILE C 280 51.08 -16.99 -31.30
N THR C 281 49.90 -16.80 -31.90
CA THR C 281 49.76 -16.89 -33.35
C THR C 281 49.63 -15.54 -34.04
N GLY C 282 49.04 -14.53 -33.39
CA GLY C 282 48.81 -13.25 -34.01
C GLY C 282 47.46 -13.08 -34.67
N LEU C 283 46.68 -14.14 -34.79
CA LEU C 283 45.36 -14.05 -35.39
C LEU C 283 44.37 -13.39 -34.43
N PRO C 284 43.41 -12.63 -34.95
CA PRO C 284 42.42 -11.98 -34.08
C PRO C 284 41.35 -12.95 -33.59
N LEU C 285 40.35 -12.44 -32.88
CA LEU C 285 39.26 -13.26 -32.36
C LEU C 285 38.26 -13.51 -33.48
N TYR C 286 38.21 -14.74 -33.99
CA TYR C 286 37.23 -15.11 -35.00
C TYR C 286 36.63 -16.49 -34.78
N LYS C 287 36.99 -17.19 -33.72
CA LYS C 287 36.45 -18.50 -33.41
C LYS C 287 35.96 -18.52 -31.96
N ARG C 288 34.97 -19.37 -31.68
CA ARG C 288 34.45 -19.48 -30.33
C ARG C 288 33.89 -20.87 -30.11
N TYR C 289 34.04 -21.37 -28.89
CA TYR C 289 33.43 -22.64 -28.49
C TYR C 289 31.96 -22.39 -28.15
N LEU C 290 31.07 -22.87 -29.01
CA LEU C 290 29.64 -22.61 -28.89
C LEU C 290 28.92 -23.94 -28.70
N THR C 291 28.03 -24.00 -27.72
CA THR C 291 27.27 -25.21 -27.43
C THR C 291 25.82 -25.06 -27.88
N CYS C 292 25.34 -26.07 -28.60
CA CYS C 292 23.95 -26.12 -29.06
C CYS C 292 23.25 -27.25 -28.32
N THR C 293 22.13 -26.92 -27.68
CA THR C 293 21.46 -27.87 -26.81
C THR C 293 19.97 -27.53 -26.71
N GLY C 294 19.27 -28.24 -25.84
CA GLY C 294 17.83 -28.12 -25.74
C GLY C 294 17.16 -29.44 -26.09
N ASP C 295 15.86 -29.56 -25.80
CA ASP C 295 15.13 -30.77 -26.09
C ASP C 295 14.58 -30.81 -27.51
N ALA C 296 14.82 -29.78 -28.32
CA ALA C 296 14.38 -29.74 -29.70
C ALA C 296 15.51 -30.00 -30.68
N ILE C 297 16.69 -30.41 -30.20
CA ILE C 297 17.86 -30.66 -31.04
C ILE C 297 18.15 -32.16 -31.02
N LYS C 298 18.40 -32.73 -32.20
CA LYS C 298 18.65 -34.16 -32.31
C LYS C 298 19.94 -34.56 -31.61
N ASN C 299 21.04 -33.86 -31.89
CA ASN C 299 22.35 -34.19 -31.35
C ASN C 299 22.99 -32.95 -30.75
N PRO C 300 22.62 -32.60 -29.50
CA PRO C 300 23.23 -31.44 -28.86
C PRO C 300 24.71 -31.69 -28.57
N GLN C 301 25.53 -30.67 -28.80
CA GLN C 301 26.96 -30.82 -28.64
C GLN C 301 27.61 -29.44 -28.60
N THR C 302 28.90 -29.43 -28.25
CA THR C 302 29.71 -28.22 -28.22
C THR C 302 30.71 -28.27 -29.36
N ILE C 303 30.71 -27.25 -30.21
CA ILE C 303 31.56 -27.22 -31.38
C ILE C 303 32.26 -25.87 -31.48
N GLU C 304 33.42 -25.87 -32.14
CA GLU C 304 34.08 -24.63 -32.49
C GLU C 304 33.41 -24.03 -33.72
N ILE C 305 33.01 -22.77 -33.63
CA ILE C 305 32.31 -22.10 -34.72
C ILE C 305 32.96 -20.75 -34.99
N ARG C 306 32.82 -20.28 -36.22
CA ARG C 306 33.34 -18.98 -36.59
C ARG C 306 32.38 -17.89 -36.12
N ILE C 307 32.72 -16.65 -36.44
CA ILE C 307 31.89 -15.50 -36.08
C ILE C 307 31.26 -14.96 -37.35
N GLY C 308 29.93 -14.88 -37.36
CA GLY C 308 29.17 -14.51 -38.53
C GLY C 308 28.34 -15.62 -39.13
N VAL C 309 28.52 -16.85 -38.68
CA VAL C 309 27.70 -17.96 -39.17
C VAL C 309 26.30 -17.83 -38.58
N PRO C 310 25.24 -17.89 -39.40
CA PRO C 310 23.89 -17.75 -38.85
C PRO C 310 23.48 -18.94 -38.00
N PHE C 311 22.42 -18.74 -37.22
CA PHE C 311 21.92 -19.79 -36.32
C PHE C 311 21.45 -21.01 -37.09
N GLN C 312 20.89 -20.80 -38.29
CA GLN C 312 20.34 -21.93 -39.05
C GLN C 312 21.44 -22.88 -39.49
N SER C 313 22.60 -22.36 -39.89
CA SER C 313 23.68 -23.22 -40.38
C SER C 313 24.24 -24.09 -39.27
N VAL C 314 24.49 -23.51 -38.09
CA VAL C 314 25.03 -24.29 -36.98
C VAL C 314 23.98 -25.26 -36.45
N ILE C 315 22.71 -24.86 -36.44
CA ILE C 315 21.64 -25.77 -36.04
C ILE C 315 21.56 -26.96 -36.99
N ASP C 316 21.67 -26.71 -38.30
CA ASP C 316 21.70 -27.79 -39.28
C ASP C 316 22.94 -28.65 -39.11
N GLN C 317 24.04 -28.06 -38.65
CA GLN C 317 25.25 -28.84 -38.39
C GLN C 317 25.06 -29.81 -37.22
N CYS C 318 24.19 -29.45 -36.26
CA CYS C 318 23.94 -30.28 -35.08
C CYS C 318 22.79 -31.25 -35.28
N GLY C 319 22.49 -31.63 -36.52
CA GLY C 319 21.45 -32.60 -36.80
C GLY C 319 20.09 -32.01 -37.10
N GLY C 320 19.88 -30.72 -36.86
CA GLY C 320 18.60 -30.10 -37.15
C GLY C 320 17.60 -30.28 -36.03
N PHE C 321 16.40 -29.75 -36.27
CA PHE C 321 15.33 -29.81 -35.29
C PHE C 321 14.70 -31.19 -35.27
N SER C 322 14.57 -31.76 -34.08
CA SER C 322 13.82 -33.01 -33.93
C SER C 322 12.31 -32.79 -34.00
N SER C 323 11.84 -31.66 -33.46
CA SER C 323 10.43 -31.30 -33.50
C SER C 323 10.36 -29.79 -33.78
N GLU C 324 9.17 -29.23 -33.60
CA GLU C 324 8.98 -27.80 -33.83
C GLU C 324 9.36 -27.02 -32.58
N PRO C 325 10.39 -26.17 -32.64
CA PRO C 325 10.78 -25.42 -31.45
C PRO C 325 9.74 -24.37 -31.07
N GLY C 326 9.66 -24.11 -29.76
CA GLY C 326 8.78 -23.08 -29.26
C GLY C 326 9.54 -21.87 -28.77
N LYS C 327 10.84 -22.03 -28.55
CA LYS C 327 11.70 -20.93 -28.14
C LYS C 327 13.12 -21.20 -28.63
N VAL C 328 13.73 -20.18 -29.23
CA VAL C 328 15.14 -20.23 -29.61
C VAL C 328 15.85 -19.14 -28.81
N ILE C 329 16.82 -19.55 -27.99
CA ILE C 329 17.48 -18.69 -27.03
C ILE C 329 18.96 -18.61 -27.37
N SER C 330 19.51 -17.40 -27.38
CA SER C 330 20.93 -17.18 -27.61
C SER C 330 21.60 -16.93 -26.27
N GLY C 331 21.90 -18.01 -25.56
CA GLY C 331 22.51 -17.95 -24.26
C GLY C 331 21.92 -19.00 -23.34
N GLY C 332 22.14 -18.81 -22.04
CA GLY C 332 21.62 -19.71 -21.05
C GLY C 332 20.14 -19.50 -20.81
N PRO C 333 19.50 -20.47 -20.14
CA PRO C 333 18.06 -20.32 -19.83
C PRO C 333 17.75 -19.14 -18.93
N MET C 334 18.67 -18.76 -18.04
CA MET C 334 18.40 -17.71 -17.07
C MET C 334 18.84 -16.33 -17.53
N MET C 335 19.65 -16.24 -18.58
CA MET C 335 20.17 -14.98 -19.09
C MET C 335 20.05 -14.80 -20.60
N GLY C 336 19.56 -15.80 -21.32
CA GLY C 336 19.52 -15.70 -22.76
C GLY C 336 18.47 -14.72 -23.26
N VAL C 337 18.65 -14.30 -24.50
CA VAL C 337 17.73 -13.39 -25.17
C VAL C 337 16.97 -14.19 -26.22
N THR C 338 15.65 -14.15 -26.14
CA THR C 338 14.82 -14.89 -27.09
C THR C 338 14.94 -14.27 -28.49
N GLN C 339 14.62 -15.10 -29.49
CA GLN C 339 14.85 -14.73 -30.87
C GLN C 339 13.54 -14.79 -31.66
N PHE C 340 13.48 -14.02 -32.74
CA PHE C 340 12.35 -14.00 -33.65
C PHE C 340 12.54 -14.93 -34.85
N VAL C 341 13.72 -14.89 -35.46
CA VAL C 341 14.03 -15.71 -36.63
C VAL C 341 15.41 -16.33 -36.44
N THR C 342 15.68 -17.38 -37.21
CA THR C 342 16.95 -18.10 -37.14
C THR C 342 17.90 -17.70 -38.27
N ASP C 343 17.85 -16.44 -38.70
CA ASP C 343 18.77 -15.91 -39.71
C ASP C 343 19.68 -14.85 -39.09
N ILE C 344 20.07 -15.07 -37.85
CA ILE C 344 20.85 -14.11 -37.07
C ILE C 344 22.25 -14.67 -36.88
N PRO C 345 23.29 -13.94 -37.25
CA PRO C 345 24.65 -14.46 -37.10
C PRO C 345 25.07 -14.56 -35.64
N VAL C 346 25.98 -15.50 -35.39
CA VAL C 346 26.52 -15.68 -34.04
C VAL C 346 27.43 -14.50 -33.69
N MET C 347 27.46 -14.17 -32.40
CA MET C 347 28.18 -13.01 -31.91
C MET C 347 29.53 -13.41 -31.35
N LYS C 348 30.27 -12.42 -30.84
CA LYS C 348 31.46 -12.68 -30.05
C LYS C 348 31.09 -13.12 -28.63
N GLY C 349 29.97 -12.65 -28.12
CA GLY C 349 29.54 -12.92 -26.77
C GLY C 349 28.44 -13.95 -26.61
N THR C 350 28.00 -14.60 -27.67
CA THR C 350 26.98 -15.62 -27.54
C THR C 350 27.59 -16.88 -26.90
N SER C 351 26.92 -17.40 -25.87
CA SER C 351 27.45 -18.52 -25.12
C SER C 351 26.77 -19.84 -25.44
N GLY C 352 25.53 -19.82 -25.89
CA GLY C 352 24.82 -21.05 -26.20
C GLY C 352 23.61 -20.86 -27.07
N ILE C 353 23.31 -21.85 -27.91
CA ILE C 353 22.12 -21.88 -28.74
C ILE C 353 21.20 -22.93 -28.15
N LEU C 354 20.11 -22.51 -27.53
CA LEU C 354 19.22 -23.38 -26.78
C LEU C 354 17.88 -23.43 -27.49
N CYS C 355 17.33 -24.62 -27.67
CA CYS C 355 16.07 -24.79 -28.36
C CYS C 355 15.07 -25.50 -27.45
N LEU C 356 14.03 -24.79 -27.04
CA LEU C 356 12.97 -25.32 -26.21
C LEU C 356 11.76 -25.65 -27.07
N THR C 357 11.21 -26.85 -26.87
CA THR C 357 10.03 -27.27 -27.60
C THR C 357 8.78 -26.61 -27.04
N LYS C 358 7.64 -26.89 -27.67
CA LYS C 358 6.39 -26.27 -27.27
C LYS C 358 5.93 -26.71 -25.89
N GLU C 359 6.20 -27.96 -25.52
CA GLU C 359 5.79 -28.44 -24.20
C GLU C 359 6.62 -27.82 -23.09
N SER C 360 7.92 -27.64 -23.31
CA SER C 360 8.79 -27.07 -22.29
C SER C 360 8.75 -25.55 -22.24
N ALA C 361 8.20 -24.90 -23.25
CA ALA C 361 8.10 -23.44 -23.28
C ALA C 361 6.79 -22.93 -22.69
N LYS C 362 5.91 -23.82 -22.25
CA LYS C 362 4.62 -23.42 -21.68
C LYS C 362 4.82 -23.06 -20.21
N ILE C 363 4.62 -21.79 -19.87
CA ILE C 363 4.70 -21.31 -18.50
C ILE C 363 3.33 -20.79 -18.11
N ALA C 364 2.88 -21.12 -16.90
CA ALA C 364 1.57 -20.71 -16.43
C ALA C 364 1.48 -19.19 -16.29
N THR C 365 0.27 -18.67 -16.44
CA THR C 365 0.05 -17.24 -16.34
C THR C 365 0.34 -16.76 -14.92
N PRO C 366 0.99 -15.60 -14.75
CA PRO C 366 1.26 -15.08 -13.41
C PRO C 366 -0.02 -14.84 -12.62
N SER C 367 0.06 -15.06 -11.31
CA SER C 367 -1.10 -14.96 -10.44
C SER C 367 -0.84 -14.01 -9.28
N ASN C 368 -1.74 -13.98 -8.31
CA ASN C 368 -1.59 -13.11 -7.16
C ASN C 368 -0.40 -13.52 -6.31
N CYS C 369 0.28 -12.54 -5.73
CA CYS C 369 1.37 -12.82 -4.80
C CYS C 369 0.81 -13.41 -3.51
N ILE C 370 1.44 -14.46 -3.01
CA ILE C 370 1.00 -15.12 -1.79
C ILE C 370 1.86 -14.76 -0.59
N HIS C 371 2.83 -13.85 -0.77
CA HIS C 371 3.71 -13.39 0.31
C HIS C 371 4.44 -14.54 0.99
N CYS C 372 4.91 -15.51 0.19
CA CYS C 372 5.62 -16.65 0.75
C CYS C 372 7.00 -16.28 1.24
N GLY C 373 7.57 -15.19 0.75
CA GLY C 373 8.90 -14.79 1.15
C GLY C 373 10.00 -15.70 0.67
N LYS C 374 9.88 -16.27 -0.52
CA LYS C 374 10.94 -17.08 -1.10
C LYS C 374 11.83 -16.28 -2.04
N CYS C 375 11.31 -15.21 -2.65
CA CYS C 375 12.13 -14.35 -3.49
C CYS C 375 13.20 -13.65 -2.67
N VAL C 376 12.84 -13.19 -1.46
CA VAL C 376 13.82 -12.52 -0.59
C VAL C 376 14.85 -13.51 -0.08
N GLY C 377 14.46 -14.77 0.12
CA GLY C 377 15.38 -15.76 0.65
C GLY C 377 16.40 -16.28 -0.34
N VAL C 378 16.26 -15.95 -1.62
CA VAL C 378 17.20 -16.41 -2.64
C VAL C 378 17.98 -15.28 -3.29
N CYS C 379 17.76 -14.03 -2.87
CA CYS C 379 18.48 -12.92 -3.45
C CYS C 379 19.94 -12.94 -3.00
N PRO C 380 20.90 -12.92 -3.92
CA PRO C 380 22.31 -12.73 -3.52
C PRO C 380 22.65 -11.32 -3.12
N ILE C 381 21.81 -10.33 -3.44
CA ILE C 381 22.02 -8.94 -3.04
C ILE C 381 21.14 -8.57 -1.84
N HIS C 382 20.43 -9.55 -1.28
CA HIS C 382 19.59 -9.36 -0.07
C HIS C 382 18.52 -8.31 -0.27
N LEU C 383 17.97 -8.21 -1.47
CA LEU C 383 16.86 -7.32 -1.74
C LEU C 383 15.54 -7.99 -1.38
N GLN C 384 14.44 -7.28 -1.61
CA GLN C 384 13.09 -7.81 -1.39
C GLN C 384 12.30 -7.56 -2.68
N PRO C 385 12.36 -8.48 -3.64
CA PRO C 385 11.70 -8.23 -4.94
C PRO C 385 10.19 -8.14 -4.86
N LEU C 386 9.55 -8.70 -3.83
CA LEU C 386 8.11 -8.62 -3.72
C LEU C 386 7.61 -7.20 -3.49
N ASN C 387 8.48 -6.28 -3.07
CA ASN C 387 8.16 -4.86 -2.95
C ASN C 387 8.54 -4.08 -4.19
N ILE C 388 9.72 -4.35 -4.76
CA ILE C 388 10.18 -3.61 -5.94
C ILE C 388 9.28 -3.89 -7.13
N ALA C 389 8.88 -5.15 -7.32
CA ALA C 389 8.00 -5.48 -8.43
C ALA C 389 6.63 -4.81 -8.28
N GLU C 390 6.09 -4.80 -7.06
CA GLU C 390 4.79 -4.19 -6.84
C GLU C 390 4.84 -2.67 -6.99
N TYR C 391 5.97 -2.06 -6.63
CA TYR C 391 6.12 -0.63 -6.85
C TYR C 391 6.33 -0.30 -8.32
N SER C 392 6.99 -1.19 -9.06
CA SER C 392 7.20 -0.97 -10.49
C SER C 392 5.91 -1.13 -11.27
N GLN C 393 5.05 -2.07 -10.87
CA GLN C 393 3.79 -2.27 -11.55
C GLN C 393 2.79 -1.16 -11.28
N ARG C 394 2.99 -0.38 -10.22
CA ARG C 394 2.09 0.72 -9.88
C ARG C 394 2.65 2.08 -10.25
N ASN C 395 3.76 2.12 -11.01
CA ASN C 395 4.37 3.36 -11.49
C ASN C 395 4.77 4.28 -10.34
N MET C 396 5.55 3.73 -9.40
CA MET C 396 6.13 4.49 -8.30
C MET C 396 7.64 4.32 -8.40
N TRP C 397 8.29 5.17 -9.20
CA TRP C 397 9.72 5.04 -9.41
C TRP C 397 10.54 5.55 -8.24
N ASP C 398 10.01 6.52 -7.47
CA ASP C 398 10.73 7.02 -6.31
C ASP C 398 10.90 5.93 -5.25
N LYS C 399 9.84 5.16 -5.01
CA LYS C 399 9.95 4.07 -4.02
C LYS C 399 10.78 2.91 -4.56
N CYS C 400 10.78 2.71 -5.88
CA CYS C 400 11.69 1.72 -6.46
C CYS C 400 13.14 2.12 -6.24
N GLU C 401 13.46 3.40 -6.44
CA GLU C 401 14.82 3.87 -6.16
C GLU C 401 15.15 3.78 -4.68
N SER C 402 14.17 4.08 -3.82
CA SER C 402 14.38 3.98 -2.37
C SER C 402 14.56 2.54 -1.90
N ASN C 403 14.02 1.57 -2.64
CA ASN C 403 14.15 0.16 -2.29
C ASN C 403 15.35 -0.50 -2.96
N ASN C 404 16.31 0.30 -3.44
CA ASN C 404 17.56 -0.17 -4.02
C ASN C 404 17.30 -1.08 -5.24
N ALA C 405 16.49 -0.59 -6.17
CA ALA C 405 16.24 -1.34 -7.39
C ALA C 405 17.43 -1.30 -8.35
N MET C 406 18.37 -0.39 -8.13
CA MET C 406 19.55 -0.28 -8.98
C MET C 406 20.69 -1.19 -8.55
N ASP C 407 20.54 -1.89 -7.42
CA ASP C 407 21.54 -2.86 -6.97
C ASP C 407 21.31 -4.25 -7.53
N CYS C 408 20.21 -4.47 -8.24
CA CYS C 408 19.90 -5.78 -8.78
C CYS C 408 20.88 -6.14 -9.90
N ILE C 409 21.23 -7.43 -9.97
CA ILE C 409 22.09 -7.92 -11.04
C ILE C 409 21.32 -8.65 -12.12
N GLU C 410 19.99 -8.70 -12.02
CA GLU C 410 19.13 -9.35 -13.01
C GLU C 410 19.50 -10.82 -13.22
N CYS C 411 19.74 -11.53 -12.10
CA CYS C 411 20.13 -12.92 -12.17
C CYS C 411 18.96 -13.87 -12.40
N GLY C 412 17.74 -13.45 -12.08
CA GLY C 412 16.56 -14.25 -12.35
C GLY C 412 16.22 -15.29 -11.30
N SER C 413 16.88 -15.28 -10.14
CA SER C 413 16.56 -16.24 -9.09
C SER C 413 15.19 -15.98 -8.48
N CYS C 414 14.85 -14.70 -8.28
CA CYS C 414 13.57 -14.36 -7.66
C CYS C 414 12.39 -14.81 -8.50
N SER C 415 12.47 -14.61 -9.82
CA SER C 415 11.40 -15.06 -10.70
C SER C 415 11.43 -16.56 -10.94
N TYR C 416 12.58 -17.21 -10.74
CA TYR C 416 12.63 -18.66 -10.85
C TYR C 416 11.94 -19.33 -9.66
N ILE C 417 12.23 -18.86 -8.44
CA ILE C 417 11.73 -19.55 -7.25
C ILE C 417 10.29 -19.19 -6.91
N CYS C 418 9.69 -18.24 -7.62
CA CYS C 418 8.37 -17.73 -7.23
C CYS C 418 7.29 -18.78 -7.47
N PRO C 419 6.53 -19.17 -6.44
CA PRO C 419 5.44 -20.13 -6.65
C PRO C 419 4.28 -19.61 -7.47
N ALA C 420 4.07 -18.30 -7.53
CA ALA C 420 2.95 -17.72 -8.26
C ALA C 420 3.24 -17.55 -9.74
N LYS C 421 4.43 -17.95 -10.20
CA LYS C 421 4.86 -17.82 -11.60
C LYS C 421 4.82 -16.36 -12.06
N ARG C 422 5.17 -15.45 -11.16
CA ARG C 422 5.20 -14.04 -11.49
C ARG C 422 6.48 -13.68 -12.24
N THR C 423 6.48 -12.49 -12.82
CA THR C 423 7.66 -11.93 -13.48
C THR C 423 8.19 -10.81 -12.60
N LEU C 424 9.22 -11.12 -11.80
CA LEU C 424 9.80 -10.14 -10.90
C LEU C 424 11.00 -9.43 -11.50
N VAL C 425 11.76 -10.10 -12.36
CA VAL C 425 12.97 -9.49 -12.88
C VAL C 425 12.65 -8.52 -14.00
N SER C 426 11.54 -8.73 -14.72
CA SER C 426 11.17 -7.81 -15.79
C SER C 426 10.65 -6.49 -15.23
N SER C 427 9.88 -6.55 -14.14
CA SER C 427 9.43 -5.30 -13.50
C SER C 427 10.60 -4.54 -12.89
N ILE C 428 11.59 -5.25 -12.34
CA ILE C 428 12.77 -4.60 -11.81
C ILE C 428 13.58 -3.97 -12.93
N ARG C 429 13.65 -4.63 -14.09
CA ARG C 429 14.31 -4.02 -15.24
C ARG C 429 13.57 -2.79 -15.73
N VAL C 430 12.23 -2.82 -15.70
CA VAL C 430 11.43 -1.64 -16.03
C VAL C 430 11.78 -0.49 -15.09
N ALA C 431 11.86 -0.79 -13.79
CA ALA C 431 12.20 0.25 -12.81
C ALA C 431 13.60 0.81 -13.05
N LYS C 432 14.56 -0.07 -13.36
CA LYS C 432 15.92 0.38 -13.65
C LYS C 432 15.95 1.30 -14.86
N ARG C 433 15.27 0.91 -15.94
CA ARG C 433 15.26 1.72 -17.15
C ARG C 433 14.59 3.07 -16.90
N GLU C 434 13.49 3.08 -16.14
CA GLU C 434 12.80 4.34 -15.88
C GLU C 434 13.61 5.25 -14.99
N ILE C 435 14.31 4.69 -14.00
CA ILE C 435 15.15 5.51 -13.13
C ILE C 435 16.30 6.12 -13.93
N ILE C 436 16.94 5.32 -14.80
CA ILE C 436 18.03 5.85 -15.62
C ILE C 436 17.52 6.91 -16.58
N ALA C 437 16.33 6.70 -17.16
CA ALA C 437 15.75 7.69 -18.06
C ALA C 437 15.41 8.98 -17.34
N GLN C 438 14.90 8.88 -16.11
CA GLN C 438 14.61 10.07 -15.32
C GLN C 438 15.89 10.82 -14.96
N ARG C 439 16.96 10.09 -14.64
CA ARG C 439 18.24 10.73 -14.37
C ARG C 439 18.78 11.45 -15.61
N ARG C 440 18.63 10.82 -16.78
CA ARG C 440 19.06 11.47 -18.02
C ARG C 440 18.23 12.71 -18.33
N LYS C 441 16.92 12.63 -18.13
CA LYS C 441 16.04 13.76 -18.45
C LYS C 441 16.27 14.92 -17.49
N GLY C 442 16.51 14.62 -16.21
CA GLY C 442 16.73 15.67 -15.23
C GLY C 442 18.02 16.43 -15.41
N ASN C 443 19.00 15.84 -16.10
CA ASN C 443 20.28 16.49 -16.33
C ASN C 443 20.41 16.97 -17.77
N MET D 1 9.63 -17.81 -46.67
CA MET D 1 10.24 -18.50 -45.54
C MET D 1 9.18 -19.19 -44.70
N ASN D 2 9.58 -20.23 -43.96
CA ASN D 2 8.66 -20.94 -43.09
C ASN D 2 8.26 -20.06 -41.92
N GLU D 3 6.97 -20.05 -41.60
CA GLU D 3 6.43 -19.22 -40.52
C GLU D 3 6.72 -19.91 -39.20
N LEU D 4 7.88 -19.63 -38.63
CA LEU D 4 8.25 -20.15 -37.32
C LEU D 4 7.66 -19.23 -36.25
N ASN D 5 6.56 -19.66 -35.64
CA ASN D 5 5.87 -18.87 -34.63
C ASN D 5 6.48 -19.21 -33.27
N LEU D 6 7.36 -18.34 -32.79
CA LEU D 6 8.06 -18.55 -31.53
C LEU D 6 7.34 -17.83 -30.39
N THR D 7 7.93 -17.90 -29.21
CA THR D 7 7.43 -17.23 -28.03
C THR D 7 8.51 -16.27 -27.53
N VAL D 8 8.09 -15.18 -26.89
CA VAL D 8 8.99 -14.10 -26.49
C VAL D 8 8.79 -13.82 -25.01
N SER D 9 9.90 -13.79 -24.26
CA SER D 9 9.88 -13.41 -22.86
C SER D 9 11.25 -12.86 -22.51
N SER D 10 11.39 -12.34 -21.29
CA SER D 10 12.65 -11.69 -20.90
C SER D 10 13.58 -12.68 -20.19
N SER D 11 13.18 -13.14 -19.01
CA SER D 11 13.95 -14.06 -18.18
C SER D 11 13.14 -14.44 -16.94
N PRO D 12 13.36 -15.63 -16.36
CA PRO D 12 14.13 -16.77 -16.88
C PRO D 12 13.24 -17.63 -17.77
N HIS D 13 13.82 -18.52 -18.56
CA HIS D 13 13.04 -19.40 -19.42
C HIS D 13 12.80 -20.77 -18.81
N ILE D 14 13.25 -21.00 -17.58
CA ILE D 14 12.96 -22.22 -16.83
C ILE D 14 12.44 -21.82 -15.46
N ARG D 15 11.47 -22.58 -14.94
CA ARG D 15 10.82 -22.26 -13.68
C ARG D 15 10.84 -23.47 -12.75
N ALA D 16 10.48 -23.21 -11.50
CA ALA D 16 10.43 -24.26 -10.49
C ALA D 16 9.16 -25.09 -10.63
N LYS D 17 9.18 -26.28 -10.03
CA LYS D 17 8.06 -27.20 -10.18
C LYS D 17 6.87 -26.80 -9.31
N HIS D 18 7.11 -26.21 -8.14
CA HIS D 18 6.02 -25.96 -7.21
C HIS D 18 5.18 -24.77 -7.67
N SER D 19 4.00 -24.65 -7.06
CA SER D 19 3.06 -23.57 -7.34
C SER D 19 2.16 -23.42 -6.12
N THR D 20 1.20 -22.49 -6.22
CA THR D 20 0.30 -22.24 -5.10
C THR D 20 -0.62 -23.43 -4.82
N ALA D 21 -1.12 -24.06 -5.90
CA ALA D 21 -2.01 -25.21 -5.73
C ALA D 21 -1.31 -26.35 -5.02
N SER D 22 -0.04 -26.61 -5.36
CA SER D 22 0.72 -27.65 -4.69
C SER D 22 0.91 -27.33 -3.21
N ILE D 23 1.18 -26.06 -2.89
CA ILE D 23 1.38 -25.65 -1.51
C ILE D 23 0.12 -25.89 -0.68
N MET D 24 -1.03 -25.46 -1.21
CA MET D 24 -2.27 -25.63 -0.44
C MET D 24 -2.71 -27.09 -0.37
N GLN D 25 -2.46 -27.87 -1.43
CA GLN D 25 -2.75 -29.30 -1.38
C GLN D 25 -1.91 -29.99 -0.31
N ASN D 26 -0.63 -29.62 -0.21
CA ASN D 26 0.21 -30.20 0.82
C ASN D 26 -0.22 -29.76 2.22
N VAL D 27 -0.70 -28.52 2.35
CA VAL D 27 -1.22 -28.06 3.64
C VAL D 27 -2.43 -28.91 4.05
N ILE D 28 -3.35 -29.17 3.12
CA ILE D 28 -4.52 -29.98 3.44
C ILE D 28 -4.12 -31.43 3.74
N ILE D 29 -3.13 -31.95 3.03
CA ILE D 29 -2.64 -33.30 3.30
C ILE D 29 -2.05 -33.37 4.71
N ALA D 30 -1.33 -32.34 5.12
CA ALA D 30 -0.82 -32.30 6.49
C ALA D 30 -1.94 -32.17 7.51
N LEU D 31 -3.02 -31.46 7.18
CA LEU D 31 -4.14 -31.29 8.09
C LEU D 31 -5.02 -32.52 8.21
N LEU D 32 -4.94 -33.44 7.25
CA LEU D 32 -5.84 -34.60 7.24
C LEU D 32 -5.85 -35.47 8.51
N PRO D 33 -4.72 -35.82 9.14
CA PRO D 33 -4.81 -36.67 10.35
C PRO D 33 -5.59 -36.05 11.49
N ALA D 34 -5.52 -34.73 11.66
CA ALA D 34 -6.35 -34.07 12.67
C ALA D 34 -7.83 -34.25 12.35
N LEU D 35 -8.19 -34.16 11.07
CA LEU D 35 -9.57 -34.43 10.67
C LEU D 35 -9.97 -35.87 10.96
N ALA D 36 -9.04 -36.81 10.75
CA ALA D 36 -9.35 -38.21 11.05
C ALA D 36 -9.61 -38.41 12.54
N VAL D 37 -8.77 -37.83 13.40
CA VAL D 37 -8.97 -38.01 14.83
C VAL D 37 -10.23 -37.27 15.29
N ALA D 38 -10.55 -36.15 14.64
CA ALA D 38 -11.79 -35.44 14.97
C ALA D 38 -13.01 -36.26 14.60
N GLY D 39 -12.96 -36.93 13.45
CA GLY D 39 -14.05 -37.83 13.08
C GLY D 39 -14.16 -39.01 14.01
N TYR D 40 -13.02 -39.51 14.51
CA TYR D 40 -13.06 -40.66 15.40
C TYR D 40 -13.67 -40.30 16.76
N VAL D 41 -13.22 -39.20 17.37
CA VAL D 41 -13.67 -38.87 18.72
C VAL D 41 -15.10 -38.38 18.74
N PHE D 42 -15.44 -37.43 17.86
CA PHE D 42 -16.77 -36.83 17.90
C PHE D 42 -17.81 -37.63 17.11
N GLY D 43 -17.60 -37.80 15.80
CA GLY D 43 -18.53 -38.51 14.96
C GLY D 43 -18.63 -37.88 13.59
N LEU D 44 -19.73 -38.16 12.91
CA LEU D 44 -19.91 -37.68 11.54
C LEU D 44 -20.22 -36.19 11.47
N TRP D 45 -20.67 -35.58 12.58
CA TRP D 45 -21.05 -34.18 12.51
C TRP D 45 -19.85 -33.27 12.34
N ALA D 46 -18.67 -33.67 12.84
CA ALA D 46 -17.46 -32.89 12.60
C ALA D 46 -17.13 -32.84 11.11
N LEU D 47 -17.21 -33.99 10.44
CA LEU D 47 -16.97 -34.02 9.00
C LEU D 47 -18.04 -33.23 8.25
N ALA D 48 -19.30 -33.31 8.70
CA ALA D 48 -20.36 -32.54 8.09
C ALA D 48 -20.11 -31.04 8.22
N LEU D 49 -19.66 -30.60 9.39
CA LEU D 49 -19.36 -29.19 9.59
C LEU D 49 -18.19 -28.73 8.74
N VAL D 50 -17.17 -29.59 8.61
CA VAL D 50 -16.03 -29.27 7.75
C VAL D 50 -16.48 -29.13 6.30
N ALA D 51 -17.34 -30.04 5.84
CA ALA D 51 -17.86 -29.96 4.48
C ALA D 51 -18.70 -28.70 4.27
N ILE D 52 -19.51 -28.34 5.27
CA ILE D 52 -20.33 -27.13 5.18
C ILE D 52 -19.45 -25.90 5.04
N CYS D 53 -18.40 -25.81 5.88
CA CYS D 53 -17.51 -24.66 5.82
C CYS D 53 -16.76 -24.60 4.50
N VAL D 54 -16.31 -25.75 3.99
CA VAL D 54 -15.56 -25.79 2.73
C VAL D 54 -16.46 -25.33 1.57
N ILE D 55 -17.69 -25.86 1.52
CA ILE D 55 -18.61 -25.50 0.45
C ILE D 55 -18.96 -24.01 0.53
N SER D 56 -19.22 -23.51 1.74
CA SER D 56 -19.55 -22.10 1.89
C SER D 56 -18.40 -21.20 1.44
N SER D 57 -17.17 -21.53 1.84
CA SER D 57 -16.03 -20.70 1.45
C SER D 57 -15.81 -20.72 -0.06
N VAL D 58 -15.88 -21.91 -0.66
CA VAL D 58 -15.65 -22.03 -2.11
C VAL D 58 -16.73 -21.26 -2.88
N ALA D 59 -17.99 -21.44 -2.50
CA ALA D 59 -19.08 -20.76 -3.19
C ALA D 59 -18.98 -19.25 -3.02
N THR D 60 -18.67 -18.78 -1.80
CA THR D 60 -18.56 -17.35 -1.58
C THR D 60 -17.43 -16.74 -2.41
N GLU D 61 -16.26 -17.38 -2.42
CA GLU D 61 -15.15 -16.86 -3.21
C GLU D 61 -15.48 -16.85 -4.70
N ALA D 62 -16.09 -17.94 -5.20
CA ALA D 62 -16.42 -18.01 -6.62
C ALA D 62 -17.43 -16.94 -7.01
N VAL D 63 -18.48 -16.76 -6.20
CA VAL D 63 -19.52 -15.79 -6.51
C VAL D 63 -18.97 -14.37 -6.47
N ILE D 64 -18.19 -14.05 -5.43
CA ILE D 64 -17.67 -12.69 -5.30
C ILE D 64 -16.67 -12.38 -6.40
N GLN D 65 -15.81 -13.35 -6.75
CA GLN D 65 -14.82 -13.13 -7.80
C GLN D 65 -15.45 -13.09 -9.18
N LYS D 66 -16.59 -13.76 -9.39
CA LYS D 66 -17.27 -13.66 -10.67
C LYS D 66 -18.03 -12.34 -10.79
N LEU D 67 -18.64 -11.88 -9.70
CA LEU D 67 -19.43 -10.65 -9.75
C LEU D 67 -18.56 -9.41 -9.96
N LEU D 68 -17.27 -9.50 -9.69
CA LEU D 68 -16.35 -8.38 -9.86
C LEU D 68 -15.61 -8.43 -11.19
N LYS D 69 -16.02 -9.32 -12.10
CA LYS D 69 -15.43 -9.52 -13.43
C LYS D 69 -13.98 -9.99 -13.38
N LYS D 70 -13.49 -10.39 -12.20
CA LYS D 70 -12.16 -10.96 -12.09
C LYS D 70 -12.16 -12.42 -12.55
N PRO D 71 -11.03 -12.92 -13.04
CA PRO D 71 -10.96 -14.35 -13.38
C PRO D 71 -11.14 -15.22 -12.14
N ILE D 72 -11.84 -16.34 -12.32
CA ILE D 72 -12.15 -17.22 -11.20
C ILE D 72 -10.88 -17.98 -10.82
N THR D 73 -10.48 -17.87 -9.55
CA THR D 73 -9.27 -18.50 -9.04
C THR D 73 -9.60 -19.35 -7.83
N VAL D 74 -10.65 -20.17 -7.94
CA VAL D 74 -10.89 -21.20 -6.95
C VAL D 74 -10.00 -22.42 -7.13
N ASN D 75 -9.12 -22.42 -8.13
CA ASN D 75 -8.26 -23.58 -8.33
C ASN D 75 -6.95 -23.48 -7.57
N ASP D 76 -6.67 -22.36 -6.90
CA ASP D 76 -5.48 -22.28 -6.08
C ASP D 76 -5.66 -22.89 -4.69
N TRP D 77 -6.85 -23.40 -4.37
CA TRP D 77 -7.13 -24.14 -3.15
C TRP D 77 -6.90 -23.33 -1.88
N SER D 78 -6.92 -21.99 -1.96
CA SER D 78 -6.79 -21.19 -0.75
C SER D 78 -8.09 -21.14 0.04
N ALA D 79 -9.22 -21.10 -0.66
CA ALA D 79 -10.51 -21.05 0.00
C ALA D 79 -10.79 -22.34 0.77
N VAL D 80 -10.39 -23.48 0.21
CA VAL D 80 -10.57 -24.74 0.91
C VAL D 80 -9.74 -24.79 2.18
N VAL D 81 -8.51 -24.26 2.13
CA VAL D 81 -7.65 -24.22 3.31
C VAL D 81 -8.26 -23.32 4.39
N THR D 82 -8.75 -22.15 3.99
CA THR D 82 -9.38 -21.25 4.94
C THR D 82 -10.63 -21.88 5.57
N GLY D 83 -11.45 -22.54 4.74
CA GLY D 83 -12.64 -23.19 5.27
C GLY D 83 -12.32 -24.32 6.21
N VAL D 84 -11.31 -25.13 5.89
CA VAL D 84 -10.92 -26.23 6.77
C VAL D 84 -10.39 -25.70 8.09
N LEU D 85 -9.52 -24.69 8.04
CA LEU D 85 -8.94 -24.16 9.27
C LEU D 85 -9.98 -23.42 10.10
N LEU D 86 -11.03 -22.88 9.47
CA LEU D 86 -12.12 -22.29 10.24
C LEU D 86 -13.00 -23.36 10.87
N ALA D 87 -13.26 -24.44 10.14
CA ALA D 87 -14.08 -25.52 10.68
C ALA D 87 -13.34 -26.26 11.79
N PHE D 88 -12.01 -26.16 11.83
CA PHE D 88 -11.26 -26.76 12.92
C PHE D 88 -11.40 -25.96 14.21
N ASN D 89 -11.82 -24.70 14.12
CA ASN D 89 -11.97 -23.85 15.29
C ASN D 89 -13.34 -23.96 15.96
N LEU D 90 -14.33 -24.57 15.30
CA LEU D 90 -15.69 -24.58 15.79
C LEU D 90 -15.91 -25.71 16.80
N PRO D 91 -16.83 -25.52 17.73
CA PRO D 91 -17.24 -26.62 18.62
C PRO D 91 -18.15 -27.61 17.89
N ILE D 92 -18.42 -28.73 18.55
CA ILE D 92 -19.27 -29.75 17.94
C ILE D 92 -20.73 -29.35 18.01
N ASN D 93 -21.09 -28.44 18.91
CA ASN D 93 -22.48 -28.01 19.08
C ASN D 93 -22.79 -26.74 18.30
N ALA D 94 -21.88 -26.28 17.46
CA ALA D 94 -22.14 -25.10 16.65
C ALA D 94 -23.11 -25.45 15.52
N PRO D 95 -24.19 -24.70 15.35
CA PRO D 95 -25.11 -24.97 14.24
C PRO D 95 -24.48 -24.60 12.90
N TRP D 96 -25.14 -25.06 11.84
CA TRP D 96 -24.60 -24.88 10.49
C TRP D 96 -24.52 -23.42 10.08
N TRP D 97 -25.50 -22.61 10.50
CA TRP D 97 -25.50 -21.21 10.09
C TRP D 97 -24.34 -20.44 10.69
N ILE D 98 -23.83 -20.88 11.86
CA ILE D 98 -22.63 -20.28 12.41
C ILE D 98 -21.45 -20.51 11.48
N GLY D 99 -21.30 -21.74 11.00
CA GLY D 99 -20.22 -22.03 10.06
C GLY D 99 -20.35 -21.27 8.76
N VAL D 100 -21.57 -21.18 8.23
CA VAL D 100 -21.80 -20.45 6.98
C VAL D 100 -21.48 -18.97 7.15
N VAL D 101 -21.94 -18.37 8.26
CA VAL D 101 -21.69 -16.95 8.51
C VAL D 101 -20.21 -16.69 8.70
N GLY D 102 -19.53 -17.57 9.44
CA GLY D 102 -18.09 -17.41 9.62
C GLY D 102 -17.32 -17.52 8.32
N SER D 103 -17.68 -18.48 7.46
CA SER D 103 -17.02 -18.63 6.18
C SER D 103 -17.26 -17.41 5.29
N VAL D 104 -18.49 -16.90 5.27
CA VAL D 104 -18.81 -15.73 4.47
C VAL D 104 -18.02 -14.51 4.95
N PHE D 105 -17.93 -14.33 6.27
CA PHE D 105 -17.17 -13.19 6.80
C PHE D 105 -15.68 -13.34 6.52
N ALA D 106 -15.15 -14.57 6.63
CA ALA D 106 -13.73 -14.77 6.38
C ALA D 106 -13.37 -14.53 4.93
N ILE D 107 -14.19 -15.01 4.00
CA ILE D 107 -13.86 -14.87 2.58
C ILE D 107 -14.15 -13.47 2.08
N ALA D 108 -15.29 -12.89 2.48
CA ALA D 108 -15.74 -11.65 1.86
C ALA D 108 -15.03 -10.43 2.43
N ILE D 109 -15.20 -10.17 3.73
CA ILE D 109 -14.69 -8.93 4.32
C ILE D 109 -13.18 -8.99 4.49
N VAL D 110 -12.66 -10.11 4.99
CA VAL D 110 -11.25 -10.18 5.33
C VAL D 110 -10.37 -10.36 4.11
N LYS D 111 -10.77 -11.23 3.18
CA LYS D 111 -9.92 -11.59 2.06
C LYS D 111 -10.27 -10.90 0.76
N GLN D 112 -11.52 -11.02 0.31
CA GLN D 112 -11.88 -10.50 -1.01
C GLN D 112 -12.00 -8.98 -1.03
N CYS D 113 -12.32 -8.36 0.10
CA CYS D 113 -12.44 -6.91 0.15
C CYS D 113 -11.10 -6.21 0.14
N PHE D 114 -10.01 -6.91 0.48
CA PHE D 114 -8.68 -6.33 0.49
C PHE D 114 -7.90 -6.58 -0.78
N GLY D 115 -8.45 -7.36 -1.72
CA GLY D 115 -7.78 -7.58 -2.99
C GLY D 115 -7.78 -9.02 -3.45
N GLY D 116 -7.70 -9.97 -2.51
CA GLY D 116 -7.72 -11.37 -2.88
C GLY D 116 -6.73 -12.23 -2.11
N LEU D 117 -6.18 -13.22 -2.79
CA LEU D 117 -5.25 -14.15 -2.13
C LEU D 117 -3.91 -13.47 -1.89
N GLY D 118 -3.45 -13.53 -0.64
CA GLY D 118 -2.13 -13.02 -0.30
C GLY D 118 -2.00 -11.51 -0.29
N GLN D 119 -3.12 -10.78 -0.36
CA GLN D 119 -3.09 -9.33 -0.41
C GLN D 119 -3.80 -8.68 0.78
N ASN D 120 -4.16 -9.47 1.79
CA ASN D 120 -4.72 -8.93 3.02
C ASN D 120 -3.60 -8.64 4.01
N PHE D 121 -3.96 -8.36 5.26
CA PHE D 121 -2.98 -8.11 6.30
C PHE D 121 -3.27 -8.83 7.61
N ILE D 122 -4.40 -9.55 7.71
CA ILE D 122 -4.81 -10.19 8.95
C ILE D 122 -5.23 -11.63 8.65
N ASN D 123 -5.25 -12.45 9.70
CA ASN D 123 -5.55 -13.87 9.54
C ASN D 123 -7.06 -14.05 9.33
N PRO D 124 -7.48 -14.66 8.22
CA PRO D 124 -8.93 -14.80 7.99
C PRO D 124 -9.61 -15.81 8.91
N ALA D 125 -8.99 -16.98 9.12
CA ALA D 125 -9.63 -18.01 9.93
C ALA D 125 -9.72 -17.60 11.40
N LEU D 126 -8.79 -16.75 11.85
CA LEU D 126 -8.86 -16.25 13.22
C LEU D 126 -9.74 -15.01 13.33
N ALA D 127 -9.89 -14.26 12.24
CA ALA D 127 -10.85 -13.16 12.25
C ALA D 127 -12.29 -13.68 12.24
N ALA D 128 -12.52 -14.82 11.60
CA ALA D 128 -13.85 -15.42 11.61
C ALA D 128 -14.17 -16.12 12.92
N ARG D 129 -13.17 -16.39 13.76
CA ARG D 129 -13.38 -16.90 15.10
C ARG D 129 -13.50 -15.77 16.13
N ALA D 130 -12.75 -14.68 15.94
CA ALA D 130 -12.86 -13.52 16.82
C ALA D 130 -14.14 -12.73 16.57
N PHE D 131 -14.90 -13.06 15.53
CA PHE D 131 -16.19 -12.45 15.26
C PHE D 131 -17.35 -13.32 15.71
N LEU D 132 -17.25 -14.64 15.57
CA LEU D 132 -18.30 -15.52 16.06
C LEU D 132 -18.28 -15.64 17.58
N LEU D 133 -17.10 -15.50 18.19
CA LEU D 133 -17.01 -15.59 19.65
C LEU D 133 -17.63 -14.37 20.32
N ALA D 134 -17.46 -13.19 19.71
CA ALA D 134 -18.02 -11.97 20.27
C ALA D 134 -19.49 -11.77 19.91
N SER D 135 -19.95 -12.34 18.80
CA SER D 135 -21.34 -12.17 18.39
C SER D 135 -22.26 -13.17 19.08
N TRP D 136 -21.87 -14.43 19.13
CA TRP D 136 -22.68 -15.50 19.68
C TRP D 136 -21.87 -16.25 20.73
N PRO D 137 -21.70 -15.68 21.92
CA PRO D 137 -20.92 -16.37 22.96
C PRO D 137 -21.64 -17.58 23.53
N GLY D 138 -22.97 -17.61 23.46
CA GLY D 138 -23.70 -18.73 24.03
C GLY D 138 -23.42 -20.04 23.33
N HIS D 139 -23.19 -19.98 22.01
CA HIS D 139 -22.87 -21.18 21.24
C HIS D 139 -21.38 -21.46 21.19
N MET D 140 -20.54 -20.43 21.31
CA MET D 140 -19.09 -20.59 21.27
C MET D 140 -18.47 -20.81 22.64
N THR D 141 -19.29 -20.84 23.70
CA THR D 141 -18.78 -21.10 25.04
C THR D 141 -18.83 -22.58 25.40
N SER D 142 -19.92 -23.26 25.08
CA SER D 142 -20.09 -24.68 25.39
C SER D 142 -19.51 -25.51 24.26
N THR D 143 -18.20 -25.80 24.36
CA THR D 143 -17.51 -26.62 23.38
C THR D 143 -17.50 -28.07 23.87
N ALA D 144 -18.16 -28.95 23.08
CA ALA D 144 -18.19 -30.40 23.26
C ALA D 144 -18.99 -30.84 24.48
N TYR D 145 -19.87 -31.82 24.31
CA TYR D 145 -20.82 -32.16 25.37
C TYR D 145 -21.03 -33.65 25.60
N ILE D 146 -20.60 -34.55 24.72
CA ILE D 146 -20.96 -35.95 24.87
C ILE D 146 -19.71 -36.82 25.06
N PRO D 147 -19.46 -37.31 26.29
CA PRO D 147 -18.62 -38.51 26.45
C PRO D 147 -19.46 -39.77 26.33
N LEU D 148 -18.87 -40.94 26.58
CA LEU D 148 -19.65 -42.18 26.50
C LEU D 148 -20.68 -42.26 27.63
N THR D 149 -20.42 -41.60 28.76
CA THR D 149 -21.36 -41.57 29.88
C THR D 149 -22.24 -40.32 29.89
N ASP D 150 -21.97 -39.36 29.00
CA ASP D 150 -22.84 -38.22 28.69
C ASP D 150 -22.92 -37.16 29.78
N THR D 151 -22.40 -37.43 30.98
CA THR D 151 -22.57 -36.45 32.05
C THR D 151 -21.38 -36.30 32.99
N VAL D 152 -20.18 -36.75 32.61
CA VAL D 152 -19.06 -36.76 33.55
C VAL D 152 -17.95 -35.85 33.02
N THR D 153 -18.32 -34.75 32.38
CA THR D 153 -17.36 -33.77 31.90
C THR D 153 -17.51 -32.40 32.55
N THR D 154 -18.75 -31.89 32.63
CA THR D 154 -19.05 -30.55 33.15
C THR D 154 -18.29 -29.47 32.41
N ALA D 155 -17.03 -29.24 32.79
CA ALA D 155 -16.18 -28.25 32.16
C ALA D 155 -15.11 -28.93 31.34
N THR D 156 -14.33 -28.13 30.62
CA THR D 156 -13.25 -28.63 29.78
C THR D 156 -11.90 -28.35 30.44
N PRO D 157 -10.86 -29.14 30.15
CA PRO D 157 -9.64 -29.10 30.98
C PRO D 157 -8.95 -27.75 31.08
N LEU D 158 -9.07 -26.89 30.07
CA LEU D 158 -8.35 -25.62 30.13
C LEU D 158 -8.98 -24.65 31.13
N ALA D 159 -10.31 -24.66 31.24
CA ALA D 159 -10.97 -23.81 32.22
C ALA D 159 -10.73 -24.27 33.65
N LEU D 160 -10.59 -25.59 33.85
CA LEU D 160 -10.29 -26.11 35.18
C LEU D 160 -8.92 -25.67 35.66
N LEU D 161 -7.97 -25.48 34.73
CA LEU D 161 -6.64 -24.99 35.11
C LEU D 161 -6.71 -23.56 35.61
N LYS D 162 -7.50 -22.71 34.94
CA LYS D 162 -7.63 -21.33 35.38
C LYS D 162 -8.45 -21.23 36.65
N ALA D 163 -9.43 -22.10 36.84
CA ALA D 163 -10.23 -22.10 38.05
C ALA D 163 -9.53 -22.76 39.24
N GLY D 164 -8.38 -23.38 39.02
CA GLY D 164 -7.63 -24.02 40.08
C GLY D 164 -8.09 -25.42 40.44
N GLU D 165 -9.12 -25.95 39.76
CA GLU D 165 -9.63 -27.29 40.06
C GLU D 165 -8.84 -28.30 39.24
N THR D 166 -7.70 -28.71 39.79
CA THR D 166 -6.81 -29.66 39.14
C THR D 166 -7.08 -31.11 39.53
N GLY D 167 -8.11 -31.37 40.34
CA GLY D 167 -8.42 -32.72 40.76
C GLY D 167 -9.12 -33.57 39.72
N SER D 168 -9.64 -32.97 38.65
CA SER D 168 -10.33 -33.70 37.60
C SER D 168 -9.61 -33.57 36.25
N MET D 169 -8.36 -33.09 36.26
CA MET D 169 -7.61 -32.93 35.04
C MET D 169 -7.14 -34.29 34.51
N PRO D 170 -7.05 -34.44 33.19
CA PRO D 170 -6.39 -35.63 32.63
C PRO D 170 -4.92 -35.67 33.01
N SER D 171 -4.39 -36.89 33.12
CA SER D 171 -3.05 -37.08 33.67
C SER D 171 -1.96 -36.86 32.63
N THR D 172 -1.98 -35.69 31.97
CA THR D 172 -0.92 -35.10 31.14
C THR D 172 -0.38 -36.01 30.04
N LEU D 173 -1.00 -37.16 29.84
CA LEU D 173 -0.64 -38.06 28.75
C LEU D 173 -1.83 -38.44 27.89
N ASP D 174 -2.99 -38.65 28.51
CA ASP D 174 -4.22 -38.82 27.73
C ASP D 174 -4.59 -37.52 27.02
N LEU D 175 -4.33 -36.39 27.67
CA LEU D 175 -4.56 -35.09 27.05
C LEU D 175 -3.68 -34.86 25.83
N PHE D 176 -2.52 -35.53 25.77
CA PHE D 176 -1.64 -35.42 24.61
C PHE D 176 -2.22 -36.17 23.42
N THR D 177 -2.43 -37.48 23.57
CA THR D 177 -2.97 -38.28 22.48
C THR D 177 -4.42 -37.90 22.17
N GLY D 178 -5.20 -37.58 23.20
CA GLY D 178 -6.57 -37.18 22.99
C GLY D 178 -7.53 -38.34 22.82
N LEU D 179 -7.63 -39.19 23.83
CA LEU D 179 -8.46 -40.40 23.74
C LEU D 179 -9.67 -40.35 24.66
N ASN D 180 -9.46 -40.16 25.96
CA ASN D 180 -10.53 -40.26 26.95
C ASN D 180 -10.61 -38.98 27.78
N GLY D 181 -11.81 -38.42 27.88
CA GLY D 181 -12.07 -37.31 28.79
C GLY D 181 -11.36 -36.02 28.47
N VAL D 182 -11.11 -35.74 27.19
CA VAL D 182 -10.57 -34.47 26.75
C VAL D 182 -11.51 -33.90 25.69
N TYR D 183 -11.81 -32.62 25.78
CA TYR D 183 -12.82 -32.00 24.93
C TYR D 183 -12.50 -30.54 24.70
N GLY D 184 -12.25 -30.18 23.44
CA GLY D 184 -12.00 -28.81 23.06
C GLY D 184 -12.72 -28.48 21.78
N CYS D 185 -11.99 -27.92 20.81
CA CYS D 185 -12.56 -27.66 19.50
C CYS D 185 -12.61 -28.96 18.71
N ILE D 186 -12.90 -28.87 17.42
CA ILE D 186 -12.97 -30.06 16.58
C ILE D 186 -11.57 -30.65 16.38
N GLY D 187 -10.59 -29.82 16.06
CA GLY D 187 -9.27 -30.31 15.72
C GLY D 187 -8.22 -30.21 16.81
N GLU D 188 -8.64 -29.99 18.06
CA GLU D 188 -7.69 -29.82 19.16
C GLU D 188 -7.78 -30.93 20.19
N ILE D 189 -8.49 -32.01 19.88
CA ILE D 189 -8.51 -33.17 20.77
C ILE D 189 -7.11 -33.77 20.86
N SER D 190 -6.42 -33.89 19.73
CA SER D 190 -5.11 -34.53 19.66
C SER D 190 -4.05 -33.50 19.27
N ALA D 191 -2.96 -33.47 20.02
CA ALA D 191 -1.81 -32.65 19.66
C ALA D 191 -0.75 -33.44 18.88
N LEU D 192 -0.77 -34.77 18.98
CA LEU D 192 0.20 -35.58 18.24
C LEU D 192 -0.03 -35.49 16.74
N ALA D 193 -1.29 -35.49 16.31
CA ALA D 193 -1.58 -35.35 14.88
C ALA D 193 -1.15 -33.99 14.35
N LEU D 194 -1.39 -32.93 15.12
CA LEU D 194 -0.94 -31.61 14.70
C LEU D 194 0.58 -31.52 14.68
N LEU D 195 1.25 -32.19 15.62
CA LEU D 195 2.71 -32.23 15.61
C LEU D 195 3.23 -32.96 14.37
N ILE D 196 2.57 -34.06 13.99
CA ILE D 196 2.97 -34.80 12.79
C ILE D 196 2.76 -33.93 11.55
N GLY D 197 1.64 -33.22 11.48
CA GLY D 197 1.40 -32.34 10.35
C GLY D 197 2.41 -31.21 10.27
N GLY D 198 2.76 -30.63 11.42
CA GLY D 198 3.77 -29.58 11.42
C GLY D 198 5.14 -30.09 11.02
N LEU D 199 5.50 -31.30 11.46
CA LEU D 199 6.76 -31.90 11.04
C LEU D 199 6.78 -32.15 9.54
N TYR D 200 5.66 -32.61 8.98
CA TYR D 200 5.59 -32.81 7.54
C TYR D 200 5.72 -31.49 6.79
N LEU D 201 5.08 -30.43 7.30
CA LEU D 201 5.19 -29.12 6.67
C LEU D 201 6.61 -28.58 6.73
N ILE D 202 7.30 -28.81 7.85
CA ILE D 202 8.70 -28.41 7.97
C ILE D 202 9.57 -29.19 7.00
N TYR D 203 9.31 -30.49 6.86
CA TYR D 203 10.08 -31.32 5.93
C TYR D 203 9.88 -30.87 4.49
N LYS D 204 8.66 -30.52 4.11
CA LYS D 204 8.39 -30.09 2.75
C LYS D 204 8.90 -28.69 2.45
N GLY D 205 9.31 -27.93 3.47
CA GLY D 205 9.82 -26.59 3.25
C GLY D 205 8.77 -25.52 3.13
N ILE D 206 7.50 -25.84 3.37
CA ILE D 206 6.43 -24.85 3.26
C ILE D 206 6.53 -23.83 4.38
N ILE D 207 6.75 -24.29 5.62
CA ILE D 207 6.90 -23.42 6.76
C ILE D 207 8.32 -23.56 7.31
N SER D 208 8.71 -22.56 8.09
CA SER D 208 10.01 -22.55 8.74
C SER D 208 9.87 -22.91 10.21
N TRP D 209 10.92 -23.53 10.76
CA TRP D 209 10.90 -24.00 12.14
C TRP D 209 10.91 -22.87 13.15
N ARG D 210 11.24 -21.64 12.74
CA ARG D 210 11.50 -20.56 13.68
C ARG D 210 10.26 -20.22 14.50
N ILE D 211 9.14 -19.96 13.82
CA ILE D 211 7.92 -19.57 14.53
C ILE D 211 7.41 -20.66 15.47
N PRO D 212 7.23 -21.92 15.04
CA PRO D 212 6.74 -22.92 16.01
C PRO D 212 7.72 -23.20 17.13
N THR D 213 9.01 -23.35 16.82
CA THR D 213 9.99 -23.66 17.85
C THR D 213 10.07 -22.55 18.89
N ILE D 214 10.14 -21.30 18.44
CA ILE D 214 10.28 -20.19 19.37
C ILE D 214 8.98 -19.97 20.15
N TYR D 215 7.83 -20.17 19.49
CA TYR D 215 6.54 -20.04 20.17
C TYR D 215 6.44 -21.03 21.33
N LEU D 216 6.71 -22.31 21.06
CA LEU D 216 6.65 -23.31 22.12
C LEU D 216 7.71 -23.05 23.19
N LEU D 217 8.91 -22.62 22.77
CA LEU D 217 9.98 -22.36 23.73
C LEU D 217 9.62 -21.23 24.69
N THR D 218 9.06 -20.13 24.17
CA THR D 218 8.74 -19.02 25.05
C THR D 218 7.52 -19.33 25.91
N ILE D 219 6.57 -20.13 25.42
CA ILE D 219 5.46 -20.54 26.27
C ILE D 219 5.97 -21.40 27.42
N ALA D 220 6.87 -22.34 27.12
CA ALA D 220 7.44 -23.18 28.18
C ALA D 220 8.24 -22.36 29.17
N ILE D 221 9.03 -21.39 28.68
CA ILE D 221 9.85 -20.56 29.56
C ILE D 221 8.97 -19.73 30.49
N PHE D 222 7.92 -19.11 29.94
CA PHE D 222 7.02 -18.30 30.77
C PHE D 222 6.30 -19.16 31.80
N ALA D 223 5.78 -20.33 31.39
CA ALA D 223 5.06 -21.19 32.31
C ALA D 223 5.98 -21.75 33.39
N LEU D 224 7.26 -21.95 33.08
CA LEU D 224 8.21 -22.37 34.10
C LEU D 224 8.60 -21.23 35.03
N LEU D 225 8.69 -20.01 34.51
CA LEU D 225 9.04 -18.87 35.34
C LEU D 225 7.94 -18.55 36.34
N VAL D 226 6.68 -18.57 35.91
CA VAL D 226 5.59 -18.29 36.84
C VAL D 226 5.49 -19.39 37.89
N GLY D 227 5.62 -20.65 37.50
CA GLY D 227 5.49 -21.77 38.42
C GLY D 227 4.48 -22.82 38.00
N GLN D 228 3.82 -22.65 36.85
CA GLN D 228 2.86 -23.63 36.37
C GLN D 228 3.58 -24.79 35.71
N ASP D 229 2.81 -25.80 35.30
CA ASP D 229 3.34 -26.92 34.55
C ASP D 229 3.43 -26.54 33.08
N PRO D 230 4.63 -26.50 32.50
CA PRO D 230 4.74 -26.07 31.10
C PRO D 230 4.14 -27.05 30.12
N ILE D 231 4.24 -28.36 30.38
CA ILE D 231 3.75 -29.38 29.45
C ILE D 231 2.25 -29.26 29.28
N VAL D 232 1.53 -29.09 30.40
CA VAL D 232 0.08 -28.91 30.33
C VAL D 232 -0.27 -27.65 29.55
N HIS D 233 0.57 -26.61 29.65
CA HIS D 233 0.28 -25.37 28.95
C HIS D 233 0.53 -25.45 27.45
N MET D 234 1.57 -26.18 27.01
CA MET D 234 1.74 -26.32 25.56
C MET D 234 0.72 -27.28 24.97
N VAL D 235 0.48 -28.41 25.64
CA VAL D 235 -0.36 -29.44 25.03
C VAL D 235 -1.82 -29.00 24.99
N SER D 236 -2.34 -28.49 26.11
CA SER D 236 -3.76 -28.14 26.17
C SER D 236 -4.03 -26.84 25.41
N GLY D 237 -5.28 -26.69 24.99
CA GLY D 237 -5.69 -25.52 24.26
C GLY D 237 -5.34 -25.60 22.78
N GLY D 238 -5.47 -24.46 22.12
CA GLY D 238 -5.16 -24.37 20.71
C GLY D 238 -3.75 -23.88 20.44
N VAL D 239 -2.81 -24.28 21.30
CA VAL D 239 -1.42 -23.85 21.12
C VAL D 239 -0.80 -24.52 19.91
N MET D 240 -1.05 -25.83 19.73
CA MET D 240 -0.41 -26.57 18.65
C MET D 240 -0.86 -26.10 17.27
N LEU D 241 -2.19 -26.04 17.06
CA LEU D 241 -2.69 -25.59 15.76
C LEU D 241 -2.36 -24.13 15.51
N GLY D 242 -2.44 -23.30 16.56
CA GLY D 242 -2.10 -21.90 16.40
C GLY D 242 -0.64 -21.68 16.06
N ALA D 243 0.26 -22.45 16.68
CA ALA D 243 1.68 -22.28 16.44
C ALA D 243 2.09 -22.83 15.07
N PHE D 244 1.57 -24.01 14.71
CA PHE D 244 2.04 -24.66 13.49
C PHE D 244 1.33 -24.17 12.24
N PHE D 245 0.00 -24.08 12.26
CA PHE D 245 -0.77 -23.84 11.05
C PHE D 245 -1.35 -22.43 10.95
N MET D 246 -1.27 -21.62 11.99
CA MET D 246 -1.93 -20.32 11.94
C MET D 246 -0.97 -19.16 12.22
N ALA D 247 0.01 -19.37 13.09
CA ALA D 247 1.05 -18.37 13.25
C ALA D 247 2.00 -18.35 12.07
N THR D 248 2.08 -19.46 11.32
CA THR D 248 2.92 -19.56 10.13
C THR D 248 2.18 -19.16 8.86
N ASP D 249 1.18 -18.29 8.97
CA ASP D 249 0.44 -17.83 7.80
C ASP D 249 1.35 -17.05 6.87
N TYR D 250 1.06 -17.12 5.57
CA TYR D 250 1.94 -16.51 4.58
C TYR D 250 1.73 -15.02 4.45
N ALA D 251 0.48 -14.59 4.32
CA ALA D 251 0.16 -13.20 4.01
C ALA D 251 0.13 -12.31 5.24
N SER D 252 0.42 -12.84 6.43
CA SER D 252 0.35 -12.03 7.64
C SER D 252 1.51 -12.25 8.59
N SER D 253 2.65 -12.74 8.11
CA SER D 253 3.83 -12.95 8.95
C SER D 253 5.05 -12.30 8.29
N PRO D 254 6.04 -11.89 9.07
CA PRO D 254 7.22 -11.24 8.49
C PRO D 254 8.00 -12.18 7.58
N VAL D 255 8.67 -11.59 6.60
CA VAL D 255 9.39 -12.35 5.58
C VAL D 255 10.85 -12.58 5.92
N THR D 256 11.39 -11.93 6.95
CA THR D 256 12.78 -12.05 7.33
C THR D 256 12.92 -12.92 8.58
N ALA D 257 14.17 -13.29 8.89
CA ALA D 257 14.43 -14.16 10.03
C ALA D 257 14.22 -13.44 11.36
N LYS D 258 14.77 -12.23 11.48
CA LYS D 258 14.57 -11.45 12.71
C LYS D 258 13.10 -11.12 12.91
N GLY D 259 12.40 -10.79 11.82
CA GLY D 259 10.97 -10.52 11.93
C GLY D 259 10.19 -11.71 12.44
N GLN D 260 10.50 -12.91 11.94
CA GLN D 260 9.82 -14.11 12.39
C GLN D 260 10.15 -14.43 13.84
N ILE D 261 11.41 -14.23 14.24
CA ILE D 261 11.79 -14.50 15.63
C ILE D 261 11.06 -13.57 16.59
N ILE D 262 11.03 -12.28 16.28
CA ILE D 262 10.36 -11.31 17.14
C ILE D 262 8.85 -11.55 17.13
N TYR D 263 8.30 -11.93 15.97
CA TYR D 263 6.88 -12.22 15.86
C TYR D 263 6.49 -13.41 16.73
N ALA D 264 7.30 -14.47 16.71
CA ALA D 264 7.02 -15.63 17.55
C ALA D 264 7.15 -15.31 19.03
N ILE D 265 8.18 -14.53 19.40
CA ILE D 265 8.36 -14.17 20.80
C ILE D 265 7.17 -13.35 21.30
N GLY D 266 6.74 -12.37 20.51
CA GLY D 266 5.59 -11.57 20.90
C GLY D 266 4.31 -12.37 20.97
N CYS D 267 4.10 -13.28 20.01
CA CYS D 267 2.92 -14.13 20.02
C CYS D 267 2.87 -14.97 21.30
N GLY D 268 4.00 -15.59 21.66
CA GLY D 268 4.03 -16.40 22.87
C GLY D 268 3.81 -15.58 24.12
N LEU D 269 4.44 -14.41 24.20
CA LEU D 269 4.29 -13.57 25.39
C LEU D 269 2.85 -13.11 25.58
N ILE D 270 2.21 -12.64 24.50
CA ILE D 270 0.84 -12.15 24.62
C ILE D 270 -0.11 -13.30 24.89
N THR D 271 0.12 -14.48 24.28
CA THR D 271 -0.71 -15.64 24.56
C THR D 271 -0.66 -16.01 26.03
N MET D 272 0.55 -16.08 26.60
CA MET D 272 0.68 -16.46 28.00
C MET D 272 0.08 -15.41 28.92
N ILE D 273 0.26 -14.12 28.59
CA ILE D 273 -0.29 -13.06 29.42
C ILE D 273 -1.82 -13.11 29.43
N ILE D 274 -2.43 -13.27 28.25
CA ILE D 274 -3.88 -13.31 28.16
C ILE D 274 -4.43 -14.56 28.84
N ARG D 275 -3.73 -15.69 28.71
CA ARG D 275 -4.21 -16.92 29.34
C ARG D 275 -4.13 -16.83 30.86
N LEU D 276 -3.02 -16.34 31.39
CA LEU D 276 -2.84 -16.34 32.84
C LEU D 276 -3.64 -15.23 33.53
N TYR D 277 -3.70 -14.03 32.94
CA TYR D 277 -4.26 -12.88 33.62
C TYR D 277 -5.49 -12.27 32.94
N GLY D 278 -5.84 -12.71 31.74
CA GLY D 278 -6.97 -12.14 31.03
C GLY D 278 -8.29 -12.76 31.45
N GLY D 279 -9.33 -12.38 30.71
CA GLY D 279 -10.68 -12.87 31.00
C GLY D 279 -11.06 -14.10 30.22
N TYR D 280 -10.26 -14.46 29.23
CA TYR D 280 -10.54 -15.61 28.39
C TYR D 280 -9.78 -16.83 28.89
N PRO D 281 -10.32 -18.05 28.70
CA PRO D 281 -9.56 -19.26 29.05
C PRO D 281 -8.40 -19.55 28.11
N GLU D 282 -8.34 -18.89 26.96
CA GLU D 282 -7.21 -19.04 26.04
C GLU D 282 -7.07 -17.75 25.26
N GLY D 283 -5.86 -17.48 24.78
CA GLY D 283 -5.60 -16.25 24.08
C GLY D 283 -4.75 -16.38 22.83
N CYS D 284 -4.86 -17.50 22.13
CA CYS D 284 -4.07 -17.68 20.91
C CYS D 284 -4.56 -16.77 19.79
N SER D 285 -5.88 -16.71 19.60
CA SER D 285 -6.44 -15.90 18.52
C SER D 285 -6.08 -14.43 18.68
N TYR D 286 -6.27 -13.89 19.88
CA TYR D 286 -6.07 -12.47 20.07
C TYR D 286 -4.59 -12.09 20.03
N SER D 287 -3.72 -12.96 20.55
CA SER D 287 -2.28 -12.71 20.46
C SER D 287 -1.82 -12.75 19.01
N ILE D 288 -2.28 -13.74 18.24
CA ILE D 288 -1.87 -13.82 16.84
C ILE D 288 -2.40 -12.64 16.05
N LEU D 289 -3.65 -12.22 16.31
CA LEU D 289 -4.19 -11.05 15.61
C LEU D 289 -3.45 -9.78 15.99
N LEU D 290 -3.07 -9.65 17.26
CA LEU D 290 -2.31 -8.47 17.69
C LEU D 290 -0.94 -8.43 17.03
N MET D 291 -0.28 -9.58 16.89
CA MET D 291 1.01 -9.60 16.22
C MET D 291 0.87 -9.52 14.69
N ASN D 292 -0.31 -9.80 14.14
CA ASN D 292 -0.56 -9.52 12.74
C ASN D 292 -0.77 -8.03 12.50
N VAL D 293 -1.35 -7.34 13.48
CA VAL D 293 -1.51 -5.89 13.38
C VAL D 293 -0.15 -5.19 13.40
N ALA D 294 0.73 -5.64 14.28
CA ALA D 294 2.06 -5.04 14.46
C ALA D 294 3.11 -5.65 13.54
N THR D 295 2.72 -6.54 12.64
CA THR D 295 3.67 -7.13 11.70
C THR D 295 4.35 -6.12 10.77
N PRO D 296 3.66 -5.15 10.15
CA PRO D 296 4.38 -4.20 9.28
C PRO D 296 5.46 -3.40 9.98
N LEU D 297 5.29 -3.09 11.27
CA LEU D 297 6.34 -2.39 12.00
C LEU D 297 7.60 -3.25 12.13
N ILE D 298 7.42 -4.53 12.44
CA ILE D 298 8.56 -5.44 12.54
C ILE D 298 9.20 -5.64 11.17
N GLU D 299 8.39 -5.67 10.11
CA GLU D 299 8.94 -5.77 8.76
C GLU D 299 9.76 -4.54 8.42
N ARG D 300 9.30 -3.36 8.84
CA ARG D 300 10.01 -2.12 8.54
C ARG D 300 11.31 -2.01 9.32
N PHE D 301 11.32 -2.47 10.57
CA PHE D 301 12.48 -2.28 11.42
C PHE D 301 13.53 -3.39 11.32
N THR D 302 13.27 -4.47 10.60
CA THR D 302 14.17 -5.62 10.56
C THR D 302 14.53 -5.98 9.11
N LYS D 303 14.94 -4.99 8.33
CA LYS D 303 15.38 -5.24 6.96
C LYS D 303 16.84 -5.68 6.94
N GLU D 304 17.14 -6.61 6.05
CA GLU D 304 18.49 -7.15 5.93
C GLU D 304 19.42 -6.14 5.25
N ARG D 305 20.70 -6.20 5.63
CA ARG D 305 21.69 -5.29 5.07
C ARG D 305 21.96 -5.64 3.62
N ILE D 306 21.68 -4.70 2.72
CA ILE D 306 21.86 -4.93 1.29
C ILE D 306 23.35 -5.03 0.97
N TYR D 307 23.68 -5.92 0.02
CA TYR D 307 25.06 -6.14 -0.39
C TYR D 307 25.67 -4.88 -0.98
N GLY D 308 26.62 -4.27 -0.27
CA GLY D 308 27.37 -3.12 -0.77
C GLY D 308 27.32 -1.92 0.15
N VAL D 309 26.17 -1.63 0.75
CA VAL D 309 26.01 -0.43 1.57
C VAL D 309 26.56 -0.71 2.96
N THR D 310 27.57 0.06 3.36
CA THR D 310 28.24 -0.13 4.64
C THR D 310 27.73 0.85 5.69
N LYS D 311 26.42 0.85 5.90
CA LYS D 311 25.76 1.51 7.03
C LYS D 311 26.10 3.00 7.11
N ILE D 312 25.60 3.75 6.11
CA ILE D 312 25.76 5.19 6.09
C ILE D 312 25.16 5.80 7.34
N LYS D 313 25.90 6.70 7.98
CA LYS D 313 25.59 7.16 9.34
C LYS D 313 24.70 8.39 9.36
N LYS D 314 23.60 8.36 8.61
CA LYS D 314 22.51 9.33 8.71
C LYS D 314 22.98 10.78 8.54
N GLU D 315 23.94 10.99 7.63
CA GLU D 315 24.48 12.33 7.41
C GLU D 315 24.60 12.67 5.93
N ALA D 316 23.85 11.99 5.07
CA ALA D 316 23.84 12.26 3.64
C ALA D 316 22.65 13.11 3.21
N LYS D 317 21.85 13.59 4.15
CA LYS D 317 20.66 14.38 3.84
C LYS D 317 20.55 15.60 4.75
N ALA D 318 21.68 16.19 5.12
CA ALA D 318 21.68 17.36 5.98
C ALA D 318 22.62 18.43 5.44
N MET E 1 -30.98 32.10 -5.27
CA MET E 1 -30.47 30.95 -6.01
C MET E 1 -29.39 30.25 -5.19
N ASN E 2 -28.62 31.05 -4.44
CA ASN E 2 -27.55 30.51 -3.60
C ASN E 2 -28.05 29.86 -2.33
N PHE E 3 -29.21 30.25 -1.82
CA PHE E 3 -29.74 29.66 -0.59
C PHE E 3 -30.05 28.18 -0.78
N MET E 4 -30.84 27.86 -1.80
CA MET E 4 -31.18 26.46 -2.07
C MET E 4 -29.97 25.67 -2.54
N LYS E 5 -29.06 26.32 -3.28
CA LYS E 5 -27.85 25.64 -3.71
C LYS E 5 -26.99 25.25 -2.52
N ASN E 6 -26.82 26.16 -1.56
CA ASN E 6 -26.05 25.85 -0.36
C ASN E 6 -26.73 24.77 0.47
N LEU E 7 -28.06 24.84 0.59
CA LEU E 7 -28.78 23.84 1.37
C LEU E 7 -28.64 22.45 0.75
N THR E 8 -28.80 22.36 -0.58
CA THR E 8 -28.66 21.08 -1.27
C THR E 8 -27.22 20.57 -1.20
N ARG E 9 -26.25 21.49 -1.27
CA ARG E 9 -24.86 21.10 -1.12
C ARG E 9 -24.59 20.52 0.26
N GLY E 10 -25.15 21.13 1.29
CA GLY E 10 -24.98 20.61 2.64
C GLY E 10 -25.65 19.27 2.84
N ILE E 11 -26.82 19.07 2.23
CA ILE E 11 -27.57 17.83 2.45
C ILE E 11 -26.89 16.66 1.73
N ILE E 12 -26.75 16.76 0.41
CA ILE E 12 -26.41 15.59 -0.39
C ILE E 12 -24.94 15.60 -0.81
N ARG E 13 -24.48 16.71 -1.40
CA ARG E 13 -23.17 16.70 -2.03
C ARG E 13 -22.01 16.72 -1.02
N GLU E 14 -22.19 17.33 0.14
CA GLU E 14 -21.13 17.30 1.16
C GLU E 14 -21.27 16.10 2.09
N ASN E 15 -22.38 15.99 2.84
CA ASN E 15 -22.71 14.84 3.68
C ASN E 15 -21.54 14.45 4.58
N PRO E 16 -21.31 15.17 5.68
CA PRO E 16 -20.02 15.09 6.38
C PRO E 16 -19.64 13.71 6.87
N THR E 17 -20.61 12.83 7.13
CA THR E 17 -20.28 11.47 7.54
C THR E 17 -19.77 10.64 6.37
N PHE E 18 -20.37 10.78 5.19
CA PHE E 18 -20.12 9.86 4.10
C PHE E 18 -19.03 10.32 3.14
N VAL E 19 -18.79 11.63 3.00
CA VAL E 19 -17.82 12.15 2.04
C VAL E 19 -16.75 12.99 2.73
N LEU E 20 -17.15 13.94 3.56
CA LEU E 20 -16.18 14.82 4.20
C LEU E 20 -15.36 14.11 5.27
N VAL E 21 -15.86 13.00 5.81
CA VAL E 21 -15.17 12.19 6.82
C VAL E 21 -14.85 13.04 8.04
N LEU E 22 -15.89 13.50 8.74
CA LEU E 22 -15.75 14.31 9.94
C LEU E 22 -16.87 13.98 10.91
N GLY E 23 -16.66 14.30 12.18
CA GLY E 23 -17.64 14.04 13.20
C GLY E 23 -17.90 12.56 13.41
N MET E 24 -16.83 11.78 13.49
CA MET E 24 -16.94 10.33 13.48
C MET E 24 -17.15 9.70 14.84
N CYS E 25 -16.66 10.33 15.92
CA CYS E 25 -16.86 9.76 17.25
C CYS E 25 -18.32 9.67 17.65
N PRO E 26 -19.16 10.73 17.54
CA PRO E 26 -20.59 10.53 17.80
C PRO E 26 -21.29 9.74 16.72
N THR E 27 -20.72 9.64 15.53
CA THR E 27 -21.32 8.83 14.47
C THR E 27 -21.24 7.34 14.82
N LEU E 28 -20.06 6.88 15.25
CA LEU E 28 -19.88 5.47 15.56
C LEU E 28 -20.19 5.13 17.00
N ALA E 29 -20.34 6.11 17.89
CA ALA E 29 -20.47 5.79 19.31
C ALA E 29 -21.91 5.72 19.79
N VAL E 30 -22.85 6.38 19.11
CA VAL E 30 -24.21 6.51 19.62
C VAL E 30 -25.25 5.99 18.62
N THR E 31 -24.82 5.43 17.49
CA THR E 31 -25.75 4.97 16.47
C THR E 31 -26.18 3.52 16.67
N THR E 32 -26.23 3.05 17.92
CA THR E 32 -26.75 1.72 18.19
C THR E 32 -28.25 1.60 17.94
N SER E 33 -28.95 2.72 17.76
CA SER E 33 -30.37 2.71 17.47
C SER E 33 -30.72 3.98 16.70
N ALA E 34 -31.92 3.99 16.12
CA ALA E 34 -32.34 5.14 15.31
C ALA E 34 -32.69 6.36 16.14
N ILE E 35 -33.26 6.16 17.33
CA ILE E 35 -33.69 7.27 18.16
C ILE E 35 -32.50 8.08 18.65
N ASN E 36 -31.44 7.40 19.09
CA ASN E 36 -30.24 8.11 19.54
C ASN E 36 -29.58 8.86 18.39
N GLY E 37 -29.56 8.26 17.21
CA GLY E 37 -29.03 8.96 16.04
C GLY E 37 -29.83 10.19 15.69
N MET E 38 -31.17 10.09 15.76
CA MET E 38 -32.01 11.25 15.51
C MET E 38 -31.76 12.35 16.53
N GLY E 39 -31.62 11.98 17.81
CA GLY E 39 -31.36 12.98 18.83
C GLY E 39 -30.02 13.68 18.65
N MET E 40 -28.97 12.91 18.36
CA MET E 40 -27.67 13.50 18.07
C MET E 40 -27.72 14.40 16.85
N GLY E 41 -28.42 13.97 15.80
CA GLY E 41 -28.53 14.79 14.61
C GLY E 41 -29.24 16.11 14.87
N LEU E 42 -30.34 16.07 15.63
CA LEU E 42 -31.07 17.29 15.93
C LEU E 42 -30.26 18.24 16.81
N ALA E 43 -29.58 17.69 17.83
CA ALA E 43 -28.76 18.53 18.70
C ALA E 43 -27.60 19.16 17.93
N THR E 44 -26.93 18.38 17.08
CA THR E 44 -25.84 18.91 16.27
C THR E 44 -26.34 19.97 15.30
N MET E 45 -27.52 19.75 14.71
CA MET E 45 -28.09 20.73 13.79
C MET E 45 -28.38 22.05 14.49
N LEU E 46 -28.98 21.99 15.68
CA LEU E 46 -29.30 23.22 16.41
C LEU E 46 -28.03 23.96 16.83
N VAL E 47 -27.04 23.21 17.35
CA VAL E 47 -25.79 23.84 17.78
C VAL E 47 -25.05 24.44 16.59
N LEU E 48 -25.05 23.74 15.45
CA LEU E 48 -24.39 24.24 14.26
C LEU E 48 -25.06 25.51 13.75
N ILE E 49 -26.39 25.54 13.75
CA ILE E 49 -27.10 26.76 13.33
C ILE E 49 -26.71 27.94 14.21
N GLY E 50 -26.77 27.74 15.54
CA GLY E 50 -26.46 28.83 16.45
C GLY E 50 -25.03 29.32 16.31
N SER E 51 -24.08 28.39 16.28
CA SER E 51 -22.67 28.75 16.20
C SER E 51 -22.34 29.43 14.87
N ASN E 52 -22.86 28.90 13.76
CA ASN E 52 -22.59 29.51 12.46
C ASN E 52 -23.19 30.90 12.36
N VAL E 53 -24.41 31.09 12.86
CA VAL E 53 -25.02 32.41 12.83
C VAL E 53 -24.22 33.40 13.65
N ALA E 54 -23.83 33.01 14.87
CA ALA E 54 -23.06 33.92 15.73
C ALA E 54 -21.70 34.24 15.13
N ILE E 55 -21.01 33.25 14.59
CA ILE E 55 -19.66 33.46 14.07
C ILE E 55 -19.70 34.33 12.82
N SER E 56 -20.66 34.06 11.92
CA SER E 56 -20.77 34.88 10.71
C SER E 56 -21.25 36.29 11.03
N ALA E 57 -22.01 36.47 12.13
CA ALA E 57 -22.38 37.81 12.55
C ALA E 57 -21.22 38.53 13.22
N LEU E 58 -20.25 37.80 13.77
CA LEU E 58 -19.11 38.40 14.45
C LEU E 58 -17.82 38.14 13.69
N ARG E 59 -17.86 38.24 12.36
CA ARG E 59 -16.67 38.02 11.55
C ARG E 59 -15.77 39.25 11.49
N LYS E 60 -16.32 40.44 11.74
CA LYS E 60 -15.56 41.68 11.60
C LYS E 60 -14.79 42.07 12.85
N VAL E 61 -15.01 41.39 13.97
CA VAL E 61 -14.36 41.73 15.23
C VAL E 61 -13.34 40.70 15.68
N ILE E 62 -13.32 39.52 15.07
CA ILE E 62 -12.42 38.44 15.47
C ILE E 62 -11.18 38.51 14.57
N PRO E 63 -10.00 38.76 15.11
CA PRO E 63 -8.79 38.75 14.30
C PRO E 63 -8.34 37.32 13.99
N ASP E 64 -7.26 37.23 13.23
CA ASP E 64 -6.75 35.94 12.77
C ASP E 64 -5.83 35.24 13.76
N ASN E 65 -5.55 35.87 14.91
CA ASN E 65 -4.60 35.30 15.86
C ASN E 65 -5.28 34.57 17.01
N ILE E 66 -6.49 34.98 17.39
CA ILE E 66 -7.21 34.34 18.49
C ILE E 66 -8.54 33.80 18.00
N ARG E 67 -8.58 33.37 16.73
CA ARG E 67 -9.82 32.90 16.15
C ARG E 67 -10.31 31.62 16.83
N ILE E 68 -9.39 30.69 17.13
CA ILE E 68 -9.79 29.42 17.74
C ILE E 68 -10.39 29.59 19.13
N PRO E 69 -9.78 30.34 20.06
CA PRO E 69 -10.45 30.49 21.37
C PRO E 69 -11.83 31.12 21.29
N ALA E 70 -12.01 32.16 20.48
CA ALA E 70 -13.33 32.79 20.37
C ALA E 70 -14.34 31.84 19.74
N PHE E 71 -13.94 31.14 18.66
CA PHE E 71 -14.84 30.21 17.99
C PHE E 71 -15.30 29.11 18.94
N VAL E 72 -14.36 28.45 19.61
CA VAL E 72 -14.74 27.34 20.47
C VAL E 72 -15.39 27.82 21.75
N VAL E 73 -15.15 29.06 22.18
CA VAL E 73 -15.90 29.59 23.33
C VAL E 73 -17.37 29.79 22.97
N VAL E 74 -17.64 30.37 21.79
CA VAL E 74 -19.02 30.55 21.36
C VAL E 74 -19.71 29.20 21.18
N ILE E 75 -19.01 28.25 20.55
CA ILE E 75 -19.56 26.91 20.34
C ILE E 75 -19.84 26.23 21.68
N ALA E 76 -18.91 26.36 22.64
CA ALA E 76 -19.09 25.72 23.93
C ALA E 76 -20.24 26.34 24.71
N SER E 77 -20.41 27.66 24.61
CA SER E 77 -21.55 28.29 25.27
C SER E 77 -22.88 27.79 24.69
N PHE E 78 -22.96 27.70 23.36
CA PHE E 78 -24.19 27.18 22.75
C PHE E 78 -24.43 25.72 23.11
N VAL E 79 -23.35 24.93 23.17
CA VAL E 79 -23.48 23.52 23.53
C VAL E 79 -23.95 23.37 24.97
N THR E 80 -23.42 24.19 25.88
CA THR E 80 -23.87 24.14 27.26
C THR E 80 -25.33 24.54 27.39
N ILE E 81 -25.76 25.55 26.62
CA ILE E 81 -27.17 25.95 26.62
C ILE E 81 -28.05 24.78 26.17
N VAL E 82 -27.68 24.15 25.05
CA VAL E 82 -28.47 23.05 24.50
C VAL E 82 -28.49 21.86 25.45
N GLY E 83 -27.34 21.54 26.04
CA GLY E 83 -27.26 20.42 26.96
C GLY E 83 -28.07 20.63 28.21
N MET E 84 -28.04 21.85 28.77
CA MET E 84 -28.86 22.12 29.95
C MET E 84 -30.34 22.10 29.61
N LEU E 85 -30.71 22.62 28.43
CA LEU E 85 -32.12 22.58 28.02
C LEU E 85 -32.62 21.15 27.86
N MET E 86 -31.82 20.28 27.24
CA MET E 86 -32.23 18.90 27.07
C MET E 86 -32.12 18.10 28.37
N LYS E 87 -31.27 18.54 29.30
CA LYS E 87 -31.29 17.98 30.64
C LYS E 87 -32.62 18.29 31.32
N ALA E 88 -33.10 19.52 31.16
CA ALA E 88 -34.37 19.92 31.76
C ALA E 88 -35.57 19.26 31.09
N TYR E 89 -35.50 19.00 29.79
CA TYR E 89 -36.65 18.52 29.04
C TYR E 89 -36.61 17.04 28.71
N VAL E 90 -35.49 16.54 28.17
CA VAL E 90 -35.42 15.14 27.71
C VAL E 90 -34.36 14.39 28.50
N PRO E 91 -34.71 13.81 29.66
CA PRO E 91 -33.67 13.11 30.44
C PRO E 91 -33.26 11.78 29.85
N ALA E 92 -34.16 11.09 29.15
CA ALA E 92 -33.82 9.77 28.62
C ALA E 92 -32.75 9.84 27.54
N LEU E 93 -32.85 10.84 26.65
CA LEU E 93 -31.85 10.99 25.60
C LEU E 93 -30.49 11.33 26.18
N ASP E 94 -30.46 12.21 27.18
CA ASP E 94 -29.20 12.56 27.84
C ASP E 94 -28.60 11.36 28.57
N ALA E 95 -29.45 10.55 29.21
CA ALA E 95 -28.97 9.36 29.89
C ALA E 95 -28.40 8.35 28.90
N ALA E 96 -29.04 8.20 27.74
CA ALA E 96 -28.52 7.30 26.72
C ALA E 96 -27.23 7.83 26.10
N LEU E 97 -27.08 9.15 26.03
CA LEU E 97 -25.90 9.74 25.42
C LEU E 97 -24.71 9.71 26.36
N GLY E 98 -24.80 10.40 27.50
CA GLY E 98 -23.76 10.38 28.49
C GLY E 98 -22.63 11.36 28.24
N ILE E 99 -21.43 10.84 27.95
CA ILE E 99 -20.24 11.68 27.92
C ILE E 99 -20.21 12.57 26.68
N PHE E 100 -20.94 12.19 25.62
CA PHE E 100 -20.81 12.89 24.35
C PHE E 100 -21.67 14.15 24.27
N ILE E 101 -22.44 14.48 25.30
CA ILE E 101 -23.21 15.71 25.30
C ILE E 101 -22.31 16.90 25.64
N PRO E 102 -21.45 16.85 26.67
CA PRO E 102 -20.41 17.88 26.77
C PRO E 102 -19.44 17.85 25.61
N LEU E 103 -19.28 16.71 24.95
CA LEU E 103 -18.35 16.56 23.83
C LEU E 103 -18.96 16.95 22.49
N ILE E 104 -20.08 17.68 22.48
CA ILE E 104 -20.56 18.27 21.23
C ILE E 104 -19.63 19.39 20.80
N VAL E 105 -18.97 20.05 21.76
CA VAL E 105 -18.01 21.10 21.45
C VAL E 105 -16.86 20.56 20.61
N VAL E 106 -16.47 19.31 20.84
CA VAL E 106 -15.35 18.71 20.12
C VAL E 106 -15.84 17.87 18.93
N ASN E 107 -17.03 18.15 18.43
CA ASN E 107 -17.43 17.60 17.14
C ASN E 107 -16.65 18.30 16.03
N CYS E 108 -15.92 17.53 15.23
CA CYS E 108 -15.04 18.13 14.22
C CYS E 108 -15.82 18.89 13.16
N ILE E 109 -17.06 18.48 12.91
CA ILE E 109 -17.88 19.12 11.89
C ILE E 109 -18.14 20.58 12.24
N ILE E 110 -18.43 20.87 13.51
CA ILE E 110 -18.82 22.21 13.91
C ILE E 110 -17.68 23.20 13.72
N LEU E 111 -16.49 22.89 14.23
CA LEU E 111 -15.38 23.81 14.09
C LEU E 111 -14.83 23.81 12.67
N ALA E 112 -14.89 22.68 11.97
CA ALA E 112 -14.46 22.66 10.57
C ALA E 112 -15.31 23.58 9.71
N ARG E 113 -16.64 23.53 9.89
CA ARG E 113 -17.52 24.40 9.12
C ARG E 113 -17.51 25.83 9.64
N ALA E 114 -17.12 26.04 10.90
CA ALA E 114 -16.94 27.40 11.39
C ALA E 114 -15.72 28.06 10.75
N GLU E 115 -14.60 27.35 10.71
CA GLU E 115 -13.36 27.91 10.17
C GLU E 115 -13.29 27.84 8.65
N ALA E 116 -14.16 27.06 8.00
CA ALA E 116 -14.09 26.91 6.56
C ALA E 116 -15.09 27.79 5.83
N PHE E 117 -16.33 27.87 6.31
CA PHE E 117 -17.39 28.57 5.60
C PHE E 117 -18.01 29.70 6.40
N ALA E 118 -18.16 29.53 7.72
CA ALA E 118 -18.86 30.54 8.51
C ALA E 118 -18.05 31.80 8.75
N PHE E 119 -16.72 31.72 8.62
CA PHE E 119 -15.88 32.89 8.90
C PHE E 119 -15.92 33.92 7.78
N SER E 120 -16.00 33.48 6.52
CA SER E 120 -15.88 34.38 5.37
C SER E 120 -17.14 34.37 4.51
N ASN E 121 -18.31 34.41 5.14
CA ASN E 121 -19.58 34.42 4.41
C ASN E 121 -20.61 35.18 5.23
N GLY E 122 -21.72 35.51 4.58
CA GLY E 122 -22.79 36.26 5.22
C GLY E 122 -23.61 35.42 6.17
N ILE E 123 -24.59 36.07 6.80
CA ILE E 123 -25.44 35.41 7.78
C ILE E 123 -26.35 34.40 7.09
N ALA E 124 -27.00 34.81 6.00
CA ALA E 124 -27.98 33.96 5.34
C ALA E 124 -27.33 32.73 4.71
N ASP E 125 -26.19 32.91 4.04
CA ASP E 125 -25.51 31.79 3.40
C ASP E 125 -25.02 30.79 4.44
N SER E 126 -24.46 31.29 5.54
CA SER E 126 -23.99 30.40 6.61
C SER E 126 -25.16 29.68 7.26
N PHE E 127 -26.29 30.36 7.43
CA PHE E 127 -27.47 29.71 8.01
C PHE E 127 -27.99 28.61 7.10
N ALA E 128 -28.03 28.87 5.79
CA ALA E 128 -28.47 27.84 4.85
C ALA E 128 -27.52 26.65 4.84
N ASP E 129 -26.21 26.91 4.86
CA ASP E 129 -25.23 25.83 4.91
C ASP E 129 -25.38 25.01 6.19
N ALA E 130 -25.58 25.69 7.32
CA ALA E 130 -25.77 24.98 8.58
C ALA E 130 -27.02 24.11 8.56
N VAL E 131 -28.13 24.64 8.02
CA VAL E 131 -29.36 23.86 7.94
C VAL E 131 -29.15 22.62 7.08
N GLY E 132 -28.55 22.81 5.90
CA GLY E 132 -28.36 21.69 5.00
C GLY E 132 -27.42 20.64 5.56
N MET E 133 -26.32 21.08 6.19
CA MET E 133 -25.35 20.13 6.72
C MET E 133 -25.88 19.41 7.96
N GLY E 134 -26.66 20.10 8.78
CA GLY E 134 -27.31 19.43 9.90
C GLY E 134 -28.32 18.39 9.44
N LEU E 135 -29.10 18.71 8.39
CA LEU E 135 -30.03 17.74 7.85
C LEU E 135 -29.30 16.53 7.26
N GLY E 136 -28.18 16.78 6.58
CA GLY E 136 -27.40 15.67 6.05
C GLY E 136 -26.81 14.79 7.13
N PHE E 137 -26.27 15.40 8.19
CA PHE E 137 -25.75 14.62 9.32
C PHE E 137 -26.85 13.82 10.00
N THR E 138 -28.03 14.42 10.17
CA THR E 138 -29.16 13.71 10.76
C THR E 138 -29.57 12.52 9.92
N LEU E 139 -29.64 12.71 8.59
CA LEU E 139 -30.02 11.60 7.71
C LEU E 139 -28.98 10.48 7.73
N ALA E 140 -27.70 10.84 7.73
CA ALA E 140 -26.65 9.81 7.78
C ALA E 140 -26.69 9.03 9.08
N LEU E 141 -26.88 9.73 10.21
CA LEU E 141 -26.97 9.06 11.50
C LEU E 141 -28.19 8.16 11.56
N THR E 142 -29.33 8.62 11.03
CA THR E 142 -30.54 7.81 11.03
C THR E 142 -30.36 6.55 10.19
N ILE E 143 -29.75 6.67 9.01
CA ILE E 143 -29.55 5.51 8.15
C ILE E 143 -28.62 4.49 8.82
N LEU E 144 -27.50 4.97 9.35
CA LEU E 144 -26.54 4.07 9.99
C LEU E 144 -27.14 3.40 11.22
N GLY E 145 -27.87 4.16 12.03
CA GLY E 145 -28.51 3.59 13.20
C GLY E 145 -29.58 2.57 12.85
N SER E 146 -30.36 2.85 11.81
CA SER E 146 -31.39 1.90 11.38
C SER E 146 -30.76 0.59 10.89
N ILE E 147 -29.68 0.68 10.10
CA ILE E 147 -29.04 -0.54 9.61
C ILE E 147 -28.45 -1.33 10.77
N ARG E 148 -27.75 -0.64 11.69
CA ARG E 148 -27.13 -1.34 12.81
C ARG E 148 -28.17 -1.96 13.74
N GLU E 149 -29.28 -1.25 13.99
CA GLU E 149 -30.32 -1.80 14.84
C GLU E 149 -31.02 -2.98 14.18
N ILE E 150 -31.22 -2.92 12.86
CA ILE E 150 -31.84 -4.03 12.15
C ILE E 150 -30.96 -5.27 12.25
N LEU E 151 -29.66 -5.10 12.05
CA LEU E 151 -28.77 -6.27 12.06
C LEU E 151 -28.49 -6.79 13.46
N GLY E 152 -28.40 -5.92 14.46
CA GLY E 152 -27.95 -6.35 15.77
C GLY E 152 -28.98 -6.34 16.89
N ALA E 153 -30.21 -5.95 16.60
CA ALA E 153 -31.28 -6.03 17.59
C ALA E 153 -32.60 -6.53 17.02
N GLY E 154 -32.76 -6.57 15.70
CA GLY E 154 -34.03 -6.98 15.09
C GLY E 154 -35.17 -6.04 15.37
N SER E 155 -34.94 -4.72 15.29
CA SER E 155 -36.00 -3.76 15.53
C SER E 155 -35.65 -2.44 14.85
N ILE E 156 -36.68 -1.64 14.62
CA ILE E 156 -36.52 -0.26 14.14
C ILE E 156 -37.42 0.62 14.99
N PHE E 157 -36.83 1.65 15.61
CA PHE E 157 -37.54 2.60 16.47
C PHE E 157 -38.28 1.91 17.60
N GLY E 158 -37.72 0.82 18.11
CA GLY E 158 -38.30 0.10 19.23
C GLY E 158 -39.30 -0.98 18.88
N PHE E 159 -39.69 -1.10 17.62
CA PHE E 159 -40.66 -2.11 17.19
C PHE E 159 -39.91 -3.30 16.63
N SER E 160 -40.09 -4.46 17.24
CA SER E 160 -39.37 -5.67 16.85
C SER E 160 -39.78 -6.11 15.45
N LEU E 161 -38.81 -6.71 14.74
CA LEU E 161 -38.99 -7.10 13.35
C LEU E 161 -38.97 -8.60 13.14
N PHE E 162 -37.90 -9.28 13.57
CA PHE E 162 -37.73 -10.70 13.29
C PHE E 162 -38.27 -11.55 14.45
N GLY E 163 -39.55 -11.32 14.75
CA GLY E 163 -40.23 -12.09 15.77
C GLY E 163 -39.60 -11.95 17.14
N ALA E 164 -39.41 -13.08 17.81
CA ALA E 164 -38.83 -13.11 19.14
C ALA E 164 -37.75 -14.16 19.34
N ALA E 165 -37.59 -15.11 18.42
CA ALA E 165 -36.56 -16.13 18.52
C ALA E 165 -35.26 -15.76 17.83
N TYR E 166 -35.19 -14.55 17.26
CA TYR E 166 -33.98 -14.10 16.59
C TYR E 166 -32.86 -13.87 17.59
N GLU E 167 -31.68 -14.44 17.30
CA GLU E 167 -30.51 -14.23 18.15
C GLU E 167 -29.67 -13.11 17.57
N PRO E 168 -29.51 -11.99 18.27
CA PRO E 168 -28.87 -10.83 17.69
C PRO E 168 -27.38 -11.04 17.44
N VAL E 169 -26.86 -10.31 16.46
CA VAL E 169 -25.42 -10.23 16.21
C VAL E 169 -24.87 -9.21 17.19
N LEU E 170 -24.30 -9.68 18.30
CA LEU E 170 -23.92 -8.78 19.38
C LEU E 170 -22.73 -7.90 19.03
N LEU E 171 -21.94 -8.26 18.01
CA LEU E 171 -20.85 -7.40 17.56
C LEU E 171 -21.34 -6.24 16.71
N MET E 172 -22.61 -6.27 16.28
CA MET E 172 -23.13 -5.20 15.44
C MET E 172 -23.13 -3.87 16.18
N ILE E 173 -23.55 -3.88 17.45
CA ILE E 173 -23.57 -2.68 18.27
C ILE E 173 -22.23 -2.42 18.95
N LEU E 174 -21.25 -3.28 18.74
CA LEU E 174 -19.90 -3.05 19.21
C LEU E 174 -19.16 -2.12 18.23
N PRO E 175 -18.06 -1.51 18.66
CA PRO E 175 -17.31 -0.59 17.77
C PRO E 175 -16.88 -1.22 16.45
N PRO E 176 -16.42 -2.48 16.41
CA PRO E 176 -16.09 -3.05 15.09
C PRO E 176 -17.28 -3.11 14.14
N GLY E 177 -18.48 -3.36 14.65
CA GLY E 177 -19.65 -3.37 13.78
C GLY E 177 -19.89 -2.01 13.13
N ALA E 178 -19.77 -0.94 13.92
CA ALA E 178 -19.93 0.41 13.37
C ALA E 178 -18.87 0.72 12.35
N PHE E 179 -17.61 0.35 12.63
CA PHE E 179 -16.53 0.62 11.68
C PHE E 179 -16.76 -0.11 10.35
N LEU E 180 -17.10 -1.40 10.43
CA LEU E 180 -17.32 -2.19 9.22
C LEU E 180 -18.53 -1.67 8.44
N THR E 181 -19.61 -1.31 9.14
CA THR E 181 -20.79 -0.81 8.47
C THR E 181 -20.51 0.51 7.75
N LEU E 182 -19.79 1.42 8.41
CA LEU E 182 -19.49 2.69 7.76
C LEU E 182 -18.57 2.48 6.55
N GLY E 183 -17.57 1.59 6.68
CA GLY E 183 -16.71 1.30 5.55
C GLY E 183 -17.47 0.75 4.36
N LEU E 184 -18.36 -0.22 4.61
CA LEU E 184 -19.14 -0.81 3.52
C LEU E 184 -20.10 0.20 2.91
N LEU E 185 -20.72 1.04 3.73
CA LEU E 185 -21.66 2.03 3.20
C LEU E 185 -20.96 3.07 2.35
N ILE E 186 -19.80 3.56 2.80
CA ILE E 186 -19.06 4.54 1.99
C ILE E 186 -18.55 3.89 0.71
N GLY E 187 -18.13 2.61 0.78
CA GLY E 187 -17.74 1.92 -0.44
C GLY E 187 -18.88 1.77 -1.43
N LEU E 188 -20.07 1.44 -0.94
CA LEU E 188 -21.24 1.34 -1.80
C LEU E 188 -21.58 2.69 -2.43
N ILE E 189 -21.52 3.76 -1.64
CA ILE E 189 -21.82 5.09 -2.16
C ILE E 189 -20.81 5.49 -3.23
N ASN E 190 -19.52 5.22 -2.99
CA ASN E 190 -18.50 5.53 -3.98
C ASN E 190 -18.70 4.74 -5.27
N TRP E 191 -19.04 3.45 -5.15
CA TRP E 191 -19.27 2.63 -6.33
C TRP E 191 -20.47 3.14 -7.13
N LYS E 192 -21.55 3.48 -6.43
CA LYS E 192 -22.74 3.98 -7.12
C LYS E 192 -22.48 5.32 -7.79
N THR E 193 -21.71 6.20 -7.14
CA THR E 193 -21.38 7.49 -7.74
C THR E 193 -20.49 7.32 -8.96
N LYS E 194 -19.47 6.45 -8.87
CA LYS E 194 -18.54 6.29 -9.98
C LYS E 194 -19.19 5.59 -11.17
N LYS E 195 -20.06 4.61 -10.92
CA LYS E 195 -20.71 3.91 -12.02
C LYS E 195 -21.85 4.70 -12.65
N ALA E 196 -22.28 5.79 -12.03
CA ALA E 196 -23.35 6.61 -12.59
C ALA E 196 -22.78 7.69 -13.51
N MET F 1 14.82 45.97 18.90
CA MET F 1 14.53 45.28 20.14
C MET F 1 13.02 45.11 20.33
N GLU F 2 12.63 43.87 20.66
CA GLU F 2 11.22 43.50 20.86
C GLU F 2 10.37 43.83 19.64
N THR F 3 10.94 43.58 18.45
CA THR F 3 10.30 43.84 17.16
C THR F 3 9.86 45.29 17.02
N LYS F 4 10.84 46.19 17.18
CA LYS F 4 10.63 47.64 17.12
C LYS F 4 9.60 48.10 18.14
N GLU F 5 9.66 47.54 19.35
CA GLU F 5 8.68 47.77 20.41
C GLU F 5 7.27 47.42 19.94
N LYS F 6 7.13 46.21 19.39
CA LYS F 6 5.87 45.72 18.83
C LYS F 6 5.33 46.68 17.78
N VAL F 7 6.23 47.15 16.91
CA VAL F 7 5.95 48.16 15.89
C VAL F 7 5.33 49.39 16.55
N GLN F 8 6.10 50.05 17.41
CA GLN F 8 5.74 51.25 18.18
C GLN F 8 4.30 51.22 18.71
N ILE F 9 3.41 52.02 18.12
CA ILE F 9 2.04 52.14 18.62
C ILE F 9 1.22 50.88 18.38
N ASP F 10 1.77 49.91 17.63
CA ASP F 10 1.01 48.68 17.37
C ASP F 10 1.00 47.71 18.57
N TRP F 11 1.28 48.16 19.80
CA TRP F 11 0.95 47.37 20.98
C TRP F 11 -0.55 47.20 21.13
N LYS F 12 -1.32 47.99 20.38
CA LYS F 12 -2.77 47.94 20.48
C LYS F 12 -3.33 46.61 19.98
N VAL F 13 -2.61 45.90 19.11
CA VAL F 13 -3.10 44.57 18.75
C VAL F 13 -2.98 43.62 19.95
N VAL F 14 -1.88 43.70 20.70
CA VAL F 14 -1.70 42.90 21.91
C VAL F 14 -2.77 43.25 22.93
N PHE F 15 -3.10 44.54 23.04
CA PHE F 15 -4.13 44.95 24.00
C PHE F 15 -5.52 44.50 23.55
N LYS F 16 -5.86 44.73 22.27
CA LYS F 16 -7.22 44.51 21.80
C LYS F 16 -7.54 43.03 21.65
N LEU F 17 -6.55 42.19 21.37
CA LEU F 17 -6.82 40.74 21.36
C LEU F 17 -7.33 40.28 22.72
N GLY F 18 -6.60 40.64 23.79
CA GLY F 18 -7.04 40.30 25.12
C GLY F 18 -8.35 40.94 25.50
N LEU F 19 -8.55 42.20 25.11
CA LEU F 19 -9.80 42.89 25.45
C LEU F 19 -11.00 42.23 24.75
N ILE F 20 -10.86 41.87 23.48
CA ILE F 20 -11.95 41.24 22.74
C ILE F 20 -12.26 39.87 23.34
N LEU F 21 -11.22 39.10 23.65
CA LEU F 21 -11.44 37.79 24.28
C LEU F 21 -12.12 37.95 25.64
N PHE F 22 -11.71 38.96 26.41
CA PHE F 22 -12.33 39.23 27.71
C PHE F 22 -13.81 39.57 27.56
N VAL F 23 -14.15 40.41 26.58
CA VAL F 23 -15.54 40.80 26.39
C VAL F 23 -16.39 39.60 25.97
N ILE F 24 -15.88 38.80 25.03
CA ILE F 24 -16.62 37.64 24.56
C ILE F 24 -16.84 36.63 25.69
N SER F 25 -15.78 36.36 26.47
CA SER F 25 -15.90 35.43 27.57
C SER F 25 -16.84 35.94 28.65
N ALA F 26 -16.81 37.25 28.93
CA ALA F 26 -17.71 37.83 29.93
C ALA F 26 -19.17 37.71 29.48
N VAL F 27 -19.44 37.97 28.20
CA VAL F 27 -20.80 37.84 27.70
C VAL F 27 -21.29 36.40 27.79
N ALA F 28 -20.43 35.45 27.38
CA ALA F 28 -20.81 34.04 27.46
C ALA F 28 -21.05 33.59 28.89
N ALA F 29 -20.18 34.04 29.82
CA ALA F 29 -20.34 33.68 31.22
C ALA F 29 -21.61 34.29 31.81
N CYS F 30 -21.95 35.52 31.43
CA CYS F 30 -23.19 36.13 31.90
C CYS F 30 -24.40 35.34 31.41
N ALA F 31 -24.39 34.95 30.14
CA ALA F 31 -25.50 34.15 29.60
C ALA F 31 -25.60 32.81 30.33
N LEU F 32 -24.47 32.16 30.58
CA LEU F 32 -24.49 30.86 31.26
C LEU F 32 -24.98 30.99 32.69
N ALA F 33 -24.55 32.05 33.40
CA ALA F 33 -25.03 32.27 34.75
C ALA F 33 -26.52 32.54 34.79
N LEU F 34 -27.02 33.34 33.83
CA LEU F 34 -28.45 33.62 33.77
C LEU F 34 -29.26 32.35 33.51
N THR F 35 -28.81 31.51 32.58
CA THR F 35 -29.56 30.29 32.31
C THR F 35 -29.42 29.28 33.45
N ASN F 36 -28.31 29.30 34.18
CA ASN F 36 -28.18 28.45 35.35
C ASN F 36 -29.18 28.88 36.42
N TYR F 37 -29.29 30.19 36.66
CA TYR F 37 -30.31 30.68 37.60
C TYR F 37 -31.71 30.32 37.11
N VAL F 38 -31.90 30.28 35.79
CA VAL F 38 -33.22 29.94 35.25
C VAL F 38 -33.57 28.48 35.54
N THR F 39 -32.65 27.55 35.26
CA THR F 39 -33.01 26.13 35.25
C THR F 39 -32.22 25.26 36.23
N ALA F 40 -31.66 25.82 37.30
CA ALA F 40 -30.93 25.00 38.26
C ALA F 40 -31.86 24.09 39.07
N GLY F 41 -32.94 24.66 39.61
CA GLY F 41 -33.78 23.90 40.52
C GLY F 41 -34.59 22.82 39.84
N THR F 42 -34.91 23.00 38.55
CA THR F 42 -35.70 22.01 37.83
C THR F 42 -34.96 20.68 37.72
N ILE F 43 -33.64 20.73 37.55
CA ILE F 43 -32.86 19.52 37.39
C ILE F 43 -32.90 18.67 38.66
N GLU F 44 -32.65 19.30 39.81
CA GLU F 44 -32.67 18.55 41.06
C GLU F 44 -34.08 18.12 41.44
N GLU F 45 -35.10 18.94 41.11
CA GLU F 45 -36.48 18.53 41.35
C GLU F 45 -36.83 17.30 40.54
N MET F 46 -36.43 17.27 39.27
CA MET F 46 -36.69 16.11 38.42
C MET F 46 -35.94 14.89 38.92
N ASN F 47 -34.70 15.06 39.38
CA ASN F 47 -33.94 13.94 39.92
C ASN F 47 -34.62 13.37 41.18
N VAL F 48 -35.08 14.25 42.07
CA VAL F 48 -35.77 13.80 43.27
C VAL F 48 -37.07 13.08 42.92
N GLN F 49 -37.81 13.60 41.94
CA GLN F 49 -39.05 12.96 41.53
C GLN F 49 -38.79 11.59 40.91
N THR F 50 -37.73 11.47 40.11
CA THR F 50 -37.37 10.19 39.50
C THR F 50 -36.98 9.17 40.58
N ASN F 51 -36.18 9.60 41.56
CA ASN F 51 -35.84 8.71 42.65
C ASN F 51 -37.06 8.31 43.46
N THR F 52 -38.01 9.24 43.65
CA THR F 52 -39.21 8.95 44.41
C THR F 52 -40.09 7.93 43.70
N VAL F 53 -40.29 8.09 42.39
CA VAL F 53 -41.12 7.11 41.68
C VAL F 53 -40.41 5.77 41.58
N ALA F 54 -39.07 5.77 41.47
CA ALA F 54 -38.33 4.51 41.50
C ALA F 54 -38.49 3.80 42.83
N ARG F 55 -38.43 4.55 43.94
CA ARG F 55 -38.65 3.96 45.25
C ARG F 55 -40.07 3.46 45.42
N GLN F 56 -41.05 4.18 44.88
CA GLN F 56 -42.43 3.74 44.92
C GLN F 56 -42.67 2.46 44.14
N GLU F 57 -41.99 2.29 43.00
CA GLU F 57 -42.12 1.07 42.22
C GLU F 57 -41.60 -0.16 42.96
N VAL F 58 -40.48 -0.02 43.67
CA VAL F 58 -39.86 -1.17 44.33
C VAL F 58 -40.72 -1.68 45.48
N LEU F 59 -41.22 -0.79 46.33
CA LEU F 59 -41.96 -1.16 47.54
C LEU F 59 -43.36 -0.58 47.48
N PRO F 60 -44.33 -1.34 46.95
CA PRO F 60 -45.71 -0.83 46.91
C PRO F 60 -46.45 -0.93 48.23
N LYS F 61 -45.98 -1.75 49.17
CA LYS F 61 -46.67 -1.92 50.44
C LYS F 61 -46.45 -0.76 51.41
N ALA F 62 -45.53 0.15 51.10
CA ALA F 62 -45.21 1.25 51.99
C ALA F 62 -46.03 2.48 51.63
N ALA F 63 -46.72 3.05 52.62
CA ALA F 63 -47.46 4.29 52.37
C ALA F 63 -46.51 5.46 52.15
N ASP F 64 -45.47 5.59 52.95
CA ASP F 64 -44.47 6.63 52.74
C ASP F 64 -43.14 6.17 53.29
N PHE F 65 -42.06 6.69 52.71
CA PHE F 65 -40.71 6.33 53.08
C PHE F 65 -40.07 7.43 53.94
N GLU F 66 -39.41 7.02 55.02
CA GLU F 66 -38.71 7.94 55.89
C GLU F 66 -37.21 7.71 55.77
N ALA F 67 -36.45 8.80 55.67
CA ALA F 67 -35.01 8.70 55.45
C ALA F 67 -34.28 8.59 56.78
N VAL F 68 -33.45 7.56 56.92
CA VAL F 68 -32.59 7.40 58.09
C VAL F 68 -31.47 8.43 57.97
N PRO F 69 -30.94 8.95 59.07
CA PRO F 69 -29.82 9.91 58.97
C PRO F 69 -28.59 9.30 58.31
N ALA F 70 -27.84 10.16 57.61
CA ALA F 70 -26.65 9.72 56.91
C ALA F 70 -25.54 9.30 57.87
N LYS F 71 -25.55 9.83 59.10
CA LYS F 71 -24.61 9.37 60.11
C LYS F 71 -24.84 7.89 60.42
N ASP F 72 -26.10 7.47 60.51
CA ASP F 72 -26.41 6.05 60.61
C ASP F 72 -25.99 5.31 59.34
N VAL F 73 -26.19 5.93 58.18
CA VAL F 73 -25.83 5.31 56.91
C VAL F 73 -24.35 4.93 56.91
N GLU F 74 -23.52 5.77 57.50
CA GLU F 74 -22.13 5.40 57.73
C GLU F 74 -21.97 4.43 58.90
N LYS F 75 -22.86 4.52 59.91
CA LYS F 75 -22.66 3.75 61.13
C LYS F 75 -22.83 2.25 60.91
N ILE F 76 -23.94 1.83 60.29
CA ILE F 76 -24.06 0.40 59.92
C ILE F 76 -23.01 0.01 58.89
N ALA F 77 -22.67 0.92 57.97
CA ALA F 77 -21.64 0.58 56.97
C ALA F 77 -20.28 0.34 57.60
N SER F 78 -20.04 0.90 58.78
CA SER F 78 -18.71 0.84 59.39
C SER F 78 -18.38 -0.55 59.95
N GLU F 79 -19.34 -1.23 60.59
CA GLU F 79 -19.00 -2.36 61.46
C GLU F 79 -19.50 -3.71 60.99
N ILE F 80 -20.47 -3.78 60.07
CA ILE F 80 -21.05 -5.08 59.71
C ILE F 80 -20.22 -5.87 58.72
N GLY F 81 -19.02 -5.40 58.38
CA GLY F 81 -18.04 -6.29 57.77
C GLY F 81 -17.78 -6.21 56.27
N MET F 82 -17.62 -5.01 55.73
CA MET F 82 -17.11 -4.83 54.38
C MET F 82 -15.83 -3.99 54.41
N GLU F 83 -14.87 -4.39 53.56
CA GLU F 83 -13.52 -3.82 53.57
C GLU F 83 -13.50 -2.33 53.27
N LYS F 84 -13.87 -1.95 52.05
CA LYS F 84 -14.07 -0.55 51.68
C LYS F 84 -15.48 -0.47 51.09
N PRO F 85 -16.47 -0.15 51.93
CA PRO F 85 -17.86 -0.11 51.45
C PRO F 85 -18.06 0.93 50.36
N GLU F 86 -17.96 2.21 50.74
CA GLU F 86 -18.03 3.37 49.85
C GLU F 86 -19.22 3.32 48.89
N GLU F 87 -20.23 2.50 49.16
CA GLU F 87 -21.34 2.33 48.23
C GLU F 87 -22.71 2.25 48.90
N LEU F 88 -22.79 2.17 50.22
CA LEU F 88 -24.09 2.20 50.89
C LEU F 88 -24.62 3.62 50.85
N LEU F 89 -25.37 3.95 49.79
CA LEU F 89 -25.73 5.34 49.54
C LEU F 89 -26.84 5.82 50.46
N GLU F 90 -28.02 5.19 50.38
CA GLU F 90 -29.15 5.62 51.19
C GLU F 90 -29.97 4.42 51.64
N VAL F 91 -30.56 4.55 52.82
CA VAL F 91 -31.46 3.57 53.39
C VAL F 91 -32.73 4.27 53.82
N TYR F 92 -33.88 3.77 53.35
CA TYR F 92 -35.18 4.33 53.67
C TYR F 92 -36.04 3.27 54.35
N ILE F 93 -36.88 3.70 55.28
CA ILE F 93 -37.77 2.81 56.00
C ILE F 93 -39.19 3.07 55.53
N GLY F 94 -39.84 2.03 55.01
CA GLY F 94 -41.24 2.16 54.64
C GLY F 94 -42.11 2.27 55.87
N LYS F 95 -43.24 2.95 55.74
CA LYS F 95 -44.13 3.23 56.87
C LYS F 95 -45.55 3.23 56.35
N SER F 96 -46.44 2.54 57.06
CA SER F 96 -47.83 2.41 56.64
C SER F 96 -48.69 2.02 57.83
N ASN F 97 -49.57 2.93 58.24
CA ASN F 97 -50.64 2.64 59.22
C ASN F 97 -50.09 2.20 60.58
N GLY F 98 -49.14 2.98 61.10
CA GLY F 98 -48.63 2.76 62.44
C GLY F 98 -47.62 1.64 62.59
N GLU F 99 -47.27 0.93 61.51
CA GLU F 99 -46.33 -0.18 61.60
C GLU F 99 -45.30 -0.07 60.49
N VAL F 100 -44.09 -0.55 60.78
CA VAL F 100 -43.03 -0.58 59.78
C VAL F 100 -43.26 -1.76 58.85
N VAL F 101 -43.23 -1.51 57.55
CA VAL F 101 -43.58 -2.52 56.55
C VAL F 101 -42.40 -3.02 55.74
N GLY F 102 -41.26 -2.35 55.80
CA GLY F 102 -40.10 -2.83 55.07
C GLY F 102 -39.01 -1.78 54.98
N TYR F 103 -37.98 -2.10 54.20
CA TYR F 103 -36.83 -1.24 54.03
C TYR F 103 -36.43 -1.22 52.56
N THR F 104 -35.76 -0.13 52.17
CA THR F 104 -35.26 0.04 50.81
C THR F 104 -33.83 0.55 50.88
N VAL F 105 -32.92 -0.11 50.18
CA VAL F 105 -31.49 0.17 50.28
C VAL F 105 -30.95 0.41 48.88
N LYS F 106 -30.27 1.54 48.69
CA LYS F 106 -29.58 1.84 47.43
C LYS F 106 -28.07 1.59 47.60
N THR F 107 -27.71 0.32 47.59
CA THR F 107 -26.32 -0.09 47.73
C THR F 107 -25.83 -0.77 46.46
N GLY F 108 -24.53 -1.08 46.45
CA GLY F 108 -23.94 -1.82 45.37
C GLY F 108 -22.95 -1.01 44.56
N PRO F 109 -22.22 -1.67 43.67
CA PRO F 109 -22.24 -3.13 43.41
C PRO F 109 -21.10 -3.91 44.05
N THR F 110 -19.94 -3.25 44.25
CA THR F 110 -18.58 -3.70 44.50
C THR F 110 -17.73 -3.33 43.30
N SER F 111 -17.61 -4.26 42.34
CA SER F 111 -16.81 -4.02 41.14
C SER F 111 -17.54 -4.65 39.95
N GLY F 112 -18.06 -3.81 39.06
CA GLY F 112 -18.64 -4.26 37.82
C GLY F 112 -17.60 -4.44 36.73
N TYR F 113 -18.07 -4.88 35.56
CA TYR F 113 -17.16 -5.09 34.43
C TYR F 113 -16.64 -3.76 33.89
N ALA F 114 -17.54 -2.81 33.64
CA ALA F 114 -17.19 -1.55 33.01
C ALA F 114 -17.35 -0.36 33.94
N GLY F 115 -17.40 -0.59 35.25
CA GLY F 115 -17.55 0.49 36.20
C GLY F 115 -18.36 0.08 37.41
N GLU F 116 -19.38 0.87 37.74
CA GLU F 116 -20.25 0.58 38.86
C GLU F 116 -21.70 0.68 38.41
N VAL F 117 -22.55 -0.16 39.02
CA VAL F 117 -23.98 -0.19 38.75
C VAL F 117 -24.71 -0.06 40.07
N GLN F 118 -25.69 0.85 40.11
CA GLN F 118 -26.45 1.12 41.33
C GLN F 118 -27.75 0.34 41.29
N VAL F 119 -27.96 -0.53 42.28
CA VAL F 119 -29.13 -1.39 42.35
C VAL F 119 -29.92 -1.04 43.60
N LEU F 120 -31.23 -0.90 43.44
CA LEU F 120 -32.13 -0.55 44.54
C LEU F 120 -32.87 -1.82 44.97
N THR F 121 -32.77 -2.16 46.26
CA THR F 121 -33.33 -3.39 46.77
C THR F 121 -34.36 -3.10 47.85
N GLY F 122 -35.55 -3.66 47.71
CA GLY F 122 -36.58 -3.52 48.72
C GLY F 122 -36.90 -4.83 49.41
N ILE F 123 -36.83 -4.85 50.74
CA ILE F 123 -37.06 -6.06 51.52
C ILE F 123 -38.21 -5.80 52.48
N SER F 124 -39.18 -6.72 52.49
CA SER F 124 -40.36 -6.56 53.33
C SER F 124 -39.99 -6.78 54.80
N ALA F 125 -40.94 -6.44 55.68
CA ALA F 125 -40.70 -6.53 57.12
C ALA F 125 -40.58 -7.97 57.60
N ASP F 126 -41.34 -8.89 57.00
CA ASP F 126 -41.32 -10.28 57.43
C ASP F 126 -40.12 -11.05 56.88
N GLY F 127 -39.30 -10.43 56.03
CA GLY F 127 -38.13 -11.09 55.50
C GLY F 127 -38.35 -11.72 54.13
N VAL F 128 -38.92 -10.95 53.21
CA VAL F 128 -39.11 -11.39 51.83
C VAL F 128 -38.67 -10.25 50.91
N ILE F 129 -37.78 -10.56 49.96
CA ILE F 129 -37.34 -9.57 49.00
C ILE F 129 -38.47 -9.34 48.00
N THR F 130 -39.00 -8.12 47.94
CA THR F 130 -40.16 -7.81 47.12
C THR F 130 -39.79 -7.39 45.70
N GLY F 131 -38.52 -7.21 45.40
CA GLY F 131 -38.09 -6.85 44.06
C GLY F 131 -36.89 -5.92 44.08
N ILE F 132 -36.17 -5.90 42.96
CA ILE F 132 -35.01 -5.04 42.79
C ILE F 132 -35.15 -4.27 41.49
N THR F 133 -34.44 -3.15 41.40
CA THR F 133 -34.48 -2.30 40.22
C THR F 133 -33.13 -1.63 40.04
N ILE F 134 -32.62 -1.63 38.80
CA ILE F 134 -31.37 -0.97 38.48
C ILE F 134 -31.66 0.46 38.03
N ILE F 135 -30.99 1.43 38.65
CA ILE F 135 -31.25 2.83 38.38
C ILE F 135 -30.07 3.54 37.69
N LYS F 136 -28.87 2.97 37.73
CA LYS F 136 -27.74 3.56 37.03
C LYS F 136 -26.82 2.43 36.58
N SER F 137 -26.61 2.34 35.26
CA SER F 137 -25.79 1.27 34.70
C SER F 137 -25.14 1.77 33.42
N ASN F 138 -23.83 2.01 33.47
CA ASN F 138 -23.06 2.38 32.28
C ASN F 138 -22.47 1.17 31.57
N GLU F 139 -23.30 0.17 31.31
CA GLU F 139 -22.85 -1.07 30.71
C GLU F 139 -23.05 -1.05 29.19
N THR F 140 -22.38 -1.97 28.52
CA THR F 140 -22.52 -2.09 27.07
C THR F 140 -23.91 -2.61 26.74
N PRO F 141 -24.61 -2.00 25.77
CA PRO F 141 -25.94 -2.49 25.40
C PRO F 141 -25.86 -3.88 24.81
N GLY F 142 -26.95 -4.63 24.97
CA GLY F 142 -27.06 -5.99 24.47
C GLY F 142 -26.53 -7.05 25.41
N LEU F 143 -25.55 -6.72 26.25
CA LEU F 143 -24.99 -7.64 27.22
C LEU F 143 -25.28 -7.22 28.65
N GLY F 144 -24.87 -6.01 29.04
CA GLY F 144 -25.08 -5.54 30.38
C GLY F 144 -26.39 -4.79 30.57
N ALA F 145 -27.00 -4.37 29.46
CA ALA F 145 -28.27 -3.66 29.52
C ALA F 145 -29.46 -4.60 29.70
N LYS F 146 -29.26 -5.91 29.57
CA LYS F 146 -30.34 -6.87 29.73
C LYS F 146 -30.68 -7.17 31.18
N ALA F 147 -29.90 -6.63 32.12
CA ALA F 147 -30.09 -6.92 33.54
C ALA F 147 -31.32 -6.24 34.14
N SER F 148 -31.97 -5.34 33.40
CA SER F 148 -33.19 -4.67 33.86
C SER F 148 -34.34 -5.19 33.01
N GLY F 149 -35.25 -5.95 33.64
CA GLY F 149 -36.37 -6.52 32.93
C GLY F 149 -36.88 -7.81 33.54
N VAL F 150 -36.96 -8.86 32.71
CA VAL F 150 -37.47 -10.14 33.17
C VAL F 150 -36.54 -10.76 34.21
N TRP F 151 -35.22 -10.58 34.06
CA TRP F 151 -34.24 -11.16 34.96
C TRP F 151 -34.44 -10.70 36.41
N ASN F 152 -34.85 -9.44 36.61
CA ASN F 152 -35.13 -8.95 37.96
C ASN F 152 -36.21 -9.77 38.66
N ASP F 153 -37.14 -10.36 37.90
CA ASP F 153 -38.17 -11.21 38.50
C ASP F 153 -37.60 -12.45 39.17
N GLN F 154 -36.34 -12.80 38.89
CA GLN F 154 -35.70 -13.89 39.62
C GLN F 154 -35.46 -13.54 41.09
N PHE F 155 -35.47 -12.25 41.44
CA PHE F 155 -35.17 -11.83 42.80
C PHE F 155 -36.41 -11.57 43.64
N THR F 156 -37.60 -11.86 43.14
CA THR F 156 -38.82 -11.56 43.86
C THR F 156 -39.36 -12.79 44.59
N GLY F 157 -39.84 -12.58 45.80
CA GLY F 157 -40.47 -13.63 46.58
C GLY F 157 -39.53 -14.55 47.31
N LYS F 158 -38.22 -14.31 47.25
CA LYS F 158 -37.25 -15.17 47.91
C LYS F 158 -37.12 -14.79 49.38
N SER F 159 -36.64 -15.75 50.18
CA SER F 159 -36.43 -15.52 51.59
C SER F 159 -35.29 -14.54 51.83
N ALA F 160 -35.22 -14.02 53.05
CA ALA F 160 -34.22 -13.02 53.41
C ALA F 160 -33.44 -13.42 54.65
N LYS F 161 -32.90 -14.64 54.66
CA LYS F 161 -32.06 -15.10 55.76
C LYS F 161 -30.69 -15.63 55.33
N GLU F 162 -30.48 -15.89 54.05
CA GLU F 162 -29.21 -16.43 53.56
C GLU F 162 -28.77 -15.68 52.31
N GLU F 163 -27.46 -15.69 52.07
CA GLU F 163 -26.91 -15.02 50.90
C GLU F 163 -27.20 -15.78 49.63
N LEU F 164 -27.33 -15.04 48.52
CA LEU F 164 -27.61 -15.62 47.22
C LEU F 164 -26.31 -15.97 46.50
N VAL F 165 -26.37 -16.98 45.64
CA VAL F 165 -25.23 -17.42 44.84
C VAL F 165 -25.67 -17.54 43.38
N VAL F 166 -24.81 -17.09 42.48
CA VAL F 166 -25.07 -17.11 41.05
C VAL F 166 -24.52 -18.40 40.46
N VAL F 167 -25.32 -19.08 39.64
CA VAL F 167 -24.91 -20.34 39.03
C VAL F 167 -25.08 -20.23 37.52
N LYS F 168 -24.17 -20.90 36.80
CA LYS F 168 -24.21 -20.98 35.35
C LYS F 168 -24.99 -22.24 34.97
N GLY F 169 -26.26 -22.09 34.64
CA GLY F 169 -27.07 -23.23 34.28
C GLY F 169 -28.48 -22.78 33.94
N THR F 170 -29.24 -23.73 33.39
CA THR F 170 -30.63 -23.50 33.02
C THR F 170 -31.61 -24.21 33.95
N THR F 171 -31.11 -24.80 35.05
CA THR F 171 -31.94 -25.54 35.99
C THR F 171 -31.85 -24.88 37.36
N LYS F 172 -33.01 -24.68 37.98
CA LYS F 172 -33.08 -24.10 39.33
C LYS F 172 -33.00 -25.24 40.33
N GLU F 173 -31.83 -25.40 40.95
CA GLU F 173 -31.59 -26.51 41.87
C GLU F 173 -31.58 -26.09 43.33
N GLY F 174 -31.43 -24.81 43.62
CA GLY F 174 -31.37 -24.35 44.99
C GLY F 174 -32.24 -23.12 45.17
N SER F 175 -32.73 -22.95 46.40
CA SER F 175 -33.57 -21.80 46.72
C SER F 175 -32.77 -20.49 46.62
N ASN F 176 -31.52 -20.51 47.08
CA ASN F 176 -30.67 -19.33 47.03
C ASN F 176 -29.85 -19.24 45.74
N GLU F 177 -30.29 -19.93 44.69
CA GLU F 177 -29.56 -19.98 43.43
C GLU F 177 -30.18 -19.01 42.44
N ILE F 178 -29.33 -18.24 41.75
CA ILE F 178 -29.78 -17.27 40.76
C ILE F 178 -29.14 -17.63 39.41
N GLN F 179 -29.98 -17.75 38.38
CA GLN F 179 -29.48 -18.04 37.04
C GLN F 179 -28.86 -16.80 36.44
N ALA F 180 -27.67 -16.94 35.89
CA ALA F 180 -26.96 -15.82 35.29
C ALA F 180 -27.47 -15.55 33.88
N ILE F 181 -27.35 -14.29 33.45
CA ILE F 181 -27.72 -13.93 32.09
C ILE F 181 -26.70 -14.52 31.11
N THR F 182 -27.20 -15.08 30.02
CA THR F 182 -26.33 -15.72 29.04
C THR F 182 -25.51 -14.67 28.31
N GLY F 183 -24.19 -14.86 28.29
CA GLY F 183 -23.29 -13.92 27.65
C GLY F 183 -22.81 -12.79 28.50
N SER F 184 -23.39 -12.58 29.68
CA SER F 184 -22.99 -11.53 30.61
C SER F 184 -23.01 -12.11 32.02
N THR F 185 -21.84 -12.53 32.50
CA THR F 185 -21.73 -13.16 33.81
C THR F 185 -21.11 -12.25 34.87
N ILE F 186 -20.30 -11.27 34.48
CA ILE F 186 -19.69 -10.37 35.45
C ILE F 186 -20.75 -9.44 36.05
N THR F 187 -21.62 -8.90 35.21
CA THR F 187 -22.72 -8.05 35.66
C THR F 187 -23.70 -8.80 36.56
N SER F 188 -24.04 -10.05 36.19
CA SER F 188 -24.93 -10.87 36.99
C SER F 188 -24.36 -11.24 38.36
N LYS F 189 -23.04 -11.16 38.54
CA LYS F 189 -22.43 -11.40 39.84
C LYS F 189 -22.24 -10.12 40.64
N ALA F 190 -22.51 -8.95 40.06
CA ALA F 190 -22.41 -7.68 40.76
C ALA F 190 -23.75 -7.22 41.33
N VAL F 191 -24.85 -7.43 40.58
CA VAL F 191 -26.17 -7.10 41.10
C VAL F 191 -26.51 -7.98 42.29
N THR F 192 -26.22 -9.29 42.20
CA THR F 192 -26.43 -10.18 43.32
C THR F 192 -25.55 -9.81 44.52
N SER F 193 -24.35 -9.28 44.24
CA SER F 193 -23.52 -8.76 45.32
C SER F 193 -24.18 -7.58 46.02
N GLY F 194 -24.77 -6.66 45.25
CA GLY F 194 -25.51 -5.57 45.86
C GLY F 194 -26.68 -6.05 46.68
N VAL F 195 -27.36 -7.10 46.20
CA VAL F 195 -28.40 -7.74 47.00
C VAL F 195 -27.82 -8.32 48.29
N ASN F 196 -26.59 -8.83 48.23
CA ASN F 196 -25.96 -9.38 49.43
C ASN F 196 -25.67 -8.30 50.48
N MET F 197 -25.13 -7.15 50.05
CA MET F 197 -25.03 -6.05 51.02
C MET F 197 -26.40 -5.60 51.52
N SER F 198 -27.41 -5.61 50.66
CA SER F 198 -28.74 -5.20 51.10
C SER F 198 -29.30 -6.13 52.17
N ILE F 199 -29.15 -7.44 51.99
CA ILE F 199 -29.71 -8.37 52.97
C ILE F 199 -28.86 -8.32 54.25
N GLN F 200 -27.55 -8.07 54.13
CA GLN F 200 -26.75 -7.89 55.34
C GLN F 200 -27.20 -6.66 56.13
N VAL F 201 -27.49 -5.56 55.44
CA VAL F 201 -27.99 -4.35 56.10
C VAL F 201 -29.34 -4.61 56.76
N TYR F 202 -30.22 -5.32 56.06
CA TYR F 202 -31.53 -5.65 56.62
C TYR F 202 -31.40 -6.55 57.84
N GLN F 203 -30.47 -7.52 57.80
CA GLN F 203 -30.25 -8.40 58.93
C GLN F 203 -29.73 -7.63 60.14
N ASN F 204 -28.83 -6.68 59.91
CA ASN F 204 -28.36 -5.85 61.01
C ASN F 204 -29.49 -4.99 61.56
N LEU F 205 -30.33 -4.44 60.69
CA LEU F 205 -31.42 -3.57 61.12
C LEU F 205 -32.53 -4.33 61.84
N SER F 206 -32.70 -5.63 61.55
CA SER F 206 -33.75 -6.40 62.20
C SER F 206 -33.39 -6.71 63.65
N LYS F 207 -32.12 -6.61 64.02
CA LYS F 207 -31.69 -6.91 65.39
C LYS F 207 -32.01 -5.74 66.31
FE1 FES G . -13.61 14.00 15.25
FE2 FES G . -14.10 13.15 17.76
S1 FES G . -15.49 14.15 16.39
S2 FES G . -12.18 13.15 16.68
FE1 SF4 H . 4.03 2.93 -39.73
FE2 SF4 H . 4.80 0.76 -38.24
FE3 SF4 H . 2.61 0.59 -39.89
FE4 SF4 H . 2.50 2.11 -37.61
S1 SF4 H . 2.77 -0.15 -37.72
S2 SF4 H . 1.77 2.69 -39.69
S3 SF4 H . 4.64 2.92 -37.54
S4 SF4 H . 4.78 0.92 -40.51
FE1 SF4 I . 0.71 2.54 -28.20
FE2 SF4 I . 1.60 1.83 -25.71
FE3 SF4 I . -0.03 4.00 -26.00
FE4 SF4 I . 2.55 4.10 -26.90
S1 SF4 I . 1.86 3.87 -24.74
S2 SF4 I . 0.68 4.81 -28.01
S3 SF4 I . 2.84 1.97 -27.63
S4 SF4 I . -0.56 1.83 -26.45
FE1 SF4 J . -1.47 22.25 -13.96
FE2 SF4 J . 0.69 21.08 -12.76
FE3 SF4 J . -1.63 19.69 -13.03
FE4 SF4 J . -1.49 21.77 -11.27
S1 SF4 J . -0.33 19.82 -11.15
S2 SF4 J . -3.17 21.34 -12.75
S3 SF4 J . -0.11 23.19 -12.40
S4 SF4 J . -0.29 20.44 -14.71
FE1 SF4 K . -2.65 14.25 -20.68
FE2 SF4 K . -2.23 12.52 -22.74
FE3 SF4 K . -4.27 14.33 -22.87
FE4 SF4 K . -4.41 12.23 -21.13
S1 SF4 K . -4.37 12.11 -23.40
S2 SF4 K . -4.92 14.40 -20.69
S3 SF4 K . -2.23 12.03 -20.52
S4 SF4 K . -2.04 14.78 -22.81
FE1 SF4 L . 0.78 19.22 -46.84
FE2 SF4 L . -0.02 21.66 -47.77
FE3 SF4 L . 2.62 21.23 -47.17
FE4 SF4 L . 0.75 21.38 -45.15
S1 SF4 L . 1.37 23.05 -46.59
S2 SF4 L . 2.42 19.83 -45.37
S3 SF4 L . -1.04 20.42 -46.16
S4 SF4 L . 1.39 20.21 -48.80
FE1 SF4 M . 6.41 9.03 -46.88
FE2 SF4 M . 6.23 9.26 -49.60
FE3 SF4 M . 5.76 11.44 -48.02
FE4 SF4 M . 3.98 9.36 -48.07
S1 SF4 M . 4.52 10.74 -49.80
S2 SF4 M . 4.75 10.44 -46.23
S3 SF4 M . 5.38 7.59 -48.31
S4 SF4 M . 7.72 10.31 -48.24
FE1 SF4 N . -5.92 32.82 -53.86
FE2 SF4 N . -3.34 33.75 -53.96
FE3 SF4 N . -4.51 32.73 -56.21
FE4 SF4 N . -3.83 31.07 -54.14
S1 SF4 N . -2.41 32.29 -55.43
S2 SF4 N . -5.79 31.07 -55.31
S3 SF4 N . -4.26 32.41 -52.35
S4 SF4 N . -5.15 34.60 -55.07
FE1 SF4 O . -7.92 42.42 -52.69
FE2 SF4 O . -6.55 44.26 -54.19
FE3 SF4 O . -9.29 44.21 -54.25
FE4 SF4 O . -7.86 42.18 -55.41
S1 SF4 O . -7.88 44.37 -56.04
S2 SF4 O . -9.68 41.97 -54.06
S3 SF4 O . -6.09 42.03 -53.99
S4 SF4 O . -7.97 44.68 -52.46
N1 FMN P . 30.56 -14.86 -16.50
C2 FMN P . 31.13 -16.08 -16.66
O2 FMN P . 32.24 -16.19 -17.16
N3 FMN P . 30.50 -17.22 -16.28
C4 FMN P . 29.25 -17.20 -15.70
O4 FMN P . 28.72 -18.25 -15.38
C4A FMN P . 28.63 -15.96 -15.51
N5 FMN P . 27.45 -15.93 -14.97
C5A FMN P . 26.86 -14.70 -14.80
C6 FMN P . 25.58 -14.65 -14.21
C7 FMN P . 24.93 -13.46 -14.01
C7M FMN P . 23.57 -13.45 -13.37
C8 FMN P . 25.56 -12.25 -14.38
C8M FMN P . 24.87 -10.93 -14.17
C9 FMN P . 26.82 -12.28 -14.97
C9A FMN P . 27.49 -13.50 -15.18
N10 FMN P . 28.75 -13.58 -15.76
C10 FMN P . 29.36 -14.80 -15.95
C1' FMN P . 29.45 -12.34 -16.18
C2' FMN P . 30.37 -11.81 -15.09
O2' FMN P . 29.62 -11.04 -14.16
C3' FMN P . 31.49 -10.96 -15.68
O3' FMN P . 30.95 -9.77 -16.22
C4' FMN P . 32.27 -11.69 -16.78
O4' FMN P . 32.64 -12.98 -16.31
C5' FMN P . 33.53 -10.94 -17.19
O5' FMN P . 33.99 -11.48 -18.46
P FMN P . 35.53 -11.28 -18.87
O1P FMN P . 36.31 -12.32 -18.07
O2P FMN P . 35.60 -11.51 -20.36
O3P FMN P . 35.87 -9.86 -18.49
PA NAD Q . 28.03 -5.75 -17.03
O1A NAD Q . 27.49 -4.65 -16.23
O2A NAD Q . 27.33 -6.21 -18.20
O5B NAD Q . 29.57 -5.44 -17.42
C5B NAD Q . 30.64 -6.42 -17.43
C4B NAD Q . 32.05 -6.00 -17.04
O4B NAD Q . 32.12 -4.65 -17.13
C3B NAD Q . 32.39 -6.10 -15.62
O3B NAD Q . 33.83 -6.00 -15.46
C2B NAD Q . 31.59 -4.95 -15.10
O2B NAD Q . 31.69 -5.04 -13.69
C1B NAD Q . 32.39 -3.99 -15.92
N9A NAD Q . 32.34 -2.60 -16.42
C8A NAD Q . 31.44 -1.82 -17.01
N7A NAD Q . 31.95 -0.59 -17.24
C5A NAD Q . 33.20 -0.60 -16.78
C6A NAD Q . 34.36 0.27 -16.65
N6A NAD Q . 34.32 1.54 -17.10
N1A NAD Q . 35.50 -0.16 -16.08
C2A NAD Q . 35.64 -1.39 -15.62
N3A NAD Q . 34.63 -2.21 -15.71
C4A NAD Q . 33.44 -1.91 -16.25
O3 NAD Q . 28.07 -6.95 -16.08
PN NAD Q . 27.11 -8.17 -15.83
O1N NAD Q . 26.05 -7.90 -14.83
O2N NAD Q . 28.11 -9.13 -15.30
O5D NAD Q . 26.30 -8.73 -17.11
C5D NAD Q . 26.81 -9.58 -18.18
C4D NAD Q . 25.92 -10.28 -19.20
O4D NAD Q . 26.27 -11.60 -19.53
C3D NAD Q . 24.83 -10.46 -18.33
O3D NAD Q . 23.89 -9.73 -18.98
C2D NAD Q . 24.59 -11.90 -18.34
O2D NAD Q . 23.23 -12.15 -17.93
C1D NAD Q . 25.17 -12.48 -19.56
N1N NAD Q . 25.56 -13.91 -19.38
C2N NAD Q . 26.09 -14.71 -20.32
C3N NAD Q . 26.45 -16.06 -20.07
C7N NAD Q . 27.05 -17.07 -20.99
O7N NAD Q . 28.00 -17.72 -20.58
N7N NAD Q . 26.50 -17.16 -22.23
C4N NAD Q . 26.26 -16.61 -18.85
C5N NAD Q . 25.72 -15.79 -17.91
C6N NAD Q . 25.40 -14.48 -18.21
FE1 SF4 R . 5.33 -13.19 -3.85
FE2 SF4 R . 6.49 -15.52 -3.01
FE3 SF4 R . 8.06 -13.38 -3.72
FE4 SF4 R . 6.66 -14.77 -5.63
S1 SF4 R . 8.35 -15.56 -4.31
S2 SF4 R . 6.82 -12.50 -5.43
S3 SF4 R . 4.77 -15.30 -4.48
S4 SF4 R . 6.60 -13.48 -1.97
FE1 SF4 S . 17.47 -10.46 -6.42
FE2 SF4 S . 17.69 -9.12 -8.79
FE3 SF4 S . 15.81 -11.09 -8.49
FE4 SF4 S . 18.47 -11.73 -8.61
S1 SF4 S . 17.21 -10.80 -10.27
S2 SF4 S . 16.93 -12.54 -7.15
S3 SF4 S . 19.39 -9.95 -7.53
S4 SF4 S . 15.90 -9.11 -7.38
N1 RBF T . -5.38 -19.33 5.86
C2 RBF T . -6.10 -19.05 6.90
O2 RBF T . -7.19 -18.85 6.63
N3 RBF T . -5.86 -19.26 8.07
C4 RBF T . -4.80 -19.62 8.34
O4 RBF T . -5.10 -19.58 9.40
C4A RBF T . -3.78 -20.09 7.36
N5 RBF T . -2.59 -20.66 7.44
C5A RBF T . -1.86 -20.99 6.37
C6 RBF T . -0.70 -21.53 6.56
C7 RBF T . 0.08 -21.89 5.59
C7M RBF T . 1.32 -22.49 6.00
C8 RBF T . -0.31 -21.71 4.32
C8M RBF T . 0.58 -22.12 3.37
C9 RBF T . -1.44 -21.17 4.01
C9A RBF T . -2.26 -20.79 5.01
N10 RBF T . -3.50 -20.20 4.82
C10 RBF T . -4.22 -19.88 5.99
C1' RBF T . -4.07 -19.94 3.52
C2' RBF T . -3.69 -18.42 3.31
O2' RBF T . -4.97 -17.99 3.24
C3' RBF T . -3.46 -17.41 2.21
O3' RBF T . -2.11 -17.63 1.94
C4' RBF T . -3.58 -15.97 2.65
O4' RBF T . -3.59 -15.95 4.01
C5' RBF T . -4.79 -15.19 2.51
O5' RBF T . -5.10 -14.38 3.66
N1 FMN U . -11.20 -19.92 23.15
C2 FMN U . -11.40 -18.75 23.77
O2 FMN U . -12.24 -18.65 24.68
N3 FMN U . -10.72 -17.63 23.43
C4 FMN U . -9.77 -17.62 22.44
O4 FMN U . -9.18 -16.59 22.17
C4A FMN U . -9.53 -18.83 21.77
N5 FMN U . -8.63 -18.86 20.82
C5A FMN U . -8.41 -20.04 20.18
C6 FMN U . -7.45 -20.08 19.16
C7 FMN U . -7.18 -21.24 18.47
C7M FMN U . -6.14 -21.25 17.38
C8 FMN U . -7.88 -22.42 18.80
C8M FMN U . -7.60 -23.70 18.06
C9 FMN U . -8.82 -22.40 19.81
C9A FMN U . -9.11 -21.22 20.52
N10 FMN U . -10.06 -21.16 21.53
C10 FMN U . -10.30 -19.97 22.20
C1' FMN U . -10.81 -22.37 21.92
C2' FMN U . -10.13 -23.13 23.04
O2' FMN U . -9.52 -24.31 22.52
C3' FMN U . -11.10 -23.50 24.16
O3' FMN U . -11.72 -22.32 24.67
C4' FMN U . -10.39 -24.22 25.32
O4' FMN U . -10.34 -25.63 25.05
C5' FMN U . -11.00 -23.93 26.67
O5' FMN U . -12.39 -24.34 26.84
P FMN U . -12.78 -25.91 26.97
O1P FMN U . -11.47 -26.21 27.63
O2P FMN U . -12.32 -26.69 25.78
N1 FMN V . -19.74 -8.22 30.59
C2 FMN V . -20.73 -7.61 31.27
O2 FMN V . -21.10 -8.05 32.36
N3 FMN V . -21.35 -6.50 30.80
C4 FMN V . -21.00 -5.92 29.60
O4 FMN V . -21.59 -4.92 29.23
C4A FMN V . -19.97 -6.53 28.86
N5 FMN V . -19.63 -6.00 27.72
C5A FMN V . -18.63 -6.61 27.02
C6 FMN V . -18.24 -6.04 25.78
C7 FMN V . -17.24 -6.60 25.02
C7M FMN V . -16.86 -5.97 23.70
C8 FMN V . -16.58 -7.76 25.49
C8M FMN V . -15.48 -8.38 24.67
C9 FMN V . -16.95 -8.32 26.69
C9A FMN V . -17.96 -7.76 27.48
N10 FMN V . -18.36 -8.31 28.70
C10 FMN V . -19.37 -7.71 29.43
C1' FMN V . -17.69 -9.51 29.22
C2' FMN V . -18.41 -10.80 28.88
O2' FMN V . -19.79 -10.73 29.25
C3' FMN V . -17.76 -11.97 29.61
O3' FMN V . -16.58 -12.37 28.93
C4' FMN V . -18.68 -13.17 29.82
O4' FMN V . -19.72 -12.81 30.74
C5' FMN V . -17.94 -14.38 30.35
O5' FMN V . -18.87 -15.49 30.48
P FMN V . -19.46 -15.85 31.93
O1P FMN V . -20.31 -17.06 31.72
O2P FMN V . -18.30 -15.91 32.85
#